data_1B1C
# 
_entry.id   1B1C 
# 
_audit_conform.dict_name       mmcif_pdbx.dic 
_audit_conform.dict_version    5.383 
_audit_conform.dict_location   http://mmcif.pdb.org/dictionaries/ascii/mmcif_pdbx.dic 
# 
loop_
_database_2.database_id 
_database_2.database_code 
_database_2.pdbx_database_accession 
_database_2.pdbx_DOI 
PDB   1B1C         pdb_00001b1c 10.2210/pdb1b1c/pdb 
RCSB  RCSB000114   ?            ?                   
WWPDB D_1000000114 ?            ?                   
# 
loop_
_pdbx_audit_revision_history.ordinal 
_pdbx_audit_revision_history.data_content_type 
_pdbx_audit_revision_history.major_revision 
_pdbx_audit_revision_history.minor_revision 
_pdbx_audit_revision_history.revision_date 
1 'Structure model' 1 0 1999-11-24 
2 'Structure model' 1 1 2008-04-26 
3 'Structure model' 1 2 2011-07-13 
4 'Structure model' 1 3 2017-10-04 
5 'Structure model' 1 4 2023-12-27 
# 
_pdbx_audit_revision_details.ordinal             1 
_pdbx_audit_revision_details.revision_ordinal    1 
_pdbx_audit_revision_details.data_content_type   'Structure model' 
_pdbx_audit_revision_details.provider            repository 
_pdbx_audit_revision_details.type                'Initial release' 
_pdbx_audit_revision_details.description         ? 
_pdbx_audit_revision_details.details             ? 
# 
loop_
_pdbx_audit_revision_group.ordinal 
_pdbx_audit_revision_group.revision_ordinal 
_pdbx_audit_revision_group.data_content_type 
_pdbx_audit_revision_group.group 
1 2 'Structure model' 'Version format compliance' 
2 3 'Structure model' 'Version format compliance' 
3 4 'Structure model' 'Refinement description'    
4 5 'Structure model' 'Data collection'           
5 5 'Structure model' 'Database references'       
6 5 'Structure model' 'Derived calculations'      
# 
loop_
_pdbx_audit_revision_category.ordinal 
_pdbx_audit_revision_category.revision_ordinal 
_pdbx_audit_revision_category.data_content_type 
_pdbx_audit_revision_category.category 
1 4 'Structure model' software               
2 5 'Structure model' chem_comp_atom         
3 5 'Structure model' chem_comp_bond         
4 5 'Structure model' database_2             
5 5 'Structure model' pdbx_struct_conn_angle 
6 5 'Structure model' struct_conn            
7 5 'Structure model' struct_site            
# 
loop_
_pdbx_audit_revision_item.ordinal 
_pdbx_audit_revision_item.revision_ordinal 
_pdbx_audit_revision_item.data_content_type 
_pdbx_audit_revision_item.item 
1  4 'Structure model' '_software.name'                              
2  5 'Structure model' '_database_2.pdbx_DOI'                        
3  5 'Structure model' '_database_2.pdbx_database_accession'         
4  5 'Structure model' '_pdbx_struct_conn_angle.ptnr1_auth_comp_id'  
5  5 'Structure model' '_pdbx_struct_conn_angle.ptnr1_auth_seq_id'   
6  5 'Structure model' '_pdbx_struct_conn_angle.ptnr1_label_asym_id' 
7  5 'Structure model' '_pdbx_struct_conn_angle.ptnr1_label_atom_id' 
8  5 'Structure model' '_pdbx_struct_conn_angle.ptnr1_label_comp_id' 
9  5 'Structure model' '_pdbx_struct_conn_angle.ptnr1_label_seq_id'  
10 5 'Structure model' '_pdbx_struct_conn_angle.ptnr1_symmetry'      
11 5 'Structure model' '_pdbx_struct_conn_angle.ptnr3_auth_comp_id'  
12 5 'Structure model' '_pdbx_struct_conn_angle.ptnr3_auth_seq_id'   
13 5 'Structure model' '_pdbx_struct_conn_angle.ptnr3_label_asym_id' 
14 5 'Structure model' '_pdbx_struct_conn_angle.ptnr3_label_atom_id' 
15 5 'Structure model' '_pdbx_struct_conn_angle.ptnr3_label_comp_id' 
16 5 'Structure model' '_pdbx_struct_conn_angle.ptnr3_label_seq_id'  
17 5 'Structure model' '_pdbx_struct_conn_angle.ptnr3_symmetry'      
18 5 'Structure model' '_pdbx_struct_conn_angle.value'               
19 5 'Structure model' '_struct_conn.pdbx_dist_value'                
20 5 'Structure model' '_struct_conn.ptnr1_auth_comp_id'             
21 5 'Structure model' '_struct_conn.ptnr1_auth_seq_id'              
22 5 'Structure model' '_struct_conn.ptnr1_label_asym_id'            
23 5 'Structure model' '_struct_conn.ptnr1_label_atom_id'            
24 5 'Structure model' '_struct_conn.ptnr1_label_comp_id'            
25 5 'Structure model' '_struct_conn.ptnr1_label_seq_id'             
26 5 'Structure model' '_struct_conn.ptnr1_symmetry'                 
27 5 'Structure model' '_struct_conn.ptnr2_auth_comp_id'             
28 5 'Structure model' '_struct_conn.ptnr2_auth_seq_id'              
29 5 'Structure model' '_struct_conn.ptnr2_label_asym_id'            
30 5 'Structure model' '_struct_conn.ptnr2_label_atom_id'            
31 5 'Structure model' '_struct_conn.ptnr2_label_comp_id'            
32 5 'Structure model' '_struct_conn.ptnr2_label_seq_id'             
33 5 'Structure model' '_struct_conn.ptnr2_symmetry'                 
34 5 'Structure model' '_struct_site.pdbx_auth_asym_id'              
35 5 'Structure model' '_struct_site.pdbx_auth_comp_id'              
36 5 'Structure model' '_struct_site.pdbx_auth_seq_id'               
# 
_pdbx_database_status.status_code                     REL 
_pdbx_database_status.entry_id                        1B1C 
_pdbx_database_status.recvd_initial_deposition_date   1998-11-19 
_pdbx_database_status.deposit_site                    PDBE 
_pdbx_database_status.process_site                    RCSB 
_pdbx_database_status.status_code_sf                  REL 
_pdbx_database_status.SG_entry                        . 
_pdbx_database_status.pdb_format_compatible           Y 
_pdbx_database_status.status_code_mr                  ? 
_pdbx_database_status.status_code_cs                  ? 
_pdbx_database_status.methods_development_category    ? 
_pdbx_database_status.status_code_nmr_data            ? 
# 
loop_
_audit_author.name 
_audit_author.pdbx_ordinal 
'Zhao, Q.'         1  
'Modi, S.'         2  
'Smith, G.'        3  
'Paine, M.'        4  
'Mcdonagh, P.D.'   5  
'Wolf, C.R.'       6  
'Tew, D.'          7  
'Lian, L.-Y.'      8  
'Roberts, G.C.K.'  9  
'Driessen, H.P.C.' 10 
# 
loop_
_citation.id 
_citation.title 
_citation.journal_abbrev 
_citation.journal_volume 
_citation.page_first 
_citation.page_last 
_citation.year 
_citation.journal_id_ASTM 
_citation.country 
_citation.journal_id_ISSN 
_citation.journal_id_CSD 
_citation.book_publisher 
_citation.pdbx_database_id_PubMed 
_citation.pdbx_database_id_DOI 
primary 'Crystal structure of the FMN-binding domain of human cytochrome P450 reductase at 1.93 A resolution.' 'Protein Sci.' 8   
298 306 1999 PRCIEI US 0961-8368 0795 ? 10048323 ? 
1       'Crystallization and Preliminary X-Ray Diffraction Studies of Human Cytochrome P450 Reductase'         J.Struct.Biol. 116 
320 325 1996 JSBIEM US 1047-8477 0803 ? ?        ? 
# 
loop_
_citation_author.citation_id 
_citation_author.name 
_citation_author.ordinal 
_citation_author.identifier_ORCID 
primary 'Zhao, Q.'       1  ? 
primary 'Modi, S.'       2  ? 
primary 'Smith, G.'      3  ? 
primary 'Paine, M.'      4  ? 
primary 'McDonagh, P.D.' 5  ? 
primary 'Wolf, C.R.'     6  ? 
primary 'Tew, D.'        7  ? 
primary 'Lian, L.Y.'     8  ? 
primary 'Roberts, G.C.'  9  ? 
primary 'Driessen, H.P.' 10 ? 
1       'Zhao, Q.'       11 ? 
1       'Smith, G.'      12 ? 
1       'Modi, S.'       13 ? 
1       'Paine, M.'      14 ? 
1       'Wolf, R.C.'     15 ? 
1       'Tew, D.'        16 ? 
1       'Lian, L.Y.'     17 ? 
1       'Primrose, W.U.' 18 ? 
1       'Roberts, G.C.'  19 ? 
1       'Driessen, H.P.' 20 ? 
# 
loop_
_entity.id 
_entity.type 
_entity.src_method 
_entity.pdbx_description 
_entity.formula_weight 
_entity.pdbx_number_of_molecules 
_entity.pdbx_ec 
_entity.pdbx_mutation 
_entity.pdbx_fragment 
_entity.details 
1 polymer     nat 'PROTEIN (NADPH-CYTOCHROME P450 REDUCTASE)' 20380.314 1  1.6.2.4 ? 'FMN-BINDING DOMAIN' ? 
2 non-polymer syn 'CALCIUM ION'                               40.078    1  ?       ? ?                    ? 
3 non-polymer syn 'FLAVIN MONONUCLEOTIDE'                     456.344   1  ?       ? ?                    ? 
4 water       nat water                                       18.015    61 ?       ? ?                    ? 
# 
_entity_name_com.entity_id   1 
_entity_name_com.name        P450R-FMN 
# 
_entity_poly.entity_id                      1 
_entity_poly.type                           'polypeptide(L)' 
_entity_poly.nstd_linkage                   no 
_entity_poly.nstd_monomer                   no 
_entity_poly.pdbx_seq_one_letter_code       
;TSSVRESSFVEKMKKTGRNIIVFYGSQTGTAEEFANRLSKDAHRYGMRGMSADPEEYDLADLSSLPEIDNALVVFCMATY
GEGDPTDNAQDFYDWLQETDVDLSGVKFAVFGLGNKTYEHFNAMGKYVDKRLEQLGAQRIFELGLGDDDGNLEEDFITWR
EQFWPAVCEHFGVEATGEESS
;
_entity_poly.pdbx_seq_one_letter_code_can   
;TSSVRESSFVEKMKKTGRNIIVFYGSQTGTAEEFANRLSKDAHRYGMRGMSADPEEYDLADLSSLPEIDNALVVFCMATY
GEGDPTDNAQDFYDWLQETDVDLSGVKFAVFGLGNKTYEHFNAMGKYVDKRLEQLGAQRIFELGLGDDDGNLEEDFITWR
EQFWPAVCEHFGVEATGEESS
;
_entity_poly.pdbx_strand_id                 A 
_entity_poly.pdbx_target_identifier         ? 
# 
loop_
_pdbx_entity_nonpoly.entity_id 
_pdbx_entity_nonpoly.name 
_pdbx_entity_nonpoly.comp_id 
2 'CALCIUM ION'           CA  
3 'FLAVIN MONONUCLEOTIDE' FMN 
4 water                   HOH 
# 
loop_
_entity_poly_seq.entity_id 
_entity_poly_seq.num 
_entity_poly_seq.mon_id 
_entity_poly_seq.hetero 
1 1   THR n 
1 2   SER n 
1 3   SER n 
1 4   VAL n 
1 5   ARG n 
1 6   GLU n 
1 7   SER n 
1 8   SER n 
1 9   PHE n 
1 10  VAL n 
1 11  GLU n 
1 12  LYS n 
1 13  MET n 
1 14  LYS n 
1 15  LYS n 
1 16  THR n 
1 17  GLY n 
1 18  ARG n 
1 19  ASN n 
1 20  ILE n 
1 21  ILE n 
1 22  VAL n 
1 23  PHE n 
1 24  TYR n 
1 25  GLY n 
1 26  SER n 
1 27  GLN n 
1 28  THR n 
1 29  GLY n 
1 30  THR n 
1 31  ALA n 
1 32  GLU n 
1 33  GLU n 
1 34  PHE n 
1 35  ALA n 
1 36  ASN n 
1 37  ARG n 
1 38  LEU n 
1 39  SER n 
1 40  LYS n 
1 41  ASP n 
1 42  ALA n 
1 43  HIS n 
1 44  ARG n 
1 45  TYR n 
1 46  GLY n 
1 47  MET n 
1 48  ARG n 
1 49  GLY n 
1 50  MET n 
1 51  SER n 
1 52  ALA n 
1 53  ASP n 
1 54  PRO n 
1 55  GLU n 
1 56  GLU n 
1 57  TYR n 
1 58  ASP n 
1 59  LEU n 
1 60  ALA n 
1 61  ASP n 
1 62  LEU n 
1 63  SER n 
1 64  SER n 
1 65  LEU n 
1 66  PRO n 
1 67  GLU n 
1 68  ILE n 
1 69  ASP n 
1 70  ASN n 
1 71  ALA n 
1 72  LEU n 
1 73  VAL n 
1 74  VAL n 
1 75  PHE n 
1 76  CYS n 
1 77  MET n 
1 78  ALA n 
1 79  THR n 
1 80  TYR n 
1 81  GLY n 
1 82  GLU n 
1 83  GLY n 
1 84  ASP n 
1 85  PRO n 
1 86  THR n 
1 87  ASP n 
1 88  ASN n 
1 89  ALA n 
1 90  GLN n 
1 91  ASP n 
1 92  PHE n 
1 93  TYR n 
1 94  ASP n 
1 95  TRP n 
1 96  LEU n 
1 97  GLN n 
1 98  GLU n 
1 99  THR n 
1 100 ASP n 
1 101 VAL n 
1 102 ASP n 
1 103 LEU n 
1 104 SER n 
1 105 GLY n 
1 106 VAL n 
1 107 LYS n 
1 108 PHE n 
1 109 ALA n 
1 110 VAL n 
1 111 PHE n 
1 112 GLY n 
1 113 LEU n 
1 114 GLY n 
1 115 ASN n 
1 116 LYS n 
1 117 THR n 
1 118 TYR n 
1 119 GLU n 
1 120 HIS n 
1 121 PHE n 
1 122 ASN n 
1 123 ALA n 
1 124 MET n 
1 125 GLY n 
1 126 LYS n 
1 127 TYR n 
1 128 VAL n 
1 129 ASP n 
1 130 LYS n 
1 131 ARG n 
1 132 LEU n 
1 133 GLU n 
1 134 GLN n 
1 135 LEU n 
1 136 GLY n 
1 137 ALA n 
1 138 GLN n 
1 139 ARG n 
1 140 ILE n 
1 141 PHE n 
1 142 GLU n 
1 143 LEU n 
1 144 GLY n 
1 145 LEU n 
1 146 GLY n 
1 147 ASP n 
1 148 ASP n 
1 149 ASP n 
1 150 GLY n 
1 151 ASN n 
1 152 LEU n 
1 153 GLU n 
1 154 GLU n 
1 155 ASP n 
1 156 PHE n 
1 157 ILE n 
1 158 THR n 
1 159 TRP n 
1 160 ARG n 
1 161 GLU n 
1 162 GLN n 
1 163 PHE n 
1 164 TRP n 
1 165 PRO n 
1 166 ALA n 
1 167 VAL n 
1 168 CYS n 
1 169 GLU n 
1 170 HIS n 
1 171 PHE n 
1 172 GLY n 
1 173 VAL n 
1 174 GLU n 
1 175 ALA n 
1 176 THR n 
1 177 GLY n 
1 178 GLU n 
1 179 GLU n 
1 180 SER n 
1 181 SER n 
# 
_entity_src_nat.entity_id                  1 
_entity_src_nat.pdbx_src_id                1 
_entity_src_nat.pdbx_alt_source_flag       sample 
_entity_src_nat.pdbx_beg_seq_num           ? 
_entity_src_nat.pdbx_end_seq_num           ? 
_entity_src_nat.common_name                human 
_entity_src_nat.pdbx_organism_scientific   'Homo sapiens' 
_entity_src_nat.pdbx_ncbi_taxonomy_id      9606 
_entity_src_nat.genus                      Homo 
_entity_src_nat.species                    ? 
_entity_src_nat.strain                     ? 
_entity_src_nat.tissue                     ? 
_entity_src_nat.tissue_fraction            ? 
_entity_src_nat.pdbx_secretion             ? 
_entity_src_nat.pdbx_fragment              ? 
_entity_src_nat.pdbx_variant               ? 
_entity_src_nat.pdbx_cell_line             ? 
_entity_src_nat.pdbx_atcc                  ? 
_entity_src_nat.pdbx_cellular_location     ? 
_entity_src_nat.pdbx_organ                 ? 
_entity_src_nat.pdbx_organelle             ? 
_entity_src_nat.pdbx_cell                  ? 
_entity_src_nat.pdbx_plasmid_name          'PMP CLONED INTO PET15B' 
_entity_src_nat.pdbx_plasmid_details       ? 
_entity_src_nat.details                    ? 
# 
loop_
_chem_comp.id 
_chem_comp.type 
_chem_comp.mon_nstd_flag 
_chem_comp.name 
_chem_comp.pdbx_synonyms 
_chem_comp.formula 
_chem_comp.formula_weight 
ALA 'L-peptide linking' y ALANINE                 ?                          'C3 H7 N O2'      89.093  
ARG 'L-peptide linking' y ARGININE                ?                          'C6 H15 N4 O2 1'  175.209 
ASN 'L-peptide linking' y ASPARAGINE              ?                          'C4 H8 N2 O3'     132.118 
ASP 'L-peptide linking' y 'ASPARTIC ACID'         ?                          'C4 H7 N O4'      133.103 
CA  non-polymer         . 'CALCIUM ION'           ?                          'Ca 2'            40.078  
CYS 'L-peptide linking' y CYSTEINE                ?                          'C3 H7 N O2 S'    121.158 
FMN non-polymer         . 'FLAVIN MONONUCLEOTIDE' 'RIBOFLAVIN MONOPHOSPHATE' 'C17 H21 N4 O9 P' 456.344 
GLN 'L-peptide linking' y GLUTAMINE               ?                          'C5 H10 N2 O3'    146.144 
GLU 'L-peptide linking' y 'GLUTAMIC ACID'         ?                          'C5 H9 N O4'      147.129 
GLY 'peptide linking'   y GLYCINE                 ?                          'C2 H5 N O2'      75.067  
HIS 'L-peptide linking' y HISTIDINE               ?                          'C6 H10 N3 O2 1'  156.162 
HOH non-polymer         . WATER                   ?                          'H2 O'            18.015  
ILE 'L-peptide linking' y ISOLEUCINE              ?                          'C6 H13 N O2'     131.173 
LEU 'L-peptide linking' y LEUCINE                 ?                          'C6 H13 N O2'     131.173 
LYS 'L-peptide linking' y LYSINE                  ?                          'C6 H15 N2 O2 1'  147.195 
MET 'L-peptide linking' y METHIONINE              ?                          'C5 H11 N O2 S'   149.211 
PHE 'L-peptide linking' y PHENYLALANINE           ?                          'C9 H11 N O2'     165.189 
PRO 'L-peptide linking' y PROLINE                 ?                          'C5 H9 N O2'      115.130 
SER 'L-peptide linking' y SERINE                  ?                          'C3 H7 N O3'      105.093 
THR 'L-peptide linking' y THREONINE               ?                          'C4 H9 N O3'      119.119 
TRP 'L-peptide linking' y TRYPTOPHAN              ?                          'C11 H12 N2 O2'   204.225 
TYR 'L-peptide linking' y TYROSINE                ?                          'C9 H11 N O3'     181.189 
VAL 'L-peptide linking' y VALINE                  ?                          'C5 H11 N O2'     117.146 
# 
loop_
_pdbx_poly_seq_scheme.asym_id 
_pdbx_poly_seq_scheme.entity_id 
_pdbx_poly_seq_scheme.seq_id 
_pdbx_poly_seq_scheme.mon_id 
_pdbx_poly_seq_scheme.ndb_seq_num 
_pdbx_poly_seq_scheme.pdb_seq_num 
_pdbx_poly_seq_scheme.auth_seq_num 
_pdbx_poly_seq_scheme.pdb_mon_id 
_pdbx_poly_seq_scheme.auth_mon_id 
_pdbx_poly_seq_scheme.pdb_strand_id 
_pdbx_poly_seq_scheme.pdb_ins_code 
_pdbx_poly_seq_scheme.hetero 
A 1 1   THR 1   1   ?   ?   ?   A . n 
A 1 2   SER 2   2   ?   ?   ?   A . n 
A 1 3   SER 3   3   ?   ?   ?   A . n 
A 1 4   VAL 4   4   ?   ?   ?   A . n 
A 1 5   ARG 5   5   ?   ?   ?   A . n 
A 1 6   GLU 6   6   ?   ?   ?   A . n 
A 1 7   SER 7   7   7   SER SER A . n 
A 1 8   SER 8   8   8   SER SER A . n 
A 1 9   PHE 9   9   9   PHE PHE A . n 
A 1 10  VAL 10  10  10  VAL VAL A . n 
A 1 11  GLU 11  11  11  GLU GLU A . n 
A 1 12  LYS 12  12  12  LYS LYS A . n 
A 1 13  MET 13  13  13  MET MET A . n 
A 1 14  LYS 14  14  14  LYS LYS A . n 
A 1 15  LYS 15  15  15  LYS LYS A . n 
A 1 16  THR 16  16  16  THR THR A . n 
A 1 17  GLY 17  17  17  GLY GLY A . n 
A 1 18  ARG 18  18  18  ARG ARG A . n 
A 1 19  ASN 19  19  19  ASN ASN A . n 
A 1 20  ILE 20  20  20  ILE ILE A . n 
A 1 21  ILE 21  21  21  ILE ILE A . n 
A 1 22  VAL 22  22  22  VAL VAL A . n 
A 1 23  PHE 23  23  23  PHE PHE A . n 
A 1 24  TYR 24  24  24  TYR TYR A . n 
A 1 25  GLY 25  25  25  GLY GLY A . n 
A 1 26  SER 26  26  26  SER SER A . n 
A 1 27  GLN 27  27  27  GLN GLN A . n 
A 1 28  THR 28  28  28  THR THR A . n 
A 1 29  GLY 29  29  29  GLY GLY A . n 
A 1 30  THR 30  30  30  THR THR A . n 
A 1 31  ALA 31  31  31  ALA ALA A . n 
A 1 32  GLU 32  32  32  GLU GLU A . n 
A 1 33  GLU 33  33  33  GLU GLU A . n 
A 1 34  PHE 34  34  34  PHE PHE A . n 
A 1 35  ALA 35  35  35  ALA ALA A . n 
A 1 36  ASN 36  36  36  ASN ASN A . n 
A 1 37  ARG 37  37  37  ARG ARG A . n 
A 1 38  LEU 38  38  38  LEU LEU A . n 
A 1 39  SER 39  39  39  SER SER A . n 
A 1 40  LYS 40  40  40  LYS LYS A . n 
A 1 41  ASP 41  41  41  ASP ASP A . n 
A 1 42  ALA 42  42  42  ALA ALA A . n 
A 1 43  HIS 43  43  43  HIS HIS A . n 
A 1 44  ARG 44  44  44  ARG ARG A . n 
A 1 45  TYR 45  45  45  TYR TYR A . n 
A 1 46  GLY 46  46  46  GLY GLY A . n 
A 1 47  MET 47  47  47  MET MET A . n 
A 1 48  ARG 48  48  48  ARG ARG A . n 
A 1 49  GLY 49  49  49  GLY GLY A . n 
A 1 50  MET 50  50  50  MET MET A . n 
A 1 51  SER 51  51  51  SER SER A . n 
A 1 52  ALA 52  52  52  ALA ALA A . n 
A 1 53  ASP 53  53  53  ASP ASP A . n 
A 1 54  PRO 54  54  54  PRO PRO A . n 
A 1 55  GLU 55  55  55  GLU GLU A . n 
A 1 56  GLU 56  56  56  GLU GLU A . n 
A 1 57  TYR 57  57  57  TYR TYR A . n 
A 1 58  ASP 58  58  58  ASP ASP A . n 
A 1 59  LEU 59  59  59  LEU LEU A . n 
A 1 60  ALA 60  60  60  ALA ALA A . n 
A 1 61  ASP 61  61  61  ASP ASP A . n 
A 1 62  LEU 62  62  62  LEU LEU A . n 
A 1 63  SER 63  63  63  SER SER A . n 
A 1 64  SER 64  64  64  SER SER A . n 
A 1 65  LEU 65  65  65  LEU LEU A . n 
A 1 66  PRO 66  66  66  PRO PRO A . n 
A 1 67  GLU 67  67  67  GLU GLU A . n 
A 1 68  ILE 68  68  68  ILE ILE A . n 
A 1 69  ASP 69  69  69  ASP ASP A . n 
A 1 70  ASN 70  70  70  ASN ASN A . n 
A 1 71  ALA 71  71  71  ALA ALA A . n 
A 1 72  LEU 72  72  72  LEU LEU A . n 
A 1 73  VAL 73  73  73  VAL VAL A . n 
A 1 74  VAL 74  74  74  VAL VAL A . n 
A 1 75  PHE 75  75  75  PHE PHE A . n 
A 1 76  CYS 76  76  76  CYS CYS A . n 
A 1 77  MET 77  77  77  MET MET A . n 
A 1 78  ALA 78  78  78  ALA ALA A . n 
A 1 79  THR 79  79  79  THR THR A . n 
A 1 80  TYR 80  80  80  TYR TYR A . n 
A 1 81  GLY 81  81  81  GLY GLY A . n 
A 1 82  GLU 82  82  82  GLU GLU A . n 
A 1 83  GLY 83  83  83  GLY GLY A . n 
A 1 84  ASP 84  84  84  ASP ASP A . n 
A 1 85  PRO 85  85  85  PRO PRO A . n 
A 1 86  THR 86  86  86  THR THR A . n 
A 1 87  ASP 87  87  87  ASP ASP A . n 
A 1 88  ASN 88  88  88  ASN ASN A . n 
A 1 89  ALA 89  89  89  ALA ALA A . n 
A 1 90  GLN 90  90  90  GLN GLN A . n 
A 1 91  ASP 91  91  91  ASP ASP A . n 
A 1 92  PHE 92  92  92  PHE PHE A . n 
A 1 93  TYR 93  93  93  TYR TYR A . n 
A 1 94  ASP 94  94  94  ASP ASP A . n 
A 1 95  TRP 95  95  95  TRP TRP A . n 
A 1 96  LEU 96  96  96  LEU LEU A . n 
A 1 97  GLN 97  97  97  GLN GLN A . n 
A 1 98  GLU 98  98  98  GLU GLU A . n 
A 1 99  THR 99  99  99  THR THR A . n 
A 1 100 ASP 100 100 100 ASP ASP A . n 
A 1 101 VAL 101 101 101 VAL VAL A . n 
A 1 102 ASP 102 102 102 ASP ASP A . n 
A 1 103 LEU 103 103 103 LEU LEU A . n 
A 1 104 SER 104 104 104 SER SER A . n 
A 1 105 GLY 105 105 105 GLY GLY A . n 
A 1 106 VAL 106 106 106 VAL VAL A . n 
A 1 107 LYS 107 107 107 LYS LYS A . n 
A 1 108 PHE 108 108 108 PHE PHE A . n 
A 1 109 ALA 109 109 109 ALA ALA A . n 
A 1 110 VAL 110 110 110 VAL VAL A . n 
A 1 111 PHE 111 111 111 PHE PHE A . n 
A 1 112 GLY 112 112 112 GLY GLY A . n 
A 1 113 LEU 113 113 113 LEU LEU A . n 
A 1 114 GLY 114 114 114 GLY GLY A . n 
A 1 115 ASN 115 115 115 ASN ASN A . n 
A 1 116 LYS 116 116 116 LYS LYS A . n 
A 1 117 THR 117 117 117 THR THR A . n 
A 1 118 TYR 118 118 118 TYR TYR A . n 
A 1 119 GLU 119 119 119 GLU GLU A . n 
A 1 120 HIS 120 120 120 HIS HIS A . n 
A 1 121 PHE 121 121 121 PHE PHE A . n 
A 1 122 ASN 122 122 122 ASN ASN A . n 
A 1 123 ALA 123 123 123 ALA ALA A . n 
A 1 124 MET 124 124 124 MET MET A . n 
A 1 125 GLY 125 125 125 GLY GLY A . n 
A 1 126 LYS 126 126 126 LYS LYS A . n 
A 1 127 TYR 127 127 127 TYR TYR A . n 
A 1 128 VAL 128 128 128 VAL VAL A . n 
A 1 129 ASP 129 129 129 ASP ASP A . n 
A 1 130 LYS 130 130 130 LYS LYS A . n 
A 1 131 ARG 131 131 131 ARG ARG A . n 
A 1 132 LEU 132 132 132 LEU LEU A . n 
A 1 133 GLU 133 133 133 GLU GLU A . n 
A 1 134 GLN 134 134 134 GLN GLN A . n 
A 1 135 LEU 135 135 135 LEU LEU A . n 
A 1 136 GLY 136 136 136 GLY GLY A . n 
A 1 137 ALA 137 137 137 ALA ALA A . n 
A 1 138 GLN 138 138 138 GLN GLN A . n 
A 1 139 ARG 139 139 139 ARG ARG A . n 
A 1 140 ILE 140 140 140 ILE ILE A . n 
A 1 141 PHE 141 141 141 PHE PHE A . n 
A 1 142 GLU 142 142 142 GLU GLU A . n 
A 1 143 LEU 143 143 143 LEU LEU A . n 
A 1 144 GLY 144 144 144 GLY GLY A . n 
A 1 145 LEU 145 145 145 LEU LEU A . n 
A 1 146 GLY 146 146 146 GLY GLY A . n 
A 1 147 ASP 147 147 147 ASP ASP A . n 
A 1 148 ASP 148 148 148 ASP ASP A . n 
A 1 149 ASP 149 149 149 ASP ASP A . n 
A 1 150 GLY 150 150 150 GLY GLY A . n 
A 1 151 ASN 151 151 151 ASN ASN A . n 
A 1 152 LEU 152 152 152 LEU LEU A . n 
A 1 153 GLU 153 153 153 GLU GLU A . n 
A 1 154 GLU 154 154 154 GLU GLU A . n 
A 1 155 ASP 155 155 155 ASP ASP A . n 
A 1 156 PHE 156 156 156 PHE PHE A . n 
A 1 157 ILE 157 157 157 ILE ILE A . n 
A 1 158 THR 158 158 158 THR THR A . n 
A 1 159 TRP 159 159 159 TRP TRP A . n 
A 1 160 ARG 160 160 160 ARG ARG A . n 
A 1 161 GLU 161 161 161 GLU GLU A . n 
A 1 162 GLN 162 162 162 GLN GLN A . n 
A 1 163 PHE 163 163 163 PHE PHE A . n 
A 1 164 TRP 164 164 164 TRP TRP A . n 
A 1 165 PRO 165 165 165 PRO PRO A . n 
A 1 166 ALA 166 166 166 ALA ALA A . n 
A 1 167 VAL 167 167 167 VAL VAL A . n 
A 1 168 CYS 168 168 168 CYS CYS A . n 
A 1 169 GLU 169 169 169 GLU GLU A . n 
A 1 170 HIS 170 170 170 HIS HIS A . n 
A 1 171 PHE 171 171 171 PHE PHE A . n 
A 1 172 GLY 172 172 172 GLY GLY A . n 
A 1 173 VAL 173 173 ?   ?   ?   A . n 
A 1 174 GLU 174 174 ?   ?   ?   A . n 
A 1 175 ALA 175 175 ?   ?   ?   A . n 
A 1 176 THR 176 176 ?   ?   ?   A . n 
A 1 177 GLY 177 177 ?   ?   ?   A . n 
A 1 178 GLU 178 178 ?   ?   ?   A . n 
A 1 179 GLU 179 179 ?   ?   ?   A . n 
A 1 180 SER 180 180 ?   ?   ?   A . n 
A 1 181 SER 181 181 ?   ?   ?   A . n 
# 
loop_
_pdbx_nonpoly_scheme.asym_id 
_pdbx_nonpoly_scheme.entity_id 
_pdbx_nonpoly_scheme.mon_id 
_pdbx_nonpoly_scheme.ndb_seq_num 
_pdbx_nonpoly_scheme.pdb_seq_num 
_pdbx_nonpoly_scheme.auth_seq_num 
_pdbx_nonpoly_scheme.pdb_mon_id 
_pdbx_nonpoly_scheme.auth_mon_id 
_pdbx_nonpoly_scheme.pdb_strand_id 
_pdbx_nonpoly_scheme.pdb_ins_code 
B 2 CA  1  200 200 CA  CA  A . 
C 3 FMN 1  190 190 FMN FMN A . 
D 4 HOH 1  201 201 HOH HOH A . 
D 4 HOH 2  202 202 HOH HOH A . 
D 4 HOH 3  203 203 HOH HOH A . 
D 4 HOH 4  204 204 HOH HOH A . 
D 4 HOH 5  205 205 HOH HOH A . 
D 4 HOH 6  206 206 HOH HOH A . 
D 4 HOH 7  207 207 HOH HOH A . 
D 4 HOH 8  208 208 HOH HOH A . 
D 4 HOH 9  209 209 HOH HOH A . 
D 4 HOH 10 210 210 HOH HOH A . 
D 4 HOH 11 211 211 HOH HOH A . 
D 4 HOH 12 212 212 HOH HOH A . 
D 4 HOH 13 213 213 HOH HOH A . 
D 4 HOH 14 214 214 HOH HOH A . 
D 4 HOH 15 215 215 HOH HOH A . 
D 4 HOH 16 216 216 HOH HOH A . 
D 4 HOH 17 217 217 HOH HOH A . 
D 4 HOH 18 218 218 HOH HOH A . 
D 4 HOH 19 219 219 HOH HOH A . 
D 4 HOH 20 220 220 HOH HOH A . 
D 4 HOH 21 221 221 HOH HOH A . 
D 4 HOH 22 222 222 HOH HOH A . 
D 4 HOH 23 223 223 HOH HOH A . 
D 4 HOH 24 224 224 HOH HOH A . 
D 4 HOH 25 225 225 HOH HOH A . 
D 4 HOH 26 228 228 HOH HOH A . 
D 4 HOH 27 232 232 HOH HOH A . 
D 4 HOH 28 233 233 HOH HOH A . 
D 4 HOH 29 234 234 HOH HOH A . 
D 4 HOH 30 235 235 HOH HOH A . 
D 4 HOH 31 236 236 HOH HOH A . 
D 4 HOH 32 237 237 HOH HOH A . 
D 4 HOH 33 238 238 HOH HOH A . 
D 4 HOH 34 239 239 HOH HOH A . 
D 4 HOH 35 240 240 HOH HOH A . 
D 4 HOH 36 241 241 HOH HOH A . 
D 4 HOH 37 243 243 HOH HOH A . 
D 4 HOH 38 246 246 HOH HOH A . 
D 4 HOH 39 247 247 HOH HOH A . 
D 4 HOH 40 248 248 HOH HOH A . 
D 4 HOH 41 249 249 HOH HOH A . 
D 4 HOH 42 250 250 HOH HOH A . 
D 4 HOH 43 251 251 HOH HOH A . 
D 4 HOH 44 260 260 HOH HOH A . 
D 4 HOH 45 261 261 HOH HOH A . 
D 4 HOH 46 263 263 HOH HOH A . 
D 4 HOH 47 265 265 HOH HOH A . 
D 4 HOH 48 266 266 HOH HOH A . 
D 4 HOH 49 267 267 HOH HOH A . 
D 4 HOH 50 268 268 HOH HOH A . 
D 4 HOH 51 269 269 HOH HOH A . 
D 4 HOH 52 270 270 HOH HOH A . 
D 4 HOH 53 273 273 HOH HOH A . 
D 4 HOH 54 275 275 HOH HOH A . 
D 4 HOH 55 278 278 HOH HOH A . 
D 4 HOH 56 279 279 HOH HOH A . 
D 4 HOH 57 280 280 HOH HOH A . 
D 4 HOH 58 281 281 HOH HOH A . 
D 4 HOH 59 282 282 HOH HOH A . 
D 4 HOH 60 283 283 HOH HOH A . 
D 4 HOH 61 284 284 HOH HOH A . 
# 
loop_
_software.name 
_software.classification 
_software.version 
_software.citation_id 
_software.pdbx_ordinal 
RSPS     'model building' .           ? 1 
VECREF   'model building' .           ? 2 
X-PLOR   refinement       3.1         ? 3 
DENZO    'data reduction' .           ? 4 
CCP4     'data scaling'   '(AGROVATA' ? 5 
ROTAVATA 'data scaling'   .           ? 6 
TRUNCATE 'data scaling'   .           ? 7 
RSPS     phasing          .           ? 8 
VECREF   phasing          .           ? 9 
# 
_cell.entry_id           1B1C 
_cell.length_a           39.310 
_cell.length_b           51.440 
_cell.length_c           47.600 
_cell.angle_alpha        90.00 
_cell.angle_beta         105.93 
_cell.angle_gamma        90.00 
_cell.Z_PDB              2 
_cell.pdbx_unique_axis   ? 
# 
_symmetry.entry_id                         1B1C 
_symmetry.space_group_name_H-M             'P 1 21 1' 
_symmetry.pdbx_full_space_group_name_H-M   ? 
_symmetry.cell_setting                     ? 
_symmetry.Int_Tables_number                4 
# 
_exptl.entry_id          1B1C 
_exptl.method            'X-RAY DIFFRACTION' 
_exptl.crystals_number   1 
# 
_exptl_crystal.id                    1 
_exptl_crystal.density_meas          ? 
_exptl_crystal.density_Matthews      2.27 
_exptl_crystal.density_percent_sol   45.82 
_exptl_crystal.description           ? 
# 
_exptl_crystal_grow.crystal_id      1 
_exptl_crystal_grow.method          ? 
_exptl_crystal_grow.temp            ? 
_exptl_crystal_grow.temp_details    ? 
_exptl_crystal_grow.pH              7.0 
_exptl_crystal_grow.pdbx_details    
;18-20% (W/V) PEG400,  
100 MM HEPES (PH6.8-7.2),  
200 MM CACL2  
4 DEGREES C, pH 7.0
;
_exptl_crystal_grow.pdbx_pH_range   ? 
# 
_diffrn.id                     1 
_diffrn.ambient_temp           287.0 
_diffrn.ambient_temp_details   ? 
_diffrn.crystal_id             1 
# 
_diffrn_detector.diffrn_id              1 
_diffrn_detector.detector               'IMAGE PLATE' 
_diffrn_detector.type                   MARRESEARCH 
_diffrn_detector.pdbx_collection_date   ? 
_diffrn_detector.details                ? 
# 
_diffrn_radiation.diffrn_id                        1 
_diffrn_radiation.wavelength_id                    1 
_diffrn_radiation.pdbx_monochromatic_or_laue_m_l   M 
_diffrn_radiation.monochromator                    GRAPHITE 
_diffrn_radiation.pdbx_diffrn_protocol             'SINGLE WAVELENGTH' 
_diffrn_radiation.pdbx_scattering_type             x-ray 
# 
_diffrn_radiation_wavelength.id           1 
_diffrn_radiation_wavelength.wavelength   1.5418 
_diffrn_radiation_wavelength.wt           1.0 
# 
_diffrn_source.diffrn_id                   1 
_diffrn_source.source                      'ROTATING ANODE' 
_diffrn_source.type                        SIEMENS 
_diffrn_source.pdbx_synchrotron_site       ? 
_diffrn_source.pdbx_synchrotron_beamline   ? 
_diffrn_source.pdbx_wavelength             1.5418 
_diffrn_source.pdbx_wavelength_list        ? 
# 
_reflns.entry_id                     1B1C 
_reflns.observed_criterion_sigma_I   3 
_reflns.observed_criterion_sigma_F   ? 
_reflns.d_resolution_low             19.45 
_reflns.d_resolution_high            1.93 
_reflns.number_obs                   13289 
_reflns.number_all                   ? 
_reflns.percent_possible_obs         89.2 
_reflns.pdbx_Rmerge_I_obs            0.0820000 
_reflns.pdbx_Rsym_value              ? 
_reflns.pdbx_netI_over_sigmaI        ? 
_reflns.B_iso_Wilson_estimate        ? 
_reflns.pdbx_redundancy              3.9 
_reflns.R_free_details               ? 
_reflns.pdbx_diffrn_id               1 
_reflns.pdbx_ordinal                 1 
# 
_reflns_shell.d_res_high             1.93 
_reflns_shell.d_res_low              ? 
_reflns_shell.percent_possible_all   72.9 
_reflns_shell.Rmerge_I_obs           0.1930000 
_reflns_shell.pdbx_Rsym_value        ? 
_reflns_shell.meanI_over_sigI_obs    ? 
_reflns_shell.pdbx_redundancy        ? 
_reflns_shell.percent_possible_obs   ? 
_reflns_shell.number_unique_all      ? 
_reflns_shell.pdbx_diffrn_id         ? 
_reflns_shell.pdbx_ordinal           1 
# 
_refine.entry_id                                 1B1C 
_refine.ls_number_reflns_obs                     13282 
_refine.ls_number_reflns_all                     ? 
_refine.pdbx_ls_sigma_I                          ? 
_refine.pdbx_ls_sigma_F                          0.0 
_refine.pdbx_data_cutoff_high_absF               ? 
_refine.pdbx_data_cutoff_low_absF                ? 
_refine.pdbx_data_cutoff_high_rms_absF           ? 
_refine.ls_d_res_low                             19.45 
_refine.ls_d_res_high                            1.93 
_refine.ls_percent_reflns_obs                    89.2 
_refine.ls_R_factor_obs                          ? 
_refine.ls_R_factor_all                          ? 
_refine.ls_R_factor_R_work                       0.1973000 
_refine.ls_R_factor_R_free                       0.2430000 
_refine.ls_R_factor_R_free_error                 ? 
_refine.ls_R_factor_R_free_error_details         ? 
_refine.ls_percent_reflns_R_free                 5.0 
_refine.ls_number_reflns_R_free                  ? 
_refine.ls_number_parameters                     ? 
_refine.ls_number_restraints                     ? 
_refine.occupancy_min                            ? 
_refine.occupancy_max                            ? 
_refine.B_iso_mean                               ? 
_refine.aniso_B[1][1]                            ? 
_refine.aniso_B[2][2]                            ? 
_refine.aniso_B[3][3]                            ? 
_refine.aniso_B[1][2]                            ? 
_refine.aniso_B[1][3]                            ? 
_refine.aniso_B[2][3]                            ? 
_refine.solvent_model_details                    ? 
_refine.solvent_model_param_ksol                 ? 
_refine.solvent_model_param_bsol                 ? 
_refine.pdbx_ls_cross_valid_method               'THROUGHOUT, EXCEPT LAST 2 PASSES' 
_refine.details                                  ? 
_refine.pdbx_starting_model                      ? 
_refine.pdbx_method_to_determine_struct          MIRAS 
_refine.pdbx_isotropic_thermal_model             RESTRAINED 
_refine.pdbx_stereochemistry_target_values       ? 
_refine.pdbx_stereochem_target_val_spec_case     ? 
_refine.pdbx_R_Free_selection_details            RANDOM 
_refine.pdbx_overall_ESU_R                       ? 
_refine.pdbx_overall_ESU_R_Free                  ? 
_refine.overall_SU_ML                            ? 
_refine.overall_SU_B                             ? 
_refine.ls_redundancy_reflns_obs                 ? 
_refine.pdbx_refine_id                           'X-RAY DIFFRACTION' 
_refine.pdbx_diffrn_id                           1 
_refine.pdbx_TLS_residual_ADP_flag               ? 
_refine.correlation_coeff_Fo_to_Fc               ? 
_refine.correlation_coeff_Fo_to_Fc_free          ? 
_refine.pdbx_solvent_vdw_probe_radii             ? 
_refine.pdbx_solvent_ion_probe_radii             ? 
_refine.pdbx_solvent_shrinkage_radii             ? 
_refine.pdbx_overall_phase_error                 ? 
_refine.overall_SU_R_Cruickshank_DPI             ? 
_refine.pdbx_overall_SU_R_free_Cruickshank_DPI   ? 
_refine.pdbx_overall_SU_R_Blow_DPI               ? 
_refine.pdbx_overall_SU_R_free_Blow_DPI          ? 
# 
_refine_analyze.entry_id                        1B1C 
_refine_analyze.Luzzati_coordinate_error_obs    0.22 
_refine_analyze.Luzzati_sigma_a_obs             ? 
_refine_analyze.Luzzati_d_res_low_obs           ? 
_refine_analyze.Luzzati_coordinate_error_free   ? 
_refine_analyze.Luzzati_sigma_a_free            ? 
_refine_analyze.Luzzati_d_res_low_free          ? 
_refine_analyze.number_disordered_residues      ? 
_refine_analyze.occupancy_sum_hydrogen          ? 
_refine_analyze.occupancy_sum_non_hydrogen      ? 
_refine_analyze.pdbx_refine_id                  'X-RAY DIFFRACTION' 
# 
_refine_hist.pdbx_refine_id                   'X-RAY DIFFRACTION' 
_refine_hist.cycle_id                         LAST 
_refine_hist.pdbx_number_atoms_protein        1326 
_refine_hist.pdbx_number_atoms_nucleic_acid   0 
_refine_hist.pdbx_number_atoms_ligand         32 
_refine_hist.number_atoms_solvent             61 
_refine_hist.number_atoms_total               1419 
_refine_hist.d_res_high                       1.93 
_refine_hist.d_res_low                        19.45 
# 
loop_
_refine_ls_restr.type 
_refine_ls_restr.dev_ideal 
_refine_ls_restr.dev_ideal_target 
_refine_ls_restr.weight 
_refine_ls_restr.number 
_refine_ls_restr.pdbx_refine_id 
_refine_ls_restr.pdbx_restraint_function 
x_bond_d                0.010 ? ? ? 'X-RAY DIFFRACTION' ? 
x_bond_d_na             ?     ? ? ? 'X-RAY DIFFRACTION' ? 
x_bond_d_prot           ?     ? ? ? 'X-RAY DIFFRACTION' ? 
x_angle_d               ?     ? ? ? 'X-RAY DIFFRACTION' ? 
x_angle_d_na            ?     ? ? ? 'X-RAY DIFFRACTION' ? 
x_angle_d_prot          ?     ? ? ? 'X-RAY DIFFRACTION' ? 
x_angle_deg             1.45  ? ? ? 'X-RAY DIFFRACTION' ? 
x_angle_deg_na          ?     ? ? ? 'X-RAY DIFFRACTION' ? 
x_angle_deg_prot        ?     ? ? ? 'X-RAY DIFFRACTION' ? 
x_dihedral_angle_d      26.3  ? ? ? 'X-RAY DIFFRACTION' ? 
x_dihedral_angle_d_na   ?     ? ? ? 'X-RAY DIFFRACTION' ? 
x_dihedral_angle_d_prot ?     ? ? ? 'X-RAY DIFFRACTION' ? 
x_improper_angle_d      1.35  ? ? ? 'X-RAY DIFFRACTION' ? 
x_improper_angle_d_na   ?     ? ? ? 'X-RAY DIFFRACTION' ? 
x_improper_angle_d_prot ?     ? ? ? 'X-RAY DIFFRACTION' ? 
x_mcbond_it             ?     ? ? ? 'X-RAY DIFFRACTION' ? 
x_mcangle_it            ?     ? ? ? 'X-RAY DIFFRACTION' ? 
x_scbond_it             ?     ? ? ? 'X-RAY DIFFRACTION' ? 
x_scangle_it            ?     ? ? ? 'X-RAY DIFFRACTION' ? 
# 
loop_
_pdbx_xplor_file.serial_no 
_pdbx_xplor_file.param_file 
_pdbx_xplor_file.topol_file 
_pdbx_xplor_file.pdbx_refine_id 
1 PARHCSDX.PRO TOPHCSDX.PRO 'X-RAY DIFFRACTION' 
2 PARAM19.SOL  TOPH19.SOL   'X-RAY DIFFRACTION' 
# 
_struct.entry_id                  1B1C 
_struct.title                     
'CRYSTAL STRUCTURE OF THE FMN-BINDING DOMAIN OF HUMAN CYTOCHROME P450 REDUCTASE AT 1.93A RESOLUTION' 
_struct.pdbx_model_details        ? 
_struct.pdbx_CASP_flag            ? 
_struct.pdbx_model_type_details   ? 
# 
_struct_keywords.entry_id        1B1C 
_struct_keywords.pdbx_keywords   OXIDOREDUCTASE 
_struct_keywords.text            'FLAVOPROTEIN, CYTOCHROME P450 REDUCTASE, P450 REDUCTASE, FMN-BINDING DOMAIN, FMN, OXIDOREDUCTASE' 
# 
loop_
_struct_asym.id 
_struct_asym.pdbx_blank_PDB_chainid_flag 
_struct_asym.pdbx_modified 
_struct_asym.entity_id 
_struct_asym.details 
A N N 1 ? 
B N N 2 ? 
C N N 3 ? 
D N N 4 ? 
# 
_struct_ref.id                         1 
_struct_ref.db_name                    UNP 
_struct_ref.db_code                    NCPR_HUMAN 
_struct_ref.entity_id                  1 
_struct_ref.pdbx_db_accession          P16435 
_struct_ref.pdbx_db_isoform            ? 
_struct_ref.pdbx_seq_one_letter_code   ? 
_struct_ref.pdbx_align_begin           ? 
# 
_struct_ref_seq.align_id                      1 
_struct_ref_seq.ref_id                        1 
_struct_ref_seq.pdbx_PDB_id_code              1B1C 
_struct_ref_seq.pdbx_strand_id                A 
_struct_ref_seq.seq_align_beg                 1 
_struct_ref_seq.pdbx_seq_align_beg_ins_code   ? 
_struct_ref_seq.seq_align_end                 181 
_struct_ref_seq.pdbx_seq_align_end_ins_code   ? 
_struct_ref_seq.pdbx_db_accession             P16435 
_struct_ref_seq.db_align_beg                  61 
_struct_ref_seq.pdbx_db_align_beg_ins_code    ? 
_struct_ref_seq.db_align_end                  241 
_struct_ref_seq.pdbx_db_align_end_ins_code    ? 
_struct_ref_seq.pdbx_auth_seq_align_beg       1 
_struct_ref_seq.pdbx_auth_seq_align_end       181 
# 
_pdbx_struct_assembly.id                   1 
_pdbx_struct_assembly.details              author_defined_assembly 
_pdbx_struct_assembly.method_details       ? 
_pdbx_struct_assembly.oligomeric_details   monomeric 
_pdbx_struct_assembly.oligomeric_count     1 
# 
_pdbx_struct_assembly_gen.assembly_id       1 
_pdbx_struct_assembly_gen.oper_expression   1 
_pdbx_struct_assembly_gen.asym_id_list      A,B,C,D 
# 
_pdbx_struct_oper_list.id                   1 
_pdbx_struct_oper_list.type                 'identity operation' 
_pdbx_struct_oper_list.name                 1_555 
_pdbx_struct_oper_list.symmetry_operation   x,y,z 
_pdbx_struct_oper_list.matrix[1][1]         1.0000000000 
_pdbx_struct_oper_list.matrix[1][2]         0.0000000000 
_pdbx_struct_oper_list.matrix[1][3]         0.0000000000 
_pdbx_struct_oper_list.vector[1]            0.0000000000 
_pdbx_struct_oper_list.matrix[2][1]         0.0000000000 
_pdbx_struct_oper_list.matrix[2][2]         1.0000000000 
_pdbx_struct_oper_list.matrix[2][3]         0.0000000000 
_pdbx_struct_oper_list.vector[2]            0.0000000000 
_pdbx_struct_oper_list.matrix[3][1]         0.0000000000 
_pdbx_struct_oper_list.matrix[3][2]         0.0000000000 
_pdbx_struct_oper_list.matrix[3][3]         1.0000000000 
_pdbx_struct_oper_list.vector[3]            0.0000000000 
# 
_struct_biol.id   1 
# 
loop_
_struct_conf.conf_type_id 
_struct_conf.id 
_struct_conf.pdbx_PDB_helix_id 
_struct_conf.beg_label_comp_id 
_struct_conf.beg_label_asym_id 
_struct_conf.beg_label_seq_id 
_struct_conf.pdbx_beg_PDB_ins_code 
_struct_conf.end_label_comp_id 
_struct_conf.end_label_asym_id 
_struct_conf.end_label_seq_id 
_struct_conf.pdbx_end_PDB_ins_code 
_struct_conf.beg_auth_comp_id 
_struct_conf.beg_auth_asym_id 
_struct_conf.beg_auth_seq_id 
_struct_conf.end_auth_comp_id 
_struct_conf.end_auth_asym_id 
_struct_conf.end_auth_seq_id 
_struct_conf.pdbx_PDB_helix_class 
_struct_conf.details 
_struct_conf.pdbx_PDB_helix_length 
HELX_P HELX_P1 A1 PHE A 9   ? LYS A 15  ? PHE A 9   LYS A 15  1 ? 7  
HELX_P HELX_P2 A2 THR A 30  ? ASP A 41  ? THR A 30  ASP A 41  1 ? 12 
HELX_P HELX_P3 A2 ALA A 42  ? TYR A 45  ? ALA A 42  TYR A 45  5 ? 4  
HELX_P HELX_P4 A3 PRO A 54  ? GLU A 56  ? PRO A 54  GLU A 56  5 ? 3  
HELX_P HELX_P5 A4 LEU A 59  ? GLU A 67  ? LEU A 59  GLU A 67  5 ? 9  
HELX_P HELX_P6 A5 ASP A 87  ? ALA A 89  ? ASP A 87  ALA A 89  5 ? 3  
HELX_P HELX_P7 A5 GLN A 90  ? GLU A 98  ? GLN A 90  GLU A 98  1 ? 9  
HELX_P HELX_P8 A6 ALA A 123 ? GLN A 134 ? ALA A 123 GLN A 134 1 ? 12 
HELX_P HELX_P9 A7 LEU A 152 ? PHE A 171 ? LEU A 152 PHE A 171 1 ? 20 
# 
_struct_conf_type.id          HELX_P 
_struct_conf_type.criteria    ? 
_struct_conf_type.reference   ? 
# 
loop_
_struct_conn.id 
_struct_conn.conn_type_id 
_struct_conn.pdbx_leaving_atom_flag 
_struct_conn.pdbx_PDB_id 
_struct_conn.ptnr1_label_asym_id 
_struct_conn.ptnr1_label_comp_id 
_struct_conn.ptnr1_label_seq_id 
_struct_conn.ptnr1_label_atom_id 
_struct_conn.pdbx_ptnr1_label_alt_id 
_struct_conn.pdbx_ptnr1_PDB_ins_code 
_struct_conn.pdbx_ptnr1_standard_comp_id 
_struct_conn.ptnr1_symmetry 
_struct_conn.ptnr2_label_asym_id 
_struct_conn.ptnr2_label_comp_id 
_struct_conn.ptnr2_label_seq_id 
_struct_conn.ptnr2_label_atom_id 
_struct_conn.pdbx_ptnr2_label_alt_id 
_struct_conn.pdbx_ptnr2_PDB_ins_code 
_struct_conn.ptnr1_auth_asym_id 
_struct_conn.ptnr1_auth_comp_id 
_struct_conn.ptnr1_auth_seq_id 
_struct_conn.ptnr2_auth_asym_id 
_struct_conn.ptnr2_auth_comp_id 
_struct_conn.ptnr2_auth_seq_id 
_struct_conn.ptnr2_symmetry 
_struct_conn.pdbx_ptnr3_label_atom_id 
_struct_conn.pdbx_ptnr3_label_seq_id 
_struct_conn.pdbx_ptnr3_label_comp_id 
_struct_conn.pdbx_ptnr3_label_asym_id 
_struct_conn.pdbx_ptnr3_label_alt_id 
_struct_conn.pdbx_ptnr3_PDB_ins_code 
_struct_conn.details 
_struct_conn.pdbx_dist_value 
_struct_conn.pdbx_value_order 
_struct_conn.pdbx_role 
metalc1 metalc ? ? A SER 104 OG ? ? ? 1_555 B CA  . CA ? ? A SER 104 A CA  200 1_555 ? ? ? ? ? ? ? 2.211 ? ? 
metalc2 metalc ? ? A THR 117 O  ? ? ? 1_455 B CA  . CA ? ? A THR 117 A CA  200 1_555 ? ? ? ? ? ? ? 2.343 ? ? 
metalc3 metalc ? ? B CA  .   CA ? ? ? 1_555 D HOH . O  ? ? A CA  200 A HOH 201 1_555 ? ? ? ? ? ? ? 2.349 ? ? 
metalc4 metalc ? ? B CA  .   CA ? ? ? 1_555 D HOH . O  ? ? A CA  200 A HOH 237 1_555 ? ? ? ? ? ? ? 2.296 ? ? 
metalc5 metalc ? ? B CA  .   CA ? ? ? 1_555 D HOH . O  ? ? A CA  200 A HOH 279 1_555 ? ? ? ? ? ? ? 2.322 ? ? 
metalc6 metalc ? ? B CA  .   CA ? ? ? 1_555 D HOH . O  ? ? A CA  200 A HOH 280 1_555 ? ? ? ? ? ? ? 2.455 ? ? 
metalc7 metalc ? ? B CA  .   CA ? ? ? 1_555 D HOH . O  ? ? A CA  200 A HOH 281 1_555 ? ? ? ? ? ? ? 2.316 ? ? 
# 
_struct_conn_type.id          metalc 
_struct_conn_type.criteria    ? 
_struct_conn_type.reference   ? 
# 
loop_
_pdbx_struct_conn_angle.id 
_pdbx_struct_conn_angle.ptnr1_label_atom_id 
_pdbx_struct_conn_angle.ptnr1_label_alt_id 
_pdbx_struct_conn_angle.ptnr1_label_asym_id 
_pdbx_struct_conn_angle.ptnr1_label_comp_id 
_pdbx_struct_conn_angle.ptnr1_label_seq_id 
_pdbx_struct_conn_angle.ptnr1_auth_atom_id 
_pdbx_struct_conn_angle.ptnr1_auth_asym_id 
_pdbx_struct_conn_angle.ptnr1_auth_comp_id 
_pdbx_struct_conn_angle.ptnr1_auth_seq_id 
_pdbx_struct_conn_angle.ptnr1_PDB_ins_code 
_pdbx_struct_conn_angle.ptnr1_symmetry 
_pdbx_struct_conn_angle.ptnr2_label_atom_id 
_pdbx_struct_conn_angle.ptnr2_label_alt_id 
_pdbx_struct_conn_angle.ptnr2_label_asym_id 
_pdbx_struct_conn_angle.ptnr2_label_comp_id 
_pdbx_struct_conn_angle.ptnr2_label_seq_id 
_pdbx_struct_conn_angle.ptnr2_auth_atom_id 
_pdbx_struct_conn_angle.ptnr2_auth_asym_id 
_pdbx_struct_conn_angle.ptnr2_auth_comp_id 
_pdbx_struct_conn_angle.ptnr2_auth_seq_id 
_pdbx_struct_conn_angle.ptnr2_PDB_ins_code 
_pdbx_struct_conn_angle.ptnr2_symmetry 
_pdbx_struct_conn_angle.ptnr3_label_atom_id 
_pdbx_struct_conn_angle.ptnr3_label_alt_id 
_pdbx_struct_conn_angle.ptnr3_label_asym_id 
_pdbx_struct_conn_angle.ptnr3_label_comp_id 
_pdbx_struct_conn_angle.ptnr3_label_seq_id 
_pdbx_struct_conn_angle.ptnr3_auth_atom_id 
_pdbx_struct_conn_angle.ptnr3_auth_asym_id 
_pdbx_struct_conn_angle.ptnr3_auth_comp_id 
_pdbx_struct_conn_angle.ptnr3_auth_seq_id 
_pdbx_struct_conn_angle.ptnr3_PDB_ins_code 
_pdbx_struct_conn_angle.ptnr3_symmetry 
_pdbx_struct_conn_angle.value 
_pdbx_struct_conn_angle.value_esd 
1  OG ? A SER 104 ? A SER 104 ? 1_555 CA ? B CA . ? A CA 200 ? 1_555 O ? A THR 117 ? A THR 117 ? 1_455 82.6  ? 
2  OG ? A SER 104 ? A SER 104 ? 1_555 CA ? B CA . ? A CA 200 ? 1_555 O ? D HOH .   ? A HOH 201 ? 1_555 139.4 ? 
3  O  ? A THR 117 ? A THR 117 ? 1_455 CA ? B CA . ? A CA 200 ? 1_555 O ? D HOH .   ? A HOH 201 ? 1_555 77.7  ? 
4  OG ? A SER 104 ? A SER 104 ? 1_555 CA ? B CA . ? A CA 200 ? 1_555 O ? D HOH .   ? A HOH 237 ? 1_555 122.7 ? 
5  O  ? A THR 117 ? A THR 117 ? 1_455 CA ? B CA . ? A CA 200 ? 1_555 O ? D HOH .   ? A HOH 237 ? 1_555 154.4 ? 
6  O  ? D HOH .   ? A HOH 201 ? 1_555 CA ? B CA . ? A CA 200 ? 1_555 O ? D HOH .   ? A HOH 237 ? 1_555 83.4  ? 
7  OG ? A SER 104 ? A SER 104 ? 1_555 CA ? B CA . ? A CA 200 ? 1_555 O ? D HOH .   ? A HOH 279 ? 1_555 77.4  ? 
8  O  ? A THR 117 ? A THR 117 ? 1_455 CA ? B CA . ? A CA 200 ? 1_555 O ? D HOH .   ? A HOH 279 ? 1_555 109.2 ? 
9  O  ? D HOH .   ? A HOH 201 ? 1_555 CA ? B CA . ? A CA 200 ? 1_555 O ? D HOH .   ? A HOH 279 ? 1_555 76.2  ? 
10 O  ? D HOH .   ? A HOH 237 ? 1_555 CA ? B CA . ? A CA 200 ? 1_555 O ? D HOH .   ? A HOH 279 ? 1_555 82.4  ? 
11 OG ? A SER 104 ? A SER 104 ? 1_555 CA ? B CA . ? A CA 200 ? 1_555 O ? D HOH .   ? A HOH 280 ? 1_555 129.7 ? 
12 O  ? A THR 117 ? A THR 117 ? 1_455 CA ? B CA . ? A CA 200 ? 1_555 O ? D HOH .   ? A HOH 280 ? 1_555 74.8  ? 
13 O  ? D HOH .   ? A HOH 201 ? 1_555 CA ? B CA . ? A CA 200 ? 1_555 O ? D HOH .   ? A HOH 280 ? 1_555 78.3  ? 
14 O  ? D HOH .   ? A HOH 237 ? 1_555 CA ? B CA . ? A CA 200 ? 1_555 O ? D HOH .   ? A HOH 280 ? 1_555 84.6  ? 
15 O  ? D HOH .   ? A HOH 279 ? 1_555 CA ? B CA . ? A CA 200 ? 1_555 O ? D HOH .   ? A HOH 280 ? 1_555 152.5 ? 
16 OG ? A SER 104 ? A SER 104 ? 1_555 CA ? B CA . ? A CA 200 ? 1_555 O ? D HOH .   ? A HOH 281 ? 1_555 67.8  ? 
17 O  ? A THR 117 ? A THR 117 ? 1_455 CA ? B CA . ? A CA 200 ? 1_555 O ? D HOH .   ? A HOH 281 ? 1_555 112.8 ? 
18 O  ? D HOH .   ? A HOH 201 ? 1_555 CA ? B CA . ? A CA 200 ? 1_555 O ? D HOH .   ? A HOH 281 ? 1_555 152.8 ? 
19 O  ? D HOH .   ? A HOH 237 ? 1_555 CA ? B CA . ? A CA 200 ? 1_555 O ? D HOH .   ? A HOH 281 ? 1_555 77.8  ? 
20 O  ? D HOH .   ? A HOH 279 ? 1_555 CA ? B CA . ? A CA 200 ? 1_555 O ? D HOH .   ? A HOH 281 ? 1_555 119.8 ? 
21 O  ? D HOH .   ? A HOH 280 ? 1_555 CA ? B CA . ? A CA 200 ? 1_555 O ? D HOH .   ? A HOH 281 ? 1_555 80.6  ? 
# 
loop_
_struct_sheet.id 
_struct_sheet.type 
_struct_sheet.number_strands 
_struct_sheet.details 
B1  ? 1 ? 
B2  ? 1 ? 
B3  ? 1 ? 
B4  ? 1 ? 
B5A ? 1 ? 
B5B ? 1 ? 
# 
loop_
_struct_sheet_range.sheet_id 
_struct_sheet_range.id 
_struct_sheet_range.beg_label_comp_id 
_struct_sheet_range.beg_label_asym_id 
_struct_sheet_range.beg_label_seq_id 
_struct_sheet_range.pdbx_beg_PDB_ins_code 
_struct_sheet_range.end_label_comp_id 
_struct_sheet_range.end_label_asym_id 
_struct_sheet_range.end_label_seq_id 
_struct_sheet_range.pdbx_end_PDB_ins_code 
_struct_sheet_range.beg_auth_comp_id 
_struct_sheet_range.beg_auth_asym_id 
_struct_sheet_range.beg_auth_seq_id 
_struct_sheet_range.end_auth_comp_id 
_struct_sheet_range.end_auth_asym_id 
_struct_sheet_range.end_auth_seq_id 
B1  1 ILE A 20  ? GLY A 25  ? ILE A 20  GLY A 25  
B2  1 GLY A 49  ? ALA A 52  ? GLY A 49  ALA A 52  
B3  1 LEU A 72  ? ALA A 78  ? LEU A 72  ALA A 78  
B4  1 LYS A 107 ? GLY A 114 ? LYS A 107 GLY A 114 
B5A 1 GLN A 138 ? ARG A 139 ? GLN A 138 ARG A 139 
B5B 1 GLY A 144 ? ASP A 147 ? GLY A 144 ASP A 147 
# 
loop_
_struct_site.id 
_struct_site.pdbx_evidence_code 
_struct_site.pdbx_auth_asym_id 
_struct_site.pdbx_auth_comp_id 
_struct_site.pdbx_auth_seq_id 
_struct_site.pdbx_auth_ins_code 
_struct_site.pdbx_num_residues 
_struct_site.details 
AC1 Software A CA  200 ? 7  'BINDING SITE FOR RESIDUE CA A 200'  
AC2 Software A FMN 190 ? 22 'BINDING SITE FOR RESIDUE FMN A 190' 
# 
loop_
_struct_site_gen.id 
_struct_site_gen.site_id 
_struct_site_gen.pdbx_num_res 
_struct_site_gen.label_comp_id 
_struct_site_gen.label_asym_id 
_struct_site_gen.label_seq_id 
_struct_site_gen.pdbx_auth_ins_code 
_struct_site_gen.auth_comp_id 
_struct_site_gen.auth_asym_id 
_struct_site_gen.auth_seq_id 
_struct_site_gen.label_atom_id 
_struct_site_gen.label_alt_id 
_struct_site_gen.symmetry 
_struct_site_gen.details 
1  AC1 7  SER A 104 ? SER A 104 . ? 1_555 ? 
2  AC1 7  THR A 117 ? THR A 117 . ? 1_455 ? 
3  AC1 7  HOH D .   ? HOH A 201 . ? 1_555 ? 
4  AC1 7  HOH D .   ? HOH A 237 . ? 1_555 ? 
5  AC1 7  HOH D .   ? HOH A 279 . ? 1_555 ? 
6  AC1 7  HOH D .   ? HOH A 280 . ? 1_555 ? 
7  AC1 7  HOH D .   ? HOH A 281 . ? 1_555 ? 
8  AC2 22 SER A 26  ? SER A 26  . ? 1_555 ? 
9  AC2 22 GLN A 27  ? GLN A 27  . ? 1_555 ? 
10 AC2 22 THR A 28  ? THR A 28  . ? 1_555 ? 
11 AC2 22 GLY A 29  ? GLY A 29  . ? 1_555 ? 
12 AC2 22 THR A 30  ? THR A 30  . ? 1_555 ? 
13 AC2 22 ALA A 31  ? ALA A 31  . ? 1_555 ? 
14 AC2 22 GLU A 67  ? GLU A 67  . ? 1_655 ? 
15 AC2 22 ALA A 78  ? ALA A 78  . ? 1_555 ? 
16 AC2 22 THR A 79  ? THR A 79  . ? 1_555 ? 
17 AC2 22 TYR A 80  ? TYR A 80  . ? 1_555 ? 
18 AC2 22 GLY A 81  ? GLY A 81  . ? 1_555 ? 
19 AC2 22 LEU A 113 ? LEU A 113 . ? 1_555 ? 
20 AC2 22 GLY A 114 ? GLY A 114 . ? 1_555 ? 
21 AC2 22 ASN A 115 ? ASN A 115 . ? 1_555 ? 
22 AC2 22 TYR A 118 ? TYR A 118 . ? 1_555 ? 
23 AC2 22 HIS A 120 ? HIS A 120 . ? 1_555 ? 
24 AC2 22 PHE A 121 ? PHE A 121 . ? 1_555 ? 
25 AC2 22 ASN A 122 ? ASN A 122 . ? 1_555 ? 
26 AC2 22 ASP A 148 ? ASP A 148 . ? 1_555 ? 
27 AC2 22 LEU A 152 ? LEU A 152 . ? 1_555 ? 
28 AC2 22 HOH D .   ? HOH A 241 . ? 1_555 ? 
29 AC2 22 HOH D .   ? HOH A 278 . ? 1_555 ? 
# 
loop_
_pdbx_validate_torsion.id 
_pdbx_validate_torsion.PDB_model_num 
_pdbx_validate_torsion.auth_comp_id 
_pdbx_validate_torsion.auth_asym_id 
_pdbx_validate_torsion.auth_seq_id 
_pdbx_validate_torsion.PDB_ins_code 
_pdbx_validate_torsion.label_alt_id 
_pdbx_validate_torsion.phi 
_pdbx_validate_torsion.psi 
1 1 TYR A 80  ? ? -121.97 -168.12 
2 1 GLU A 82  ? ? -93.07  44.04   
3 1 LYS A 116 ? ? -58.77  -6.44   
# 
_pdbx_validate_chiral.id              1 
_pdbx_validate_chiral.PDB_model_num   1 
_pdbx_validate_chiral.auth_atom_id    "C2'" 
_pdbx_validate_chiral.label_alt_id    ? 
_pdbx_validate_chiral.auth_asym_id    A 
_pdbx_validate_chiral.auth_comp_id    FMN 
_pdbx_validate_chiral.auth_seq_id     190 
_pdbx_validate_chiral.PDB_ins_code    ? 
_pdbx_validate_chiral.details         PLANAR 
_pdbx_validate_chiral.omega           . 
# 
loop_
_pdbx_unobs_or_zero_occ_residues.id 
_pdbx_unobs_or_zero_occ_residues.PDB_model_num 
_pdbx_unobs_or_zero_occ_residues.polymer_flag 
_pdbx_unobs_or_zero_occ_residues.occupancy_flag 
_pdbx_unobs_or_zero_occ_residues.auth_asym_id 
_pdbx_unobs_or_zero_occ_residues.auth_comp_id 
_pdbx_unobs_or_zero_occ_residues.auth_seq_id 
_pdbx_unobs_or_zero_occ_residues.PDB_ins_code 
_pdbx_unobs_or_zero_occ_residues.label_asym_id 
_pdbx_unobs_or_zero_occ_residues.label_comp_id 
_pdbx_unobs_or_zero_occ_residues.label_seq_id 
1  1 Y 1 A THR 1   ? A THR 1   
2  1 Y 1 A SER 2   ? A SER 2   
3  1 Y 1 A SER 3   ? A SER 3   
4  1 Y 1 A VAL 4   ? A VAL 4   
5  1 Y 1 A ARG 5   ? A ARG 5   
6  1 Y 1 A GLU 6   ? A GLU 6   
7  1 Y 1 A VAL 173 ? A VAL 173 
8  1 Y 1 A GLU 174 ? A GLU 174 
9  1 Y 1 A ALA 175 ? A ALA 175 
10 1 Y 1 A THR 176 ? A THR 176 
11 1 Y 1 A GLY 177 ? A GLY 177 
12 1 Y 1 A GLU 178 ? A GLU 178 
13 1 Y 1 A GLU 179 ? A GLU 179 
14 1 Y 1 A SER 180 ? A SER 180 
15 1 Y 1 A SER 181 ? A SER 181 
# 
loop_
_chem_comp_atom.comp_id 
_chem_comp_atom.atom_id 
_chem_comp_atom.type_symbol 
_chem_comp_atom.pdbx_aromatic_flag 
_chem_comp_atom.pdbx_stereo_config 
_chem_comp_atom.pdbx_ordinal 
ALA N      N  N N 1   
ALA CA     C  N S 2   
ALA C      C  N N 3   
ALA O      O  N N 4   
ALA CB     C  N N 5   
ALA OXT    O  N N 6   
ALA H      H  N N 7   
ALA H2     H  N N 8   
ALA HA     H  N N 9   
ALA HB1    H  N N 10  
ALA HB2    H  N N 11  
ALA HB3    H  N N 12  
ALA HXT    H  N N 13  
ARG N      N  N N 14  
ARG CA     C  N S 15  
ARG C      C  N N 16  
ARG O      O  N N 17  
ARG CB     C  N N 18  
ARG CG     C  N N 19  
ARG CD     C  N N 20  
ARG NE     N  N N 21  
ARG CZ     C  N N 22  
ARG NH1    N  N N 23  
ARG NH2    N  N N 24  
ARG OXT    O  N N 25  
ARG H      H  N N 26  
ARG H2     H  N N 27  
ARG HA     H  N N 28  
ARG HB2    H  N N 29  
ARG HB3    H  N N 30  
ARG HG2    H  N N 31  
ARG HG3    H  N N 32  
ARG HD2    H  N N 33  
ARG HD3    H  N N 34  
ARG HE     H  N N 35  
ARG HH11   H  N N 36  
ARG HH12   H  N N 37  
ARG HH21   H  N N 38  
ARG HH22   H  N N 39  
ARG HXT    H  N N 40  
ASN N      N  N N 41  
ASN CA     C  N S 42  
ASN C      C  N N 43  
ASN O      O  N N 44  
ASN CB     C  N N 45  
ASN CG     C  N N 46  
ASN OD1    O  N N 47  
ASN ND2    N  N N 48  
ASN OXT    O  N N 49  
ASN H      H  N N 50  
ASN H2     H  N N 51  
ASN HA     H  N N 52  
ASN HB2    H  N N 53  
ASN HB3    H  N N 54  
ASN HD21   H  N N 55  
ASN HD22   H  N N 56  
ASN HXT    H  N N 57  
ASP N      N  N N 58  
ASP CA     C  N S 59  
ASP C      C  N N 60  
ASP O      O  N N 61  
ASP CB     C  N N 62  
ASP CG     C  N N 63  
ASP OD1    O  N N 64  
ASP OD2    O  N N 65  
ASP OXT    O  N N 66  
ASP H      H  N N 67  
ASP H2     H  N N 68  
ASP HA     H  N N 69  
ASP HB2    H  N N 70  
ASP HB3    H  N N 71  
ASP HD2    H  N N 72  
ASP HXT    H  N N 73  
CA  CA     CA N N 74  
CYS N      N  N N 75  
CYS CA     C  N R 76  
CYS C      C  N N 77  
CYS O      O  N N 78  
CYS CB     C  N N 79  
CYS SG     S  N N 80  
CYS OXT    O  N N 81  
CYS H      H  N N 82  
CYS H2     H  N N 83  
CYS HA     H  N N 84  
CYS HB2    H  N N 85  
CYS HB3    H  N N 86  
CYS HG     H  N N 87  
CYS HXT    H  N N 88  
FMN N1     N  N N 89  
FMN C2     C  N N 90  
FMN O2     O  N N 91  
FMN N3     N  N N 92  
FMN C4     C  N N 93  
FMN O4     O  N N 94  
FMN C4A    C  N N 95  
FMN N5     N  N N 96  
FMN C5A    C  Y N 97  
FMN C6     C  Y N 98  
FMN C7     C  Y N 99  
FMN C7M    C  N N 100 
FMN C8     C  Y N 101 
FMN C8M    C  N N 102 
FMN C9     C  Y N 103 
FMN C9A    C  Y N 104 
FMN N10    N  N N 105 
FMN C10    C  N N 106 
FMN "C1'"  C  N N 107 
FMN "C2'"  C  N S 108 
FMN "O2'"  O  N N 109 
FMN "C3'"  C  N S 110 
FMN "O3'"  O  N N 111 
FMN "C4'"  C  N R 112 
FMN "O4'"  O  N N 113 
FMN "C5'"  C  N N 114 
FMN "O5'"  O  N N 115 
FMN P      P  N N 116 
FMN O1P    O  N N 117 
FMN O2P    O  N N 118 
FMN O3P    O  N N 119 
FMN HN3    H  N N 120 
FMN H6     H  N N 121 
FMN HM71   H  N N 122 
FMN HM72   H  N N 123 
FMN HM73   H  N N 124 
FMN HM81   H  N N 125 
FMN HM82   H  N N 126 
FMN HM83   H  N N 127 
FMN H9     H  N N 128 
FMN "H1'1" H  N N 129 
FMN "H1'2" H  N N 130 
FMN "H2'"  H  N N 131 
FMN "HO2'" H  N N 132 
FMN "H3'"  H  N N 133 
FMN "HO3'" H  N N 134 
FMN "H4'"  H  N N 135 
FMN "HO4'" H  N N 136 
FMN "H5'1" H  N N 137 
FMN "H5'2" H  N N 138 
FMN HOP2   H  N N 139 
FMN HOP3   H  N N 140 
GLN N      N  N N 141 
GLN CA     C  N S 142 
GLN C      C  N N 143 
GLN O      O  N N 144 
GLN CB     C  N N 145 
GLN CG     C  N N 146 
GLN CD     C  N N 147 
GLN OE1    O  N N 148 
GLN NE2    N  N N 149 
GLN OXT    O  N N 150 
GLN H      H  N N 151 
GLN H2     H  N N 152 
GLN HA     H  N N 153 
GLN HB2    H  N N 154 
GLN HB3    H  N N 155 
GLN HG2    H  N N 156 
GLN HG3    H  N N 157 
GLN HE21   H  N N 158 
GLN HE22   H  N N 159 
GLN HXT    H  N N 160 
GLU N      N  N N 161 
GLU CA     C  N S 162 
GLU C      C  N N 163 
GLU O      O  N N 164 
GLU CB     C  N N 165 
GLU CG     C  N N 166 
GLU CD     C  N N 167 
GLU OE1    O  N N 168 
GLU OE2    O  N N 169 
GLU OXT    O  N N 170 
GLU H      H  N N 171 
GLU H2     H  N N 172 
GLU HA     H  N N 173 
GLU HB2    H  N N 174 
GLU HB3    H  N N 175 
GLU HG2    H  N N 176 
GLU HG3    H  N N 177 
GLU HE2    H  N N 178 
GLU HXT    H  N N 179 
GLY N      N  N N 180 
GLY CA     C  N N 181 
GLY C      C  N N 182 
GLY O      O  N N 183 
GLY OXT    O  N N 184 
GLY H      H  N N 185 
GLY H2     H  N N 186 
GLY HA2    H  N N 187 
GLY HA3    H  N N 188 
GLY HXT    H  N N 189 
HIS N      N  N N 190 
HIS CA     C  N S 191 
HIS C      C  N N 192 
HIS O      O  N N 193 
HIS CB     C  N N 194 
HIS CG     C  Y N 195 
HIS ND1    N  Y N 196 
HIS CD2    C  Y N 197 
HIS CE1    C  Y N 198 
HIS NE2    N  Y N 199 
HIS OXT    O  N N 200 
HIS H      H  N N 201 
HIS H2     H  N N 202 
HIS HA     H  N N 203 
HIS HB2    H  N N 204 
HIS HB3    H  N N 205 
HIS HD1    H  N N 206 
HIS HD2    H  N N 207 
HIS HE1    H  N N 208 
HIS HE2    H  N N 209 
HIS HXT    H  N N 210 
HOH O      O  N N 211 
HOH H1     H  N N 212 
HOH H2     H  N N 213 
ILE N      N  N N 214 
ILE CA     C  N S 215 
ILE C      C  N N 216 
ILE O      O  N N 217 
ILE CB     C  N S 218 
ILE CG1    C  N N 219 
ILE CG2    C  N N 220 
ILE CD1    C  N N 221 
ILE OXT    O  N N 222 
ILE H      H  N N 223 
ILE H2     H  N N 224 
ILE HA     H  N N 225 
ILE HB     H  N N 226 
ILE HG12   H  N N 227 
ILE HG13   H  N N 228 
ILE HG21   H  N N 229 
ILE HG22   H  N N 230 
ILE HG23   H  N N 231 
ILE HD11   H  N N 232 
ILE HD12   H  N N 233 
ILE HD13   H  N N 234 
ILE HXT    H  N N 235 
LEU N      N  N N 236 
LEU CA     C  N S 237 
LEU C      C  N N 238 
LEU O      O  N N 239 
LEU CB     C  N N 240 
LEU CG     C  N N 241 
LEU CD1    C  N N 242 
LEU CD2    C  N N 243 
LEU OXT    O  N N 244 
LEU H      H  N N 245 
LEU H2     H  N N 246 
LEU HA     H  N N 247 
LEU HB2    H  N N 248 
LEU HB3    H  N N 249 
LEU HG     H  N N 250 
LEU HD11   H  N N 251 
LEU HD12   H  N N 252 
LEU HD13   H  N N 253 
LEU HD21   H  N N 254 
LEU HD22   H  N N 255 
LEU HD23   H  N N 256 
LEU HXT    H  N N 257 
LYS N      N  N N 258 
LYS CA     C  N S 259 
LYS C      C  N N 260 
LYS O      O  N N 261 
LYS CB     C  N N 262 
LYS CG     C  N N 263 
LYS CD     C  N N 264 
LYS CE     C  N N 265 
LYS NZ     N  N N 266 
LYS OXT    O  N N 267 
LYS H      H  N N 268 
LYS H2     H  N N 269 
LYS HA     H  N N 270 
LYS HB2    H  N N 271 
LYS HB3    H  N N 272 
LYS HG2    H  N N 273 
LYS HG3    H  N N 274 
LYS HD2    H  N N 275 
LYS HD3    H  N N 276 
LYS HE2    H  N N 277 
LYS HE3    H  N N 278 
LYS HZ1    H  N N 279 
LYS HZ2    H  N N 280 
LYS HZ3    H  N N 281 
LYS HXT    H  N N 282 
MET N      N  N N 283 
MET CA     C  N S 284 
MET C      C  N N 285 
MET O      O  N N 286 
MET CB     C  N N 287 
MET CG     C  N N 288 
MET SD     S  N N 289 
MET CE     C  N N 290 
MET OXT    O  N N 291 
MET H      H  N N 292 
MET H2     H  N N 293 
MET HA     H  N N 294 
MET HB2    H  N N 295 
MET HB3    H  N N 296 
MET HG2    H  N N 297 
MET HG3    H  N N 298 
MET HE1    H  N N 299 
MET HE2    H  N N 300 
MET HE3    H  N N 301 
MET HXT    H  N N 302 
PHE N      N  N N 303 
PHE CA     C  N S 304 
PHE C      C  N N 305 
PHE O      O  N N 306 
PHE CB     C  N N 307 
PHE CG     C  Y N 308 
PHE CD1    C  Y N 309 
PHE CD2    C  Y N 310 
PHE CE1    C  Y N 311 
PHE CE2    C  Y N 312 
PHE CZ     C  Y N 313 
PHE OXT    O  N N 314 
PHE H      H  N N 315 
PHE H2     H  N N 316 
PHE HA     H  N N 317 
PHE HB2    H  N N 318 
PHE HB3    H  N N 319 
PHE HD1    H  N N 320 
PHE HD2    H  N N 321 
PHE HE1    H  N N 322 
PHE HE2    H  N N 323 
PHE HZ     H  N N 324 
PHE HXT    H  N N 325 
PRO N      N  N N 326 
PRO CA     C  N S 327 
PRO C      C  N N 328 
PRO O      O  N N 329 
PRO CB     C  N N 330 
PRO CG     C  N N 331 
PRO CD     C  N N 332 
PRO OXT    O  N N 333 
PRO H      H  N N 334 
PRO HA     H  N N 335 
PRO HB2    H  N N 336 
PRO HB3    H  N N 337 
PRO HG2    H  N N 338 
PRO HG3    H  N N 339 
PRO HD2    H  N N 340 
PRO HD3    H  N N 341 
PRO HXT    H  N N 342 
SER N      N  N N 343 
SER CA     C  N S 344 
SER C      C  N N 345 
SER O      O  N N 346 
SER CB     C  N N 347 
SER OG     O  N N 348 
SER OXT    O  N N 349 
SER H      H  N N 350 
SER H2     H  N N 351 
SER HA     H  N N 352 
SER HB2    H  N N 353 
SER HB3    H  N N 354 
SER HG     H  N N 355 
SER HXT    H  N N 356 
THR N      N  N N 357 
THR CA     C  N S 358 
THR C      C  N N 359 
THR O      O  N N 360 
THR CB     C  N R 361 
THR OG1    O  N N 362 
THR CG2    C  N N 363 
THR OXT    O  N N 364 
THR H      H  N N 365 
THR H2     H  N N 366 
THR HA     H  N N 367 
THR HB     H  N N 368 
THR HG1    H  N N 369 
THR HG21   H  N N 370 
THR HG22   H  N N 371 
THR HG23   H  N N 372 
THR HXT    H  N N 373 
TRP N      N  N N 374 
TRP CA     C  N S 375 
TRP C      C  N N 376 
TRP O      O  N N 377 
TRP CB     C  N N 378 
TRP CG     C  Y N 379 
TRP CD1    C  Y N 380 
TRP CD2    C  Y N 381 
TRP NE1    N  Y N 382 
TRP CE2    C  Y N 383 
TRP CE3    C  Y N 384 
TRP CZ2    C  Y N 385 
TRP CZ3    C  Y N 386 
TRP CH2    C  Y N 387 
TRP OXT    O  N N 388 
TRP H      H  N N 389 
TRP H2     H  N N 390 
TRP HA     H  N N 391 
TRP HB2    H  N N 392 
TRP HB3    H  N N 393 
TRP HD1    H  N N 394 
TRP HE1    H  N N 395 
TRP HE3    H  N N 396 
TRP HZ2    H  N N 397 
TRP HZ3    H  N N 398 
TRP HH2    H  N N 399 
TRP HXT    H  N N 400 
TYR N      N  N N 401 
TYR CA     C  N S 402 
TYR C      C  N N 403 
TYR O      O  N N 404 
TYR CB     C  N N 405 
TYR CG     C  Y N 406 
TYR CD1    C  Y N 407 
TYR CD2    C  Y N 408 
TYR CE1    C  Y N 409 
TYR CE2    C  Y N 410 
TYR CZ     C  Y N 411 
TYR OH     O  N N 412 
TYR OXT    O  N N 413 
TYR H      H  N N 414 
TYR H2     H  N N 415 
TYR HA     H  N N 416 
TYR HB2    H  N N 417 
TYR HB3    H  N N 418 
TYR HD1    H  N N 419 
TYR HD2    H  N N 420 
TYR HE1    H  N N 421 
TYR HE2    H  N N 422 
TYR HH     H  N N 423 
TYR HXT    H  N N 424 
VAL N      N  N N 425 
VAL CA     C  N S 426 
VAL C      C  N N 427 
VAL O      O  N N 428 
VAL CB     C  N N 429 
VAL CG1    C  N N 430 
VAL CG2    C  N N 431 
VAL OXT    O  N N 432 
VAL H      H  N N 433 
VAL H2     H  N N 434 
VAL HA     H  N N 435 
VAL HB     H  N N 436 
VAL HG11   H  N N 437 
VAL HG12   H  N N 438 
VAL HG13   H  N N 439 
VAL HG21   H  N N 440 
VAL HG22   H  N N 441 
VAL HG23   H  N N 442 
VAL HXT    H  N N 443 
# 
loop_
_chem_comp_bond.comp_id 
_chem_comp_bond.atom_id_1 
_chem_comp_bond.atom_id_2 
_chem_comp_bond.value_order 
_chem_comp_bond.pdbx_aromatic_flag 
_chem_comp_bond.pdbx_stereo_config 
_chem_comp_bond.pdbx_ordinal 
ALA N     CA     sing N N 1   
ALA N     H      sing N N 2   
ALA N     H2     sing N N 3   
ALA CA    C      sing N N 4   
ALA CA    CB     sing N N 5   
ALA CA    HA     sing N N 6   
ALA C     O      doub N N 7   
ALA C     OXT    sing N N 8   
ALA CB    HB1    sing N N 9   
ALA CB    HB2    sing N N 10  
ALA CB    HB3    sing N N 11  
ALA OXT   HXT    sing N N 12  
ARG N     CA     sing N N 13  
ARG N     H      sing N N 14  
ARG N     H2     sing N N 15  
ARG CA    C      sing N N 16  
ARG CA    CB     sing N N 17  
ARG CA    HA     sing N N 18  
ARG C     O      doub N N 19  
ARG C     OXT    sing N N 20  
ARG CB    CG     sing N N 21  
ARG CB    HB2    sing N N 22  
ARG CB    HB3    sing N N 23  
ARG CG    CD     sing N N 24  
ARG CG    HG2    sing N N 25  
ARG CG    HG3    sing N N 26  
ARG CD    NE     sing N N 27  
ARG CD    HD2    sing N N 28  
ARG CD    HD3    sing N N 29  
ARG NE    CZ     sing N N 30  
ARG NE    HE     sing N N 31  
ARG CZ    NH1    sing N N 32  
ARG CZ    NH2    doub N N 33  
ARG NH1   HH11   sing N N 34  
ARG NH1   HH12   sing N N 35  
ARG NH2   HH21   sing N N 36  
ARG NH2   HH22   sing N N 37  
ARG OXT   HXT    sing N N 38  
ASN N     CA     sing N N 39  
ASN N     H      sing N N 40  
ASN N     H2     sing N N 41  
ASN CA    C      sing N N 42  
ASN CA    CB     sing N N 43  
ASN CA    HA     sing N N 44  
ASN C     O      doub N N 45  
ASN C     OXT    sing N N 46  
ASN CB    CG     sing N N 47  
ASN CB    HB2    sing N N 48  
ASN CB    HB3    sing N N 49  
ASN CG    OD1    doub N N 50  
ASN CG    ND2    sing N N 51  
ASN ND2   HD21   sing N N 52  
ASN ND2   HD22   sing N N 53  
ASN OXT   HXT    sing N N 54  
ASP N     CA     sing N N 55  
ASP N     H      sing N N 56  
ASP N     H2     sing N N 57  
ASP CA    C      sing N N 58  
ASP CA    CB     sing N N 59  
ASP CA    HA     sing N N 60  
ASP C     O      doub N N 61  
ASP C     OXT    sing N N 62  
ASP CB    CG     sing N N 63  
ASP CB    HB2    sing N N 64  
ASP CB    HB3    sing N N 65  
ASP CG    OD1    doub N N 66  
ASP CG    OD2    sing N N 67  
ASP OD2   HD2    sing N N 68  
ASP OXT   HXT    sing N N 69  
CYS N     CA     sing N N 70  
CYS N     H      sing N N 71  
CYS N     H2     sing N N 72  
CYS CA    C      sing N N 73  
CYS CA    CB     sing N N 74  
CYS CA    HA     sing N N 75  
CYS C     O      doub N N 76  
CYS C     OXT    sing N N 77  
CYS CB    SG     sing N N 78  
CYS CB    HB2    sing N N 79  
CYS CB    HB3    sing N N 80  
CYS SG    HG     sing N N 81  
CYS OXT   HXT    sing N N 82  
FMN N1    C2     sing N N 83  
FMN N1    C10    doub N N 84  
FMN C2    O2     doub N N 85  
FMN C2    N3     sing N N 86  
FMN N3    C4     sing N N 87  
FMN N3    HN3    sing N N 88  
FMN C4    O4     doub N N 89  
FMN C4    C4A    sing N N 90  
FMN C4A   N5     doub N N 91  
FMN C4A   C10    sing N N 92  
FMN N5    C5A    sing N N 93  
FMN C5A   C6     doub Y N 94  
FMN C5A   C9A    sing Y N 95  
FMN C6    C7     sing Y N 96  
FMN C6    H6     sing N N 97  
FMN C7    C7M    sing N N 98  
FMN C7    C8     doub Y N 99  
FMN C7M   HM71   sing N N 100 
FMN C7M   HM72   sing N N 101 
FMN C7M   HM73   sing N N 102 
FMN C8    C8M    sing N N 103 
FMN C8    C9     sing Y N 104 
FMN C8M   HM81   sing N N 105 
FMN C8M   HM82   sing N N 106 
FMN C8M   HM83   sing N N 107 
FMN C9    C9A    doub Y N 108 
FMN C9    H9     sing N N 109 
FMN C9A   N10    sing N N 110 
FMN N10   C10    sing N N 111 
FMN N10   "C1'"  sing N N 112 
FMN "C1'" "C2'"  sing N N 113 
FMN "C1'" "H1'1" sing N N 114 
FMN "C1'" "H1'2" sing N N 115 
FMN "C2'" "O2'"  sing N N 116 
FMN "C2'" "C3'"  sing N N 117 
FMN "C2'" "H2'"  sing N N 118 
FMN "O2'" "HO2'" sing N N 119 
FMN "C3'" "O3'"  sing N N 120 
FMN "C3'" "C4'"  sing N N 121 
FMN "C3'" "H3'"  sing N N 122 
FMN "O3'" "HO3'" sing N N 123 
FMN "C4'" "O4'"  sing N N 124 
FMN "C4'" "C5'"  sing N N 125 
FMN "C4'" "H4'"  sing N N 126 
FMN "O4'" "HO4'" sing N N 127 
FMN "C5'" "O5'"  sing N N 128 
FMN "C5'" "H5'1" sing N N 129 
FMN "C5'" "H5'2" sing N N 130 
FMN "O5'" P      sing N N 131 
FMN P     O1P    doub N N 132 
FMN P     O2P    sing N N 133 
FMN P     O3P    sing N N 134 
FMN O2P   HOP2   sing N N 135 
FMN O3P   HOP3   sing N N 136 
GLN N     CA     sing N N 137 
GLN N     H      sing N N 138 
GLN N     H2     sing N N 139 
GLN CA    C      sing N N 140 
GLN CA    CB     sing N N 141 
GLN CA    HA     sing N N 142 
GLN C     O      doub N N 143 
GLN C     OXT    sing N N 144 
GLN CB    CG     sing N N 145 
GLN CB    HB2    sing N N 146 
GLN CB    HB3    sing N N 147 
GLN CG    CD     sing N N 148 
GLN CG    HG2    sing N N 149 
GLN CG    HG3    sing N N 150 
GLN CD    OE1    doub N N 151 
GLN CD    NE2    sing N N 152 
GLN NE2   HE21   sing N N 153 
GLN NE2   HE22   sing N N 154 
GLN OXT   HXT    sing N N 155 
GLU N     CA     sing N N 156 
GLU N     H      sing N N 157 
GLU N     H2     sing N N 158 
GLU CA    C      sing N N 159 
GLU CA    CB     sing N N 160 
GLU CA    HA     sing N N 161 
GLU C     O      doub N N 162 
GLU C     OXT    sing N N 163 
GLU CB    CG     sing N N 164 
GLU CB    HB2    sing N N 165 
GLU CB    HB3    sing N N 166 
GLU CG    CD     sing N N 167 
GLU CG    HG2    sing N N 168 
GLU CG    HG3    sing N N 169 
GLU CD    OE1    doub N N 170 
GLU CD    OE2    sing N N 171 
GLU OE2   HE2    sing N N 172 
GLU OXT   HXT    sing N N 173 
GLY N     CA     sing N N 174 
GLY N     H      sing N N 175 
GLY N     H2     sing N N 176 
GLY CA    C      sing N N 177 
GLY CA    HA2    sing N N 178 
GLY CA    HA3    sing N N 179 
GLY C     O      doub N N 180 
GLY C     OXT    sing N N 181 
GLY OXT   HXT    sing N N 182 
HIS N     CA     sing N N 183 
HIS N     H      sing N N 184 
HIS N     H2     sing N N 185 
HIS CA    C      sing N N 186 
HIS CA    CB     sing N N 187 
HIS CA    HA     sing N N 188 
HIS C     O      doub N N 189 
HIS C     OXT    sing N N 190 
HIS CB    CG     sing N N 191 
HIS CB    HB2    sing N N 192 
HIS CB    HB3    sing N N 193 
HIS CG    ND1    sing Y N 194 
HIS CG    CD2    doub Y N 195 
HIS ND1   CE1    doub Y N 196 
HIS ND1   HD1    sing N N 197 
HIS CD2   NE2    sing Y N 198 
HIS CD2   HD2    sing N N 199 
HIS CE1   NE2    sing Y N 200 
HIS CE1   HE1    sing N N 201 
HIS NE2   HE2    sing N N 202 
HIS OXT   HXT    sing N N 203 
HOH O     H1     sing N N 204 
HOH O     H2     sing N N 205 
ILE N     CA     sing N N 206 
ILE N     H      sing N N 207 
ILE N     H2     sing N N 208 
ILE CA    C      sing N N 209 
ILE CA    CB     sing N N 210 
ILE CA    HA     sing N N 211 
ILE C     O      doub N N 212 
ILE C     OXT    sing N N 213 
ILE CB    CG1    sing N N 214 
ILE CB    CG2    sing N N 215 
ILE CB    HB     sing N N 216 
ILE CG1   CD1    sing N N 217 
ILE CG1   HG12   sing N N 218 
ILE CG1   HG13   sing N N 219 
ILE CG2   HG21   sing N N 220 
ILE CG2   HG22   sing N N 221 
ILE CG2   HG23   sing N N 222 
ILE CD1   HD11   sing N N 223 
ILE CD1   HD12   sing N N 224 
ILE CD1   HD13   sing N N 225 
ILE OXT   HXT    sing N N 226 
LEU N     CA     sing N N 227 
LEU N     H      sing N N 228 
LEU N     H2     sing N N 229 
LEU CA    C      sing N N 230 
LEU CA    CB     sing N N 231 
LEU CA    HA     sing N N 232 
LEU C     O      doub N N 233 
LEU C     OXT    sing N N 234 
LEU CB    CG     sing N N 235 
LEU CB    HB2    sing N N 236 
LEU CB    HB3    sing N N 237 
LEU CG    CD1    sing N N 238 
LEU CG    CD2    sing N N 239 
LEU CG    HG     sing N N 240 
LEU CD1   HD11   sing N N 241 
LEU CD1   HD12   sing N N 242 
LEU CD1   HD13   sing N N 243 
LEU CD2   HD21   sing N N 244 
LEU CD2   HD22   sing N N 245 
LEU CD2   HD23   sing N N 246 
LEU OXT   HXT    sing N N 247 
LYS N     CA     sing N N 248 
LYS N     H      sing N N 249 
LYS N     H2     sing N N 250 
LYS CA    C      sing N N 251 
LYS CA    CB     sing N N 252 
LYS CA    HA     sing N N 253 
LYS C     O      doub N N 254 
LYS C     OXT    sing N N 255 
LYS CB    CG     sing N N 256 
LYS CB    HB2    sing N N 257 
LYS CB    HB3    sing N N 258 
LYS CG    CD     sing N N 259 
LYS CG    HG2    sing N N 260 
LYS CG    HG3    sing N N 261 
LYS CD    CE     sing N N 262 
LYS CD    HD2    sing N N 263 
LYS CD    HD3    sing N N 264 
LYS CE    NZ     sing N N 265 
LYS CE    HE2    sing N N 266 
LYS CE    HE3    sing N N 267 
LYS NZ    HZ1    sing N N 268 
LYS NZ    HZ2    sing N N 269 
LYS NZ    HZ3    sing N N 270 
LYS OXT   HXT    sing N N 271 
MET N     CA     sing N N 272 
MET N     H      sing N N 273 
MET N     H2     sing N N 274 
MET CA    C      sing N N 275 
MET CA    CB     sing N N 276 
MET CA    HA     sing N N 277 
MET C     O      doub N N 278 
MET C     OXT    sing N N 279 
MET CB    CG     sing N N 280 
MET CB    HB2    sing N N 281 
MET CB    HB3    sing N N 282 
MET CG    SD     sing N N 283 
MET CG    HG2    sing N N 284 
MET CG    HG3    sing N N 285 
MET SD    CE     sing N N 286 
MET CE    HE1    sing N N 287 
MET CE    HE2    sing N N 288 
MET CE    HE3    sing N N 289 
MET OXT   HXT    sing N N 290 
PHE N     CA     sing N N 291 
PHE N     H      sing N N 292 
PHE N     H2     sing N N 293 
PHE CA    C      sing N N 294 
PHE CA    CB     sing N N 295 
PHE CA    HA     sing N N 296 
PHE C     O      doub N N 297 
PHE C     OXT    sing N N 298 
PHE CB    CG     sing N N 299 
PHE CB    HB2    sing N N 300 
PHE CB    HB3    sing N N 301 
PHE CG    CD1    doub Y N 302 
PHE CG    CD2    sing Y N 303 
PHE CD1   CE1    sing Y N 304 
PHE CD1   HD1    sing N N 305 
PHE CD2   CE2    doub Y N 306 
PHE CD2   HD2    sing N N 307 
PHE CE1   CZ     doub Y N 308 
PHE CE1   HE1    sing N N 309 
PHE CE2   CZ     sing Y N 310 
PHE CE2   HE2    sing N N 311 
PHE CZ    HZ     sing N N 312 
PHE OXT   HXT    sing N N 313 
PRO N     CA     sing N N 314 
PRO N     CD     sing N N 315 
PRO N     H      sing N N 316 
PRO CA    C      sing N N 317 
PRO CA    CB     sing N N 318 
PRO CA    HA     sing N N 319 
PRO C     O      doub N N 320 
PRO C     OXT    sing N N 321 
PRO CB    CG     sing N N 322 
PRO CB    HB2    sing N N 323 
PRO CB    HB3    sing N N 324 
PRO CG    CD     sing N N 325 
PRO CG    HG2    sing N N 326 
PRO CG    HG3    sing N N 327 
PRO CD    HD2    sing N N 328 
PRO CD    HD3    sing N N 329 
PRO OXT   HXT    sing N N 330 
SER N     CA     sing N N 331 
SER N     H      sing N N 332 
SER N     H2     sing N N 333 
SER CA    C      sing N N 334 
SER CA    CB     sing N N 335 
SER CA    HA     sing N N 336 
SER C     O      doub N N 337 
SER C     OXT    sing N N 338 
SER CB    OG     sing N N 339 
SER CB    HB2    sing N N 340 
SER CB    HB3    sing N N 341 
SER OG    HG     sing N N 342 
SER OXT   HXT    sing N N 343 
THR N     CA     sing N N 344 
THR N     H      sing N N 345 
THR N     H2     sing N N 346 
THR CA    C      sing N N 347 
THR CA    CB     sing N N 348 
THR CA    HA     sing N N 349 
THR C     O      doub N N 350 
THR C     OXT    sing N N 351 
THR CB    OG1    sing N N 352 
THR CB    CG2    sing N N 353 
THR CB    HB     sing N N 354 
THR OG1   HG1    sing N N 355 
THR CG2   HG21   sing N N 356 
THR CG2   HG22   sing N N 357 
THR CG2   HG23   sing N N 358 
THR OXT   HXT    sing N N 359 
TRP N     CA     sing N N 360 
TRP N     H      sing N N 361 
TRP N     H2     sing N N 362 
TRP CA    C      sing N N 363 
TRP CA    CB     sing N N 364 
TRP CA    HA     sing N N 365 
TRP C     O      doub N N 366 
TRP C     OXT    sing N N 367 
TRP CB    CG     sing N N 368 
TRP CB    HB2    sing N N 369 
TRP CB    HB3    sing N N 370 
TRP CG    CD1    doub Y N 371 
TRP CG    CD2    sing Y N 372 
TRP CD1   NE1    sing Y N 373 
TRP CD1   HD1    sing N N 374 
TRP CD2   CE2    doub Y N 375 
TRP CD2   CE3    sing Y N 376 
TRP NE1   CE2    sing Y N 377 
TRP NE1   HE1    sing N N 378 
TRP CE2   CZ2    sing Y N 379 
TRP CE3   CZ3    doub Y N 380 
TRP CE3   HE3    sing N N 381 
TRP CZ2   CH2    doub Y N 382 
TRP CZ2   HZ2    sing N N 383 
TRP CZ3   CH2    sing Y N 384 
TRP CZ3   HZ3    sing N N 385 
TRP CH2   HH2    sing N N 386 
TRP OXT   HXT    sing N N 387 
TYR N     CA     sing N N 388 
TYR N     H      sing N N 389 
TYR N     H2     sing N N 390 
TYR CA    C      sing N N 391 
TYR CA    CB     sing N N 392 
TYR CA    HA     sing N N 393 
TYR C     O      doub N N 394 
TYR C     OXT    sing N N 395 
TYR CB    CG     sing N N 396 
TYR CB    HB2    sing N N 397 
TYR CB    HB3    sing N N 398 
TYR CG    CD1    doub Y N 399 
TYR CG    CD2    sing Y N 400 
TYR CD1   CE1    sing Y N 401 
TYR CD1   HD1    sing N N 402 
TYR CD2   CE2    doub Y N 403 
TYR CD2   HD2    sing N N 404 
TYR CE1   CZ     doub Y N 405 
TYR CE1   HE1    sing N N 406 
TYR CE2   CZ     sing Y N 407 
TYR CE2   HE2    sing N N 408 
TYR CZ    OH     sing N N 409 
TYR OH    HH     sing N N 410 
TYR OXT   HXT    sing N N 411 
VAL N     CA     sing N N 412 
VAL N     H      sing N N 413 
VAL N     H2     sing N N 414 
VAL CA    C      sing N N 415 
VAL CA    CB     sing N N 416 
VAL CA    HA     sing N N 417 
VAL C     O      doub N N 418 
VAL C     OXT    sing N N 419 
VAL CB    CG1    sing N N 420 
VAL CB    CG2    sing N N 421 
VAL CB    HB     sing N N 422 
VAL CG1   HG11   sing N N 423 
VAL CG1   HG12   sing N N 424 
VAL CG1   HG13   sing N N 425 
VAL CG2   HG21   sing N N 426 
VAL CG2   HG22   sing N N 427 
VAL CG2   HG23   sing N N 428 
VAL OXT   HXT    sing N N 429 
# 
_atom_sites.entry_id                    1B1C 
_atom_sites.fract_transf_matrix[1][1]   0.00614946 
_atom_sites.fract_transf_matrix[1][2]   0.00966284 
_atom_sites.fract_transf_matrix[1][3]   -0.02384698 
_atom_sites.fract_transf_matrix[2][1]   0.01233986 
_atom_sites.fract_transf_matrix[2][2]   0.01254338 
_atom_sites.fract_transf_matrix[2][3]   0.00826470 
_atom_sites.fract_transf_matrix[3][1]   0.01687487 
_atom_sites.fract_transf_matrix[3][2]   -0.01190648 
_atom_sites.fract_transf_matrix[3][3]   -0.00712501 
_atom_sites.fract_transf_vector[1]      0.436134 
_atom_sites.fract_transf_vector[2]      0.198024 
_atom_sites.fract_transf_vector[3]      0.262223 
# 
loop_
_atom_type.symbol 
C  
CA 
N  
O  
P  
S  
# 
loop_
_atom_site.group_PDB 
_atom_site.id 
_atom_site.type_symbol 
_atom_site.label_atom_id 
_atom_site.label_alt_id 
_atom_site.label_comp_id 
_atom_site.label_asym_id 
_atom_site.label_entity_id 
_atom_site.label_seq_id 
_atom_site.pdbx_PDB_ins_code 
_atom_site.Cartn_x 
_atom_site.Cartn_y 
_atom_site.Cartn_z 
_atom_site.occupancy 
_atom_site.B_iso_or_equiv 
_atom_site.pdbx_formal_charge 
_atom_site.auth_seq_id 
_atom_site.auth_comp_id 
_atom_site.auth_asym_id 
_atom_site.auth_atom_id 
_atom_site.pdbx_PDB_model_num 
ATOM   1    N  N     . SER A 1 7   ? 11.880  -15.417 0.408   1.00 35.34 ? 7   SER A N     1 
ATOM   2    C  CA    . SER A 1 7   ? 10.739  -16.343 0.627   1.00 34.19 ? 7   SER A CA    1 
ATOM   3    C  C     . SER A 1 7   ? 9.482   -15.554 1.044   1.00 32.85 ? 7   SER A C     1 
ATOM   4    O  O     . SER A 1 7   ? 8.716   -15.095 0.189   1.00 34.47 ? 7   SER A O     1 
ATOM   5    C  CB    . SER A 1 7   ? 11.130  -17.389 1.684   1.00 35.51 ? 7   SER A CB    1 
ATOM   6    O  OG    . SER A 1 7   ? 11.872  -16.791 2.741   1.00 37.24 ? 7   SER A OG    1 
ATOM   7    N  N     . SER A 1 8   ? 9.289   -15.354 2.341   1.00 28.96 ? 8   SER A N     1 
ATOM   8    C  CA    . SER A 1 8   ? 8.126   -14.628 2.829   1.00 25.16 ? 8   SER A CA    1 
ATOM   9    C  C     . SER A 1 8   ? 8.514   -13.214 3.224   1.00 22.76 ? 8   SER A C     1 
ATOM   10   O  O     . SER A 1 8   ? 9.517   -13.024 3.907   1.00 21.75 ? 8   SER A O     1 
ATOM   11   C  CB    . SER A 1 8   ? 7.563   -15.351 4.048   1.00 25.01 ? 8   SER A CB    1 
ATOM   12   O  OG    . SER A 1 8   ? 6.776   -14.485 4.843   1.00 24.13 ? 8   SER A OG    1 
ATOM   13   N  N     . PHE A 1 9   ? 7.704   -12.229 2.850   1.00 20.18 ? 9   PHE A N     1 
ATOM   14   C  CA    . PHE A 1 9   ? 8.016   -10.849 3.222   1.00 17.70 ? 9   PHE A CA    1 
ATOM   15   C  C     . PHE A 1 9   ? 7.891   -10.609 4.743   1.00 16.94 ? 9   PHE A C     1 
ATOM   16   O  O     . PHE A 1 9   ? 8.575   -9.748  5.297   1.00 15.07 ? 9   PHE A O     1 
ATOM   17   C  CB    . PHE A 1 9   ? 7.166   -9.842  2.424   1.00 15.77 ? 9   PHE A CB    1 
ATOM   18   C  CG    . PHE A 1 9   ? 5.689   -9.879  2.741   1.00 15.14 ? 9   PHE A CG    1 
ATOM   19   C  CD1   . PHE A 1 9   ? 5.166   -9.131  3.798   1.00 14.14 ? 9   PHE A CD1   1 
ATOM   20   C  CD2   . PHE A 1 9   ? 4.808   -10.598 1.931   1.00 13.64 ? 9   PHE A CD2   1 
ATOM   21   C  CE1   . PHE A 1 9   ? 3.783   -9.087  4.040   1.00 14.44 ? 9   PHE A CE1   1 
ATOM   22   C  CE2   . PHE A 1 9   ? 3.443   -10.560 2.161   1.00 13.50 ? 9   PHE A CE2   1 
ATOM   23   C  CZ    . PHE A 1 9   ? 2.924   -9.801  3.217   1.00 13.98 ? 9   PHE A CZ    1 
ATOM   24   N  N     . VAL A 1 10  ? 7.053   -11.389 5.420   1.00 15.88 ? 10  VAL A N     1 
ATOM   25   C  CA    . VAL A 1 10  ? 6.880   -11.226 6.859   1.00 15.43 ? 10  VAL A CA    1 
ATOM   26   C  C     . VAL A 1 10  ? 8.149   -11.702 7.552   1.00 16.22 ? 10  VAL A C     1 
ATOM   27   O  O     . VAL A 1 10  ? 8.623   -11.084 8.510   1.00 16.48 ? 10  VAL A O     1 
ATOM   28   C  CB    . VAL A 1 10  ? 5.660   -12.005 7.367   1.00 16.30 ? 10  VAL A CB    1 
ATOM   29   C  CG1   . VAL A 1 10  ? 5.582   -11.954 8.892   1.00 17.02 ? 10  VAL A CG1   1 
ATOM   30   C  CG2   . VAL A 1 10  ? 4.397   -11.409 6.775   1.00 15.99 ? 10  VAL A CG2   1 
ATOM   31   N  N     . GLU A 1 11  ? 8.740   -12.759 7.013   1.00 17.79 ? 11  GLU A N     1 
ATOM   32   C  CA    . GLU A 1 11  ? 9.968   -13.324 7.557   1.00 20.20 ? 11  GLU A CA    1 
ATOM   33   C  C     . GLU A 1 11  ? 11.118  -12.327 7.345   1.00 19.84 ? 11  GLU A C     1 
ATOM   34   O  O     . GLU A 1 11  ? 11.948  -12.122 8.229   1.00 18.96 ? 11  GLU A O     1 
ATOM   35   C  CB    . GLU A 1 11  ? 10.273  -14.649 6.861   1.00 23.74 ? 11  GLU A CB    1 
ATOM   36   C  CG    . GLU A 1 11  ? 11.107  -15.617 7.678   1.00 31.23 ? 11  GLU A CG    1 
ATOM   37   C  CD    . GLU A 1 11  ? 10.393  -16.147 8.932   1.00 35.35 ? 11  GLU A CD    1 
ATOM   38   O  OE1   . GLU A 1 11  ? 9.182   -15.882 9.143   1.00 36.67 ? 11  GLU A OE1   1 
ATOM   39   O  OE2   . GLU A 1 11  ? 11.065  -16.850 9.715   1.00 38.37 ? 11  GLU A OE2   1 
ATOM   40   N  N     . LYS A 1 12  ? 11.140  -11.684 6.187   1.00 18.96 ? 12  LYS A N     1 
ATOM   41   C  CA    . LYS A 1 12  ? 12.167  -10.694 5.879   1.00 19.46 ? 12  LYS A CA    1 
ATOM   42   C  C     . LYS A 1 12  ? 12.069  -9.499  6.837   1.00 17.99 ? 12  LYS A C     1 
ATOM   43   O  O     . LYS A 1 12  ? 13.088  -9.033  7.360   1.00 17.08 ? 12  LYS A O     1 
ATOM   44   C  CB    . LYS A 1 12  ? 12.042  -10.234 4.418   1.00 21.81 ? 12  LYS A CB    1 
ATOM   45   C  CG    . LYS A 1 12  ? 13.159  -9.293  3.968   1.00 27.24 ? 12  LYS A CG    1 
ATOM   46   C  CD    . LYS A 1 12  ? 13.242  -9.131  2.445   1.00 31.55 ? 12  LYS A CD    1 
ATOM   47   C  CE    . LYS A 1 12  ? 13.790  -10.378 1.727   1.00 34.42 ? 12  LYS A CE    1 
ATOM   48   N  NZ    . LYS A 1 12  ? 12.825  -11.521 1.666   1.00 36.03 ? 12  LYS A NZ    1 
ATOM   49   N  N     . MET A 1 13  ? 10.847  -9.018  7.073   1.00 16.68 ? 13  MET A N     1 
ATOM   50   C  CA    . MET A 1 13  ? 10.595  -7.901  7.983   1.00 16.91 ? 13  MET A CA    1 
ATOM   51   C  C     . MET A 1 13  ? 11.055  -8.251  9.409   1.00 19.09 ? 13  MET A C     1 
ATOM   52   O  O     . MET A 1 13  ? 11.680  -7.435  10.081  1.00 18.35 ? 13  MET A O     1 
ATOM   53   C  CB    . MET A 1 13  ? 9.109   -7.553  8.026   1.00 15.01 ? 13  MET A CB    1 
ATOM   54   C  CG    . MET A 1 13  ? 8.485   -7.084  6.711   1.00 11.19 ? 13  MET A CG    1 
ATOM   55   S  SD    . MET A 1 13  ? 6.706   -6.780  6.883   1.00 12.38 ? 13  MET A SD    1 
ATOM   56   C  CE    . MET A 1 13  ? 6.583   -5.505  8.100   1.00 10.65 ? 13  MET A CE    1 
ATOM   57   N  N     . LYS A 1 14  ? 10.705  -9.449  9.876   1.00 20.93 ? 14  LYS A N     1 
ATOM   58   C  CA    . LYS A 1 14  ? 11.086  -9.923  11.208  1.00 22.93 ? 14  LYS A CA    1 
ATOM   59   C  C     . LYS A 1 14  ? 12.602  -9.962  11.412  1.00 22.84 ? 14  LYS A C     1 
ATOM   60   O  O     . LYS A 1 14  ? 13.100  -9.483  12.432  1.00 22.85 ? 14  LYS A O     1 
ATOM   61   C  CB    . LYS A 1 14  ? 10.507  -11.317 11.461  1.00 24.58 ? 14  LYS A CB    1 
ATOM   62   C  CG    . LYS A 1 14  ? 9.096   -11.300 12.017  1.00 28.82 ? 14  LYS A CG    1 
ATOM   63   C  CD    . LYS A 1 14  ? 8.400   -12.655 11.890  1.00 32.35 ? 14  LYS A CD    1 
ATOM   64   C  CE    . LYS A 1 14  ? 9.222   -13.800 12.460  1.00 33.91 ? 14  LYS A CE    1 
ATOM   65   N  NZ    . LYS A 1 14  ? 8.541   -15.113 12.221  1.00 36.95 ? 14  LYS A NZ    1 
ATOM   66   N  N     . LYS A 1 15  ? 13.327  -10.518 10.444  1.00 22.21 ? 15  LYS A N     1 
ATOM   67   C  CA    . LYS A 1 15  ? 14.774  -10.618 10.548  1.00 23.52 ? 15  LYS A CA    1 
ATOM   68   C  C     . LYS A 1 15  ? 15.542  -9.317  10.319  1.00 22.78 ? 15  LYS A C     1 
ATOM   69   O  O     . LYS A 1 15  ? 16.718  -9.238  10.652  1.00 23.79 ? 15  LYS A O     1 
ATOM   70   C  CB    . LYS A 1 15  ? 15.331  -11.734 9.647   1.00 26.43 ? 15  LYS A CB    1 
ATOM   71   C  CG    . LYS A 1 15  ? 15.427  -11.405 8.167   1.00 31.36 ? 15  LYS A CG    1 
ATOM   72   C  CD    . LYS A 1 15  ? 15.969  -12.600 7.372   1.00 34.92 ? 15  LYS A CD    1 
ATOM   73   C  CE    . LYS A 1 15  ? 15.885  -12.382 5.846   1.00 36.55 ? 15  LYS A CE    1 
ATOM   74   N  NZ    . LYS A 1 15  ? 16.691  -11.223 5.337   1.00 36.83 ? 15  LYS A NZ    1 
ATOM   75   N  N     . THR A 1 16  ? 14.897  -8.295  9.770   1.00 21.07 ? 16  THR A N     1 
ATOM   76   C  CA    . THR A 1 16  ? 15.591  -7.032  9.535   1.00 19.40 ? 16  THR A CA    1 
ATOM   77   C  C     . THR A 1 16  ? 15.035  -5.909  10.392  1.00 18.80 ? 16  THR A C     1 
ATOM   78   O  O     . THR A 1 16  ? 15.379  -4.739  10.206  1.00 20.16 ? 16  THR A O     1 
ATOM   79   C  CB    . THR A 1 16  ? 15.576  -6.631  8.047   1.00 18.42 ? 16  THR A CB    1 
ATOM   80   O  OG1   . THR A 1 16  ? 14.226  -6.406  7.617   1.00 17.78 ? 16  THR A OG1   1 
ATOM   81   C  CG2   . THR A 1 16  ? 16.180  -7.736  7.206   1.00 17.53 ? 16  THR A CG2   1 
ATOM   82   N  N     . GLY A 1 17  ? 14.159  -6.266  11.324  1.00 16.89 ? 17  GLY A N     1 
ATOM   83   C  CA    . GLY A 1 17  ? 13.573  -5.292  12.221  1.00 15.12 ? 17  GLY A CA    1 
ATOM   84   C  C     . GLY A 1 17  ? 12.546  -4.317  11.677  1.00 14.64 ? 17  GLY A C     1 
ATOM   85   O  O     . GLY A 1 17  ? 12.295  -3.292  12.304  1.00 14.47 ? 17  GLY A O     1 
ATOM   86   N  N     . ARG A 1 18  ? 11.945  -4.607  10.528  1.00 13.68 ? 18  ARG A N     1 
ATOM   87   C  CA    . ARG A 1 18  ? 10.935  -3.706  9.979   1.00 13.37 ? 18  ARG A CA    1 
ATOM   88   C  C     . ARG A 1 18  ? 9.517   -4.026  10.460  1.00 12.83 ? 18  ARG A C     1 
ATOM   89   O  O     . ARG A 1 18  ? 9.159   -5.197  10.601  1.00 12.52 ? 18  ARG A O     1 
ATOM   90   C  CB    . ARG A 1 18  ? 10.952  -3.758  8.457   1.00 13.34 ? 18  ARG A CB    1 
ATOM   91   C  CG    . ARG A 1 18  ? 11.915  -2.823  7.804   1.00 13.47 ? 18  ARG A CG    1 
ATOM   92   C  CD    . ARG A 1 18  ? 13.309  -3.351  7.892   1.00 15.05 ? 18  ARG A CD    1 
ATOM   93   N  NE    . ARG A 1 18  ? 14.201  -2.553  7.062   1.00 15.39 ? 18  ARG A NE    1 
ATOM   94   C  CZ    . ARG A 1 18  ? 14.906  -3.019  6.039   1.00 15.07 ? 18  ARG A CZ    1 
ATOM   95   N  NH1   . ARG A 1 18  ? 14.843  -4.301  5.699   1.00 13.03 ? 18  ARG A NH1   1 
ATOM   96   N  NH2   . ARG A 1 18  ? 15.676  -2.182  5.347   1.00 14.48 ? 18  ARG A NH2   1 
ATOM   97   N  N     . ASN A 1 19  ? 8.709   -3.000  10.704  1.00 11.70 ? 19  ASN A N     1 
ATOM   98   C  CA    . ASN A 1 19  ? 7.318   -3.224  11.108  1.00 12.33 ? 19  ASN A CA    1 
ATOM   99   C  C     . ASN A 1 19  ? 6.379   -2.613  10.057  1.00 13.09 ? 19  ASN A C     1 
ATOM   100  O  O     . ASN A 1 19  ? 5.155   -2.825  10.086  1.00 13.87 ? 19  ASN A O     1 
ATOM   101  C  CB    . ASN A 1 19  ? 7.013   -2.644  12.502  1.00 12.30 ? 19  ASN A CB    1 
ATOM   102  C  CG    . ASN A 1 19  ? 7.063   -1.144  12.533  1.00 12.49 ? 19  ASN A CG    1 
ATOM   103  O  OD1   . ASN A 1 19  ? 6.051   -0.481  12.715  1.00 14.40 ? 19  ASN A OD1   1 
ATOM   104  N  ND2   . ASN A 1 19  ? 8.244   -0.593  12.321  1.00 12.16 ? 19  ASN A ND2   1 
ATOM   105  N  N     . ILE A 1 20  ? 6.957   -1.887  9.103   1.00 12.23 ? 20  ILE A N     1 
ATOM   106  C  CA    . ILE A 1 20  ? 6.166   -1.262  8.050   1.00 11.89 ? 20  ILE A CA    1 
ATOM   107  C  C     . ILE A 1 20  ? 6.679   -1.729  6.705   1.00 11.04 ? 20  ILE A C     1 
ATOM   108  O  O     . ILE A 1 20  ? 7.886   -1.819  6.501   1.00 11.42 ? 20  ILE A O     1 
ATOM   109  C  CB    . ILE A 1 20  ? 6.226   0.271   8.143   1.00 12.62 ? 20  ILE A CB    1 
ATOM   110  C  CG1   . ILE A 1 20  ? 5.538   0.724   9.432   1.00 12.31 ? 20  ILE A CG1   1 
ATOM   111  C  CG2   . ILE A 1 20  ? 5.539   0.907   6.932   1.00 12.73 ? 20  ILE A CG2   1 
ATOM   112  C  CD1   . ILE A 1 20  ? 5.625   2.181   9.689   1.00 15.15 ? 20  ILE A CD1   1 
ATOM   113  N  N     . ILE A 1 21  ? 5.768   -2.135  5.825   1.00 10.18 ? 21  ILE A N     1 
ATOM   114  C  CA    . ILE A 1 21  ? 6.161   -2.581  4.490   1.00 10.50 ? 21  ILE A CA    1 
ATOM   115  C  C     . ILE A 1 21  ? 5.280   -1.826  3.495   1.00 9.74  ? 21  ILE A C     1 
ATOM   116  O  O     . ILE A 1 21  ? 4.083   -1.648  3.729   1.00 9.40  ? 21  ILE A O     1 
ATOM   117  C  CB    . ILE A 1 21  ? 6.071   -4.134  4.331   1.00 11.99 ? 21  ILE A CB    1 
ATOM   118  C  CG1   . ILE A 1 21  ? 6.618   -4.568  2.966   1.00 11.14 ? 21  ILE A CG1   1 
ATOM   119  C  CG2   . ILE A 1 21  ? 4.639   -4.630  4.599   1.00 13.24 ? 21  ILE A CG2   1 
ATOM   120  C  CD1   . ILE A 1 21  ? 6.812   -6.069  2.824   1.00 10.98 ? 21  ILE A CD1   1 
ATOM   121  N  N     . VAL A 1 22  ? 5.907   -1.271  2.460   1.00 9.57  ? 22  VAL A N     1 
ATOM   122  C  CA    . VAL A 1 22  ? 5.189   -0.497  1.454   1.00 9.86  ? 22  VAL A CA    1 
ATOM   123  C  C     . VAL A 1 22  ? 5.334   -1.150  0.075   1.00 9.00  ? 22  VAL A C     1 
ATOM   124  O  O     . VAL A 1 22  ? 6.440   -1.251  -0.466  1.00 8.39  ? 22  VAL A O     1 
ATOM   125  C  CB    . VAL A 1 22  ? 5.705   0.963   1.388   1.00 9.47  ? 22  VAL A CB    1 
ATOM   126  C  CG1   . VAL A 1 22  ? 4.749   1.829   0.529   1.00 8.90  ? 22  VAL A CG1   1 
ATOM   127  C  CG2   . VAL A 1 22  ? 5.836   1.535   2.799   1.00 9.84  ? 22  VAL A CG2   1 
ATOM   128  N  N     . PHE A 1 23  ? 4.213   -1.640  -0.452  1.00 9.58  ? 23  PHE A N     1 
ATOM   129  C  CA    . PHE A 1 23  ? 4.199   -2.298  -1.759  1.00 9.77  ? 23  PHE A CA    1 
ATOM   130  C  C     . PHE A 1 23  ? 3.850   -1.272  -2.822  1.00 8.86  ? 23  PHE A C     1 
ATOM   131  O  O     . PHE A 1 23  ? 3.004   -0.392  -2.602  1.00 9.72  ? 23  PHE A O     1 
ATOM   132  C  CB    . PHE A 1 23  ? 3.156   -3.417  -1.794  1.00 9.73  ? 23  PHE A CB    1 
ATOM   133  C  CG    . PHE A 1 23  ? 3.517   -4.617  -0.969  1.00 8.99  ? 23  PHE A CG    1 
ATOM   134  C  CD1   . PHE A 1 23  ? 4.492   -5.496  -1.400  1.00 8.96  ? 23  PHE A CD1   1 
ATOM   135  C  CD2   . PHE A 1 23  ? 2.828   -4.896  0.208   1.00 8.69  ? 23  PHE A CD2   1 
ATOM   136  C  CE1   . PHE A 1 23  ? 4.787   -6.662  -0.677  1.00 10.52 ? 23  PHE A CE1   1 
ATOM   137  C  CE2   . PHE A 1 23  ? 3.105   -6.047  0.941   1.00 9.73  ? 23  PHE A CE2   1 
ATOM   138  C  CZ    . PHE A 1 23  ? 4.090   -6.938  0.496   1.00 9.09  ? 23  PHE A CZ    1 
ATOM   139  N  N     . TYR A 1 24  ? 4.496   -1.391  -3.972  1.00 9.63  ? 24  TYR A N     1 
ATOM   140  C  CA    . TYR A 1 24  ? 4.251   -0.472  -5.064  1.00 9.55  ? 24  TYR A CA    1 
ATOM   141  C  C     . TYR A 1 24  ? 3.805   -1.166  -6.340  1.00 9.82  ? 24  TYR A C     1 
ATOM   142  O  O     . TYR A 1 24  ? 4.384   -2.193  -6.748  1.00 10.21 ? 24  TYR A O     1 
ATOM   143  C  CB    . TYR A 1 24  ? 5.503   0.379   -5.346  1.00 9.95  ? 24  TYR A CB    1 
ATOM   144  C  CG    . TYR A 1 24  ? 6.781   -0.389  -5.617  1.00 10.29 ? 24  TYR A CG    1 
ATOM   145  C  CD1   . TYR A 1 24  ? 7.065   -0.887  -6.892  1.00 12.41 ? 24  TYR A CD1   1 
ATOM   146  C  CD2   . TYR A 1 24  ? 7.714   -0.611  -4.602  1.00 10.32 ? 24  TYR A CD2   1 
ATOM   147  C  CE1   . TYR A 1 24  ? 8.242   -1.593  -7.143  1.00 14.05 ? 24  TYR A CE1   1 
ATOM   148  C  CE2   . TYR A 1 24  ? 8.895   -1.308  -4.844  1.00 11.40 ? 24  TYR A CE2   1 
ATOM   149  C  CZ    . TYR A 1 24  ? 9.148   -1.800  -6.116  1.00 14.27 ? 24  TYR A CZ    1 
ATOM   150  O  OH    . TYR A 1 24  ? 10.295  -2.522  -6.359  1.00 16.96 ? 24  TYR A OH    1 
ATOM   151  N  N     . GLY A 1 25  ? 2.733   -0.633  -6.921  1.00 9.21  ? 25  GLY A N     1 
ATOM   152  C  CA    . GLY A 1 25  ? 2.219   -1.119  -8.193  1.00 10.32 ? 25  GLY A CA    1 
ATOM   153  C  C     . GLY A 1 25  ? 2.631   0.031   -9.102  1.00 10.37 ? 25  GLY A C     1 
ATOM   154  O  O     . GLY A 1 25  ? 1.997   1.091   -9.092  1.00 9.75  ? 25  GLY A O     1 
ATOM   155  N  N     . SER A 1 26  ? 3.660   -0.186  -9.910  1.00 11.26 ? 26  SER A N     1 
ATOM   156  C  CA    . SER A 1 26  ? 4.215   0.877   -10.743 1.00 12.21 ? 26  SER A CA    1 
ATOM   157  C  C     . SER A 1 26  ? 4.660   0.413   -12.125 1.00 12.20 ? 26  SER A C     1 
ATOM   158  O  O     . SER A 1 26  ? 5.159   -0.696  -12.278 1.00 11.42 ? 26  SER A O     1 
ATOM   159  C  CB    . SER A 1 26  ? 5.451   1.425   -9.999  1.00 11.68 ? 26  SER A CB    1 
ATOM   160  O  OG    . SER A 1 26  ? 6.007   2.587   -10.582 1.00 12.35 ? 26  SER A OG    1 
ATOM   161  N  N     . GLN A 1 27  ? 4.470   1.247   -13.140 1.00 13.42 ? 27  GLN A N     1 
ATOM   162  C  CA    . GLN A 1 27  ? 4.948   0.880   -14.482 1.00 17.27 ? 27  GLN A CA    1 
ATOM   163  C  C     . GLN A 1 27  ? 6.125   1.774   -14.817 1.00 17.49 ? 27  GLN A C     1 
ATOM   164  O  O     . GLN A 1 27  ? 7.178   1.297   -15.227 1.00 17.37 ? 27  GLN A O     1 
ATOM   165  C  CB    . GLN A 1 27  ? 3.888   1.093   -15.575 1.00 19.84 ? 27  GLN A CB    1 
ATOM   166  C  CG    . GLN A 1 27  ? 2.623   0.295   -15.411 1.00 27.21 ? 27  GLN A CG    1 
ATOM   167  C  CD    . GLN A 1 27  ? 2.639   -1.055  -16.106 1.00 29.23 ? 27  GLN A CD    1 
ATOM   168  O  OE1   . GLN A 1 27  ? 3.670   -1.732  -16.184 1.00 32.54 ? 27  GLN A OE1   1 
ATOM   169  N  NE2   . GLN A 1 27  ? 1.473   -1.472  -16.584 1.00 30.87 ? 27  GLN A NE2   1 
ATOM   170  N  N     . THR A 1 28  ? 5.923   3.083   -14.661 1.00 18.08 ? 28  THR A N     1 
ATOM   171  C  CA    . THR A 1 28  ? 6.966   4.051   -14.983 1.00 18.93 ? 28  THR A CA    1 
ATOM   172  C  C     . THR A 1 28  ? 7.779   4.562   -13.786 1.00 19.03 ? 28  THR A C     1 
ATOM   173  O  O     . THR A 1 28  ? 8.494   5.554   -13.900 1.00 19.67 ? 28  THR A O     1 
ATOM   174  C  CB    . THR A 1 28  ? 6.427   5.206   -15.876 1.00 17.28 ? 28  THR A CB    1 
ATOM   175  O  OG1   . THR A 1 28  ? 5.409   5.939   -15.197 1.00 18.35 ? 28  THR A OG1   1 
ATOM   176  C  CG2   . THR A 1 28  ? 5.817   4.635   -17.141 1.00 17.68 ? 28  THR A CG2   1 
ATOM   177  N  N     . GLY A 1 29  ? 7.636   3.900   -12.638 1.00 16.98 ? 29  GLY A N     1 
ATOM   178  C  CA    . GLY A 1 29  ? 8.425   4.256   -11.470 1.00 15.03 ? 29  GLY A CA    1 
ATOM   179  C  C     . GLY A 1 29  ? 7.942   5.289   -10.487 1.00 15.57 ? 29  GLY A C     1 
ATOM   180  O  O     . GLY A 1 29  ? 8.592   5.475   -9.455  1.00 15.31 ? 29  GLY A O     1 
ATOM   181  N  N     . THR A 1 30  ? 6.820   5.950   -10.753 1.00 14.94 ? 30  THR A N     1 
ATOM   182  C  CA    . THR A 1 30  ? 6.331   6.955   -9.817  1.00 15.40 ? 30  THR A CA    1 
ATOM   183  C  C     . THR A 1 30  ? 5.907   6.372   -8.470  1.00 16.14 ? 30  THR A C     1 
ATOM   184  O  O     . THR A 1 30  ? 6.288   6.895   -7.412  1.00 15.85 ? 30  THR A O     1 
ATOM   185  C  CB    . THR A 1 30  ? 5.171   7.762   -10.394 1.00 16.41 ? 30  THR A CB    1 
ATOM   186  O  OG1   . THR A 1 30  ? 5.483   8.126   -11.747 1.00 18.53 ? 30  THR A OG1   1 
ATOM   187  C  CG2   . THR A 1 30  ? 4.953   9.039   -9.570  1.00 15.12 ? 30  THR A CG2   1 
ATOM   188  N  N     . ALA A 1 31  ? 5.120   5.296   -8.505  1.00 14.49 ? 31  ALA A N     1 
ATOM   189  C  CA    . ALA A 1 31  ? 4.644   4.652   -7.281  1.00 14.22 ? 31  ALA A CA    1 
ATOM   190  C  C     . ALA A 1 31  ? 5.803   4.008   -6.504  1.00 13.50 ? 31  ALA A C     1 
ATOM   191  O  O     . ALA A 1 31  ? 5.772   3.929   -5.281  1.00 12.36 ? 31  ALA A O     1 
ATOM   192  C  CB    . ALA A 1 31  ? 3.561   3.630   -7.601  1.00 12.35 ? 31  ALA A CB    1 
ATOM   193  N  N     . GLU A 1 32  ? 6.836   3.572   -7.220  1.00 13.97 ? 32  GLU A N     1 
ATOM   194  C  CA    . GLU A 1 32  ? 8.001   2.977   -6.580  1.00 15.25 ? 32  GLU A CA    1 
ATOM   195  C  C     . GLU A 1 32  ? 8.769   4.058   -5.798  1.00 16.29 ? 32  GLU A C     1 
ATOM   196  O  O     . GLU A 1 32  ? 9.231   3.822   -4.674  1.00 14.17 ? 32  GLU A O     1 
ATOM   197  C  CB    . GLU A 1 32  ? 8.910   2.325   -7.613  1.00 15.38 ? 32  GLU A CB    1 
ATOM   198  C  CG    . GLU A 1 32  ? 10.161  1.762   -6.985  1.00 17.81 ? 32  GLU A CG    1 
ATOM   199  C  CD    . GLU A 1 32  ? 11.024  1.010   -7.965  1.00 20.71 ? 32  GLU A CD    1 
ATOM   200  O  OE1   . GLU A 1 32  ? 10.767  1.093   -9.183  1.00 23.99 ? 32  GLU A OE1   1 
ATOM   201  O  OE2   . GLU A 1 32  ? 11.969  0.327   -7.516  1.00 23.23 ? 32  GLU A OE2   1 
ATOM   202  N  N     . GLU A 1 33  ? 8.875   5.254   -6.381  1.00 16.35 ? 33  GLU A N     1 
ATOM   203  C  CA    . GLU A 1 33  ? 9.561   6.342   -5.712  1.00 18.61 ? 33  GLU A CA    1 
ATOM   204  C  C     . GLU A 1 33  ? 8.761   6.810   -4.481  1.00 17.14 ? 33  GLU A C     1 
ATOM   205  O  O     . GLU A 1 33  ? 9.332   7.043   -3.420  1.00 16.04 ? 33  GLU A O     1 
ATOM   206  C  CB    . GLU A 1 33  ? 9.822   7.485   -6.685  1.00 23.56 ? 33  GLU A CB    1 
ATOM   207  C  CG    . GLU A 1 33  ? 10.806  8.509   -6.172  1.00 30.60 ? 33  GLU A CG    1 
ATOM   208  C  CD    . GLU A 1 33  ? 10.321  9.916   -6.427  1.00 36.21 ? 33  GLU A CD    1 
ATOM   209  O  OE1   . GLU A 1 33  ? 9.529   10.423  -5.603  1.00 38.97 ? 33  GLU A OE1   1 
ATOM   210  O  OE2   . GLU A 1 33  ? 10.706  10.508  -7.464  1.00 40.53 ? 33  GLU A OE2   1 
ATOM   211  N  N     . PHE A 1 34  ? 7.443   6.918   -4.602  1.00 15.30 ? 34  PHE A N     1 
ATOM   212  C  CA    . PHE A 1 34  ? 6.626   7.301   -3.458  1.00 14.81 ? 34  PHE A CA    1 
ATOM   213  C  C     . PHE A 1 34  ? 6.765   6.252   -2.343  1.00 15.82 ? 34  PHE A C     1 
ATOM   214  O  O     . PHE A 1 34  ? 6.784   6.597   -1.158  1.00 15.05 ? 34  PHE A O     1 
ATOM   215  C  CB    . PHE A 1 34  ? 5.161   7.399   -3.849  1.00 14.02 ? 34  PHE A CB    1 
ATOM   216  C  CG    . PHE A 1 34  ? 4.828   8.603   -4.681  1.00 16.73 ? 34  PHE A CG    1 
ATOM   217  C  CD1   . PHE A 1 34  ? 5.821   9.506   -5.068  1.00 18.34 ? 34  PHE A CD1   1 
ATOM   218  C  CD2   . PHE A 1 34  ? 3.511   8.860   -5.047  1.00 17.04 ? 34  PHE A CD2   1 
ATOM   219  C  CE1   . PHE A 1 34  ? 5.500   10.648  -5.803  1.00 18.34 ? 34  PHE A CE1   1 
ATOM   220  C  CE2   . PHE A 1 34  ? 3.177   10.006  -5.784  1.00 16.50 ? 34  PHE A CE2   1 
ATOM   221  C  CZ    . PHE A 1 34  ? 4.175   10.898  -6.159  1.00 16.53 ? 34  PHE A CZ    1 
ATOM   222  N  N     . ALA A 1 35  ? 6.843   4.974   -2.727  1.00 15.77 ? 35  ALA A N     1 
ATOM   223  C  CA    . ALA A 1 35  ? 6.971   3.878   -1.767  1.00 16.15 ? 35  ALA A CA    1 
ATOM   224  C  C     . ALA A 1 35  ? 8.303   3.969   -1.018  1.00 16.69 ? 35  ALA A C     1 
ATOM   225  O  O     . ALA A 1 35  ? 8.339   3.794   0.200   1.00 15.43 ? 35  ALA A O     1 
ATOM   226  C  CB    . ALA A 1 35  ? 6.845   2.527   -2.475  1.00 14.91 ? 35  ALA A CB    1 
ATOM   227  N  N     . ASN A 1 36  ? 9.381   4.240   -1.754  1.00 17.45 ? 36  ASN A N     1 
ATOM   228  C  CA    . ASN A 1 36  ? 10.708  4.394   -1.171  1.00 18.48 ? 36  ASN A CA    1 
ATOM   229  C  C     . ASN A 1 36  ? 10.703  5.563   -0.184  1.00 18.95 ? 36  ASN A C     1 
ATOM   230  O  O     . ASN A 1 36  ? 11.284  5.464   0.900   1.00 19.09 ? 36  ASN A O     1 
ATOM   231  C  CB    . ASN A 1 36  ? 11.757  4.665   -2.249  1.00 20.44 ? 36  ASN A CB    1 
ATOM   232  C  CG    . ASN A 1 36  ? 11.990  3.471   -3.160  1.00 24.34 ? 36  ASN A CG    1 
ATOM   233  O  OD1   . ASN A 1 36  ? 11.580  2.354   -2.858  1.00 26.51 ? 36  ASN A OD1   1 
ATOM   234  N  ND2   . ASN A 1 36  ? 12.657  3.704   -4.285  1.00 27.22 ? 36  ASN A ND2   1 
ATOM   235  N  N     . ARG A 1 37  ? 10.036  6.659   -0.547  1.00 18.62 ? 37  ARG A N     1 
ATOM   236  C  CA    . ARG A 1 37  ? 9.968   7.829   0.319   1.00 18.55 ? 37  ARG A CA    1 
ATOM   237  C  C     . ARG A 1 37  ? 9.192   7.540   1.593   1.00 18.38 ? 37  ARG A C     1 
ATOM   238  O  O     . ARG A 1 37  ? 9.640   7.895   2.693   1.00 17.57 ? 37  ARG A O     1 
ATOM   239  C  CB    . ARG A 1 37  ? 9.421   9.050   -0.441  1.00 21.34 ? 37  ARG A CB    1 
ATOM   240  C  CG    . ARG A 1 37  ? 10.456  9.593   -1.452  1.00 25.13 ? 37  ARG A CG    1 
ATOM   241  C  CD    . ARG A 1 37  ? 9.892   10.508  -2.542  1.00 28.20 ? 37  ARG A CD    1 
ATOM   242  N  NE    . ARG A 1 37  ? 9.262   11.708  -2.008  1.00 29.24 ? 37  ARG A NE    1 
ATOM   243  C  CZ    . ARG A 1 37  ? 8.599   12.595  -2.740  1.00 29.83 ? 37  ARG A CZ    1 
ATOM   244  N  NH1   . ARG A 1 37  ? 8.478   12.437  -4.054  1.00 29.04 ? 37  ARG A NH1   1 
ATOM   245  N  NH2   . ARG A 1 37  ? 8.005   13.614  -2.139  1.00 30.98 ? 37  ARG A NH2   1 
ATOM   246  N  N     . LEU A 1 38  ? 8.061   6.852   1.467   1.00 16.42 ? 38  LEU A N     1 
ATOM   247  C  CA    . LEU A 1 38  ? 7.275   6.503   2.643   1.00 14.88 ? 38  LEU A CA    1 
ATOM   248  C  C     . LEU A 1 38  ? 8.041   5.563   3.560   1.00 14.49 ? 38  LEU A C     1 
ATOM   249  O  O     . LEU A 1 38  ? 8.011   5.730   4.771   1.00 14.63 ? 38  LEU A O     1 
ATOM   250  C  CB    . LEU A 1 38  ? 5.956   5.851   2.255   1.00 14.43 ? 38  LEU A CB    1 
ATOM   251  C  CG    . LEU A 1 38  ? 4.850   6.835   1.935   1.00 16.12 ? 38  LEU A CG    1 
ATOM   252  C  CD1   . LEU A 1 38  ? 3.613   6.042   1.627   1.00 18.21 ? 38  LEU A CD1   1 
ATOM   253  C  CD2   . LEU A 1 38  ? 4.607   7.796   3.101   1.00 16.44 ? 38  LEU A CD2   1 
ATOM   254  N  N     . SER A 1 39  ? 8.734   4.579   2.997   1.00 14.49 ? 39  SER A N     1 
ATOM   255  C  CA    . SER A 1 39  ? 9.467   3.631   3.833   1.00 17.15 ? 39  SER A CA    1 
ATOM   256  C  C     . SER A 1 39  ? 10.604  4.277   4.640   1.00 17.86 ? 39  SER A C     1 
ATOM   257  O  O     . SER A 1 39  ? 10.849  3.890   5.776   1.00 17.43 ? 39  SER A O     1 
ATOM   258  C  CB    . SER A 1 39  ? 9.930   2.394   3.033   1.00 16.85 ? 39  SER A CB    1 
ATOM   259  O  OG    . SER A 1 39  ? 10.695  2.710   1.887   1.00 19.41 ? 39  SER A OG    1 
ATOM   260  N  N     . LYS A 1 40  ? 11.274  5.270   4.061   1.00 19.29 ? 40  LYS A N     1 
ATOM   261  C  CA    . LYS A 1 40  ? 12.341  5.980   4.762   1.00 21.19 ? 40  LYS A CA    1 
ATOM   262  C  C     . LYS A 1 40  ? 11.728  6.845   5.873   1.00 21.23 ? 40  LYS A C     1 
ATOM   263  O  O     . LYS A 1 40  ? 12.291  6.944   6.961   1.00 22.46 ? 40  LYS A O     1 
ATOM   264  C  CB    . LYS A 1 40  ? 13.142  6.864   3.803   1.00 22.94 ? 40  LYS A CB    1 
ATOM   265  C  CG    . LYS A 1 40  ? 13.934  6.114   2.756   1.00 27.17 ? 40  LYS A CG    1 
ATOM   266  C  CD    . LYS A 1 40  ? 15.392  6.512   2.768   1.00 30.62 ? 40  LYS A CD    1 
ATOM   267  C  CE    . LYS A 1 40  ? 16.203  5.669   1.789   1.00 33.90 ? 40  LYS A CE    1 
ATOM   268  N  NZ    . LYS A 1 40  ? 17.673  5.908   1.889   1.00 36.32 ? 40  LYS A NZ    1 
ATOM   269  N  N     . ASP A 1 41  ? 10.569  7.447   5.610   1.00 20.80 ? 41  ASP A N     1 
ATOM   270  C  CA    . ASP A 1 41  ? 9.884   8.280   6.607   1.00 21.45 ? 41  ASP A CA    1 
ATOM   271  C  C     . ASP A 1 41  ? 9.695   7.557   7.920   1.00 21.86 ? 41  ASP A C     1 
ATOM   272  O  O     . ASP A 1 41  ? 9.701   8.180   8.985   1.00 21.97 ? 41  ASP A O     1 
ATOM   273  C  CB    . ASP A 1 41  ? 8.478   8.665   6.159   1.00 20.80 ? 41  ASP A CB    1 
ATOM   274  C  CG    . ASP A 1 41  ? 8.455   9.735   5.125   1.00 21.45 ? 41  ASP A CG    1 
ATOM   275  O  OD1   . ASP A 1 41  ? 9.512   10.301  4.775   1.00 21.20 ? 41  ASP A OD1   1 
ATOM   276  O  OD2   . ASP A 1 41  ? 7.337   10.015  4.661   1.00 21.64 ? 41  ASP A OD2   1 
ATOM   277  N  N     . ALA A 1 42  ? 9.438   6.257   7.841   1.00 22.09 ? 42  ALA A N     1 
ATOM   278  C  CA    . ALA A 1 42  ? 9.187   5.461   9.042   1.00 23.05 ? 42  ALA A CA    1 
ATOM   279  C  C     . ALA A 1 42  ? 10.202  5.718   10.171  1.00 23.68 ? 42  ALA A C     1 
ATOM   280  O  O     . ALA A 1 42  ? 9.819   5.868   11.336  1.00 21.80 ? 42  ALA A O     1 
ATOM   281  C  CB    . ALA A 1 42  ? 9.129   3.967   8.688   1.00 21.96 ? 42  ALA A CB    1 
ATOM   282  N  N     . HIS A 1 43  ? 11.479  5.825   9.805   1.00 25.48 ? 43  HIS A N     1 
ATOM   283  C  CA    . HIS A 1 43  ? 12.548  6.055   10.763  1.00 28.02 ? 43  HIS A CA    1 
ATOM   284  C  C     . HIS A 1 43  ? 12.410  7.369   11.531  1.00 28.86 ? 43  HIS A C     1 
ATOM   285  O  O     . HIS A 1 43  ? 12.855  7.459   12.679  1.00 27.84 ? 43  HIS A O     1 
ATOM   286  C  CB    . HIS A 1 43  ? 13.907  5.982   10.077  1.00 29.64 ? 43  HIS A CB    1 
ATOM   287  C  CG    . HIS A 1 43  ? 15.054  6.100   11.026  1.00 34.03 ? 43  HIS A CG    1 
ATOM   288  N  ND1   . HIS A 1 43  ? 16.081  7.003   10.845  1.00 34.93 ? 43  HIS A ND1   1 
ATOM   289  C  CD2   . HIS A 1 43  ? 15.337  5.430   12.172  1.00 35.43 ? 43  HIS A CD2   1 
ATOM   290  C  CE1   . HIS A 1 43  ? 16.950  6.881   11.834  1.00 36.76 ? 43  HIS A CE1   1 
ATOM   291  N  NE2   . HIS A 1 43  ? 16.521  5.934   12.654  1.00 36.72 ? 43  HIS A NE2   1 
ATOM   292  N  N     . ARG A 1 44  ? 11.799  8.374   10.904  1.00 30.94 ? 44  ARG A N     1 
ATOM   293  C  CA    . ARG A 1 44  ? 11.574  9.679   11.539  1.00 33.31 ? 44  ARG A CA    1 
ATOM   294  C  C     . ARG A 1 44  ? 10.559  9.568   12.682  1.00 32.62 ? 44  ARG A C     1 
ATOM   295  O  O     . ARG A 1 44  ? 10.435  10.479  13.500  1.00 33.03 ? 44  ARG A O     1 
ATOM   296  C  CB    . ARG A 1 44  ? 11.059  10.714  10.517  1.00 37.80 ? 44  ARG A CB    1 
ATOM   297  C  CG    . ARG A 1 44  ? 12.065  11.130  9.425   1.00 44.36 ? 44  ARG A CG    1 
ATOM   298  C  CD    . ARG A 1 44  ? 13.163  12.053  9.976   1.00 50.41 ? 44  ARG A CD    1 
ATOM   299  N  NE    . ARG A 1 44  ? 14.327  12.167  9.082   1.00 55.67 ? 44  ARG A NE    1 
ATOM   300  C  CZ    . ARG A 1 44  ? 15.599  12.013  9.465   1.00 57.44 ? 44  ARG A CZ    1 
ATOM   301  N  NH1   . ARG A 1 44  ? 15.895  11.739  10.733  1.00 58.19 ? 44  ARG A NH1   1 
ATOM   302  N  NH2   . ARG A 1 44  ? 16.581  12.111  8.572   1.00 58.31 ? 44  ARG A NH2   1 
ATOM   303  N  N     . TYR A 1 45  ? 9.834   8.455   12.743  1.00 30.91 ? 45  TYR A N     1 
ATOM   304  C  CA    . TYR A 1 45  ? 8.834   8.267   13.786  1.00 29.64 ? 45  TYR A CA    1 
ATOM   305  C  C     . TYR A 1 45  ? 9.117   7.085   14.694  1.00 28.88 ? 45  TYR A C     1 
ATOM   306  O  O     . TYR A 1 45  ? 8.206   6.546   15.317  1.00 29.27 ? 45  TYR A O     1 
ATOM   307  C  CB    . TYR A 1 45  ? 7.437   8.153   13.176  1.00 29.98 ? 45  TYR A CB    1 
ATOM   308  C  CG    . TYR A 1 45  ? 7.124   9.314   12.271  1.00 30.84 ? 45  TYR A CG    1 
ATOM   309  C  CD1   . TYR A 1 45  ? 7.475   9.278   10.919  1.00 30.80 ? 45  TYR A CD1   1 
ATOM   310  C  CD2   . TYR A 1 45  ? 6.556   10.483  12.778  1.00 31.58 ? 45  TYR A CD2   1 
ATOM   311  C  CE1   . TYR A 1 45  ? 7.278   10.376  10.100  1.00 31.75 ? 45  TYR A CE1   1 
ATOM   312  C  CE2   . TYR A 1 45  ? 6.353   11.592  11.968  1.00 31.90 ? 45  TYR A CE2   1 
ATOM   313  C  CZ    . TYR A 1 45  ? 6.720   11.534  10.632  1.00 32.49 ? 45  TYR A CZ    1 
ATOM   314  O  OH    . TYR A 1 45  ? 6.553   12.635  9.831   1.00 33.59 ? 45  TYR A OH    1 
ATOM   315  N  N     . GLY A 1 46  ? 10.381  6.688   14.773  1.00 27.76 ? 46  GLY A N     1 
ATOM   316  C  CA    . GLY A 1 46  ? 10.750  5.589   15.645  1.00 26.16 ? 46  GLY A CA    1 
ATOM   317  C  C     . GLY A 1 46  ? 10.386  4.212   15.141  1.00 25.70 ? 46  GLY A C     1 
ATOM   318  O  O     . GLY A 1 46  ? 10.434  3.246   15.901  1.00 26.68 ? 46  GLY A O     1 
ATOM   319  N  N     . MET A 1 47  ? 10.039  4.102   13.862  1.00 24.03 ? 47  MET A N     1 
ATOM   320  C  CA    . MET A 1 47  ? 9.687   2.812   13.288  1.00 22.33 ? 47  MET A CA    1 
ATOM   321  C  C     . MET A 1 47  ? 10.657  2.502   12.170  1.00 21.62 ? 47  MET A C     1 
ATOM   322  O  O     . MET A 1 47  ? 11.576  3.282   11.918  1.00 21.41 ? 47  MET A O     1 
ATOM   323  C  CB    . MET A 1 47  ? 8.247   2.839   12.788  1.00 22.58 ? 47  MET A CB    1 
ATOM   324  C  CG    . MET A 1 47  ? 7.270   3.036   13.930  1.00 24.56 ? 47  MET A CG    1 
ATOM   325  S  SD    . MET A 1 47  ? 5.566   3.173   13.461  1.00 28.49 ? 47  MET A SD    1 
ATOM   326  C  CE    . MET A 1 47  ? 5.473   4.881   12.967  1.00 29.65 ? 47  MET A CE    1 
ATOM   327  N  N     . ARG A 1 48  ? 10.506  1.347   11.534  1.00 19.98 ? 48  ARG A N     1 
ATOM   328  C  CA    . ARG A 1 48  ? 11.380  0.990   10.432  1.00 19.55 ? 48  ARG A CA    1 
ATOM   329  C  C     . ARG A 1 48  ? 10.572  0.378   9.299   1.00 18.01 ? 48  ARG A C     1 
ATOM   330  O  O     . ARG A 1 48  ? 9.735   -0.490  9.527   1.00 17.45 ? 48  ARG A O     1 
ATOM   331  C  CB    . ARG A 1 48  ? 12.474  0.025   10.880  1.00 21.39 ? 48  ARG A CB    1 
ATOM   332  C  CG    . ARG A 1 48  ? 13.706  0.710   11.460  1.00 26.29 ? 48  ARG A CG    1 
ATOM   333  C  CD    . ARG A 1 48  ? 14.957  -0.188  11.371  1.00 28.37 ? 48  ARG A CD    1 
ATOM   334  N  NE    . ARG A 1 48  ? 16.202  0.572   11.531  1.00 32.13 ? 48  ARG A NE    1 
ATOM   335  C  CZ    . ARG A 1 48  ? 16.637  1.084   12.687  1.00 32.91 ? 48  ARG A CZ    1 
ATOM   336  N  NH1   . ARG A 1 48  ? 15.931  0.917   13.801  1.00 33.50 ? 48  ARG A NH1   1 
ATOM   337  N  NH2   . ARG A 1 48  ? 17.775  1.772   12.737  1.00 32.15 ? 48  ARG A NH2   1 
ATOM   338  N  N     . GLY A 1 49  ? 10.819  0.827   8.082   1.00 16.68 ? 49  GLY A N     1 
ATOM   339  C  CA    . GLY A 1 49  ? 10.084  0.284   6.959   1.00 16.00 ? 49  GLY A CA    1 
ATOM   340  C  C     . GLY A 1 49  ? 10.935  -0.111  5.782   1.00 14.94 ? 49  GLY A C     1 
ATOM   341  O  O     . GLY A 1 49  ? 12.119  0.188   5.732   1.00 15.40 ? 49  GLY A O     1 
ATOM   342  N  N     . MET A 1 50  ? 10.330  -0.810  4.830   1.00 14.25 ? 50  MET A N     1 
ATOM   343  C  CA    . MET A 1 50  ? 11.006  -1.217  3.604   1.00 13.80 ? 50  MET A CA    1 
ATOM   344  C  C     . MET A 1 50  ? 9.956   -1.156  2.484   1.00 12.86 ? 50  MET A C     1 
ATOM   345  O  O     . MET A 1 50  ? 8.751   -1.207  2.750   1.00 11.52 ? 50  MET A O     1 
ATOM   346  C  CB    . MET A 1 50  ? 11.546  -2.633  3.737   1.00 15.02 ? 50  MET A CB    1 
ATOM   347  C  CG    . MET A 1 50  ? 10.473  -3.647  4.141   1.00 18.71 ? 50  MET A CG    1 
ATOM   348  S  SD    . MET A 1 50  ? 11.146  -5.290  4.326   1.00 22.37 ? 50  MET A SD    1 
ATOM   349  C  CE    . MET A 1 50  ? 11.016  -5.897  2.716   1.00 22.82 ? 50  MET A CE    1 
ATOM   350  N  N     . SER A 1 51  ? 10.392  -0.935  1.254   1.00 13.27 ? 51  SER A N     1 
ATOM   351  C  CA    . SER A 1 51  ? 9.450   -0.907  0.135   1.00 14.79 ? 51  SER A CA    1 
ATOM   352  C  C     . SER A 1 51  ? 9.621   -2.267  -0.546  1.00 14.84 ? 51  SER A C     1 
ATOM   353  O  O     . SER A 1 51  ? 10.669  -2.913  -0.389  1.00 14.95 ? 51  SER A O     1 
ATOM   354  C  CB    . SER A 1 51  ? 9.766   0.245   -0.835  1.00 15.80 ? 51  SER A CB    1 
ATOM   355  O  OG    . SER A 1 51  ? 11.000  0.036   -1.496  1.00 18.92 ? 51  SER A OG    1 
ATOM   356  N  N     . ALA A 1 52  ? 8.608   -2.733  -1.271  1.00 14.45 ? 52  ALA A N     1 
ATOM   357  C  CA    . ALA A 1 52  ? 8.724   -4.033  -1.931  1.00 11.52 ? 52  ALA A CA    1 
ATOM   358  C  C     . ALA A 1 52  ? 7.843   -4.108  -3.160  1.00 10.89 ? 52  ALA A C     1 
ATOM   359  O  O     . ALA A 1 52  ? 6.819   -3.424  -3.257  1.00 8.26  ? 52  ALA A O     1 
ATOM   360  C  CB    . ALA A 1 52  ? 8.356   -5.174  -0.953  1.00 11.83 ? 52  ALA A CB    1 
ATOM   361  N  N     . ASP A 1 53  ? 8.300   -4.909  -4.113  1.00 10.75 ? 53  ASP A N     1 
ATOM   362  C  CA    . ASP A 1 53  ? 7.598   -5.166  -5.363  1.00 11.01 ? 53  ASP A CA    1 
ATOM   363  C  C     . ASP A 1 53  ? 6.695   -6.344  -5.018  1.00 11.29 ? 53  ASP A C     1 
ATOM   364  O  O     . ASP A 1 53  ? 7.191   -7.444  -4.747  1.00 13.30 ? 53  ASP A O     1 
ATOM   365  C  CB    . ASP A 1 53  ? 8.614   -5.618  -6.406  1.00 11.18 ? 53  ASP A CB    1 
ATOM   366  C  CG    . ASP A 1 53  ? 7.993   -5.886  -7.751  1.00 11.50 ? 53  ASP A CG    1 
ATOM   367  O  OD1   . ASP A 1 53  ? 6.756   -5.832  -7.873  1.00 11.19 ? 53  ASP A OD1   1 
ATOM   368  O  OD2   . ASP A 1 53  ? 8.759   -6.167  -8.680  1.00 14.78 ? 53  ASP A OD2   1 
ATOM   369  N  N     . PRO A 1 54  ? 5.368   -6.149  -5.051  1.00 11.54 ? 54  PRO A N     1 
ATOM   370  C  CA    . PRO A 1 54  ? 4.485   -7.273  -4.710  1.00 11.93 ? 54  PRO A CA    1 
ATOM   371  C  C     . PRO A 1 54  ? 4.682   -8.512  -5.577  1.00 14.03 ? 54  PRO A C     1 
ATOM   372  O  O     . PRO A 1 54  ? 4.559   -9.636  -5.082  1.00 15.24 ? 54  PRO A O     1 
ATOM   373  C  CB    . PRO A 1 54  ? 3.077   -6.670  -4.818  1.00 9.94  ? 54  PRO A CB    1 
ATOM   374  C  CG    . PRO A 1 54  ? 3.247   -5.554  -5.795  1.00 12.19 ? 54  PRO A CG    1 
ATOM   375  C  CD    . PRO A 1 54  ? 4.593   -4.952  -5.427  1.00 10.41 ? 54  PRO A CD    1 
ATOM   376  N  N     . GLU A 1 55  ? 5.102   -8.326  -6.829  1.00 15.08 ? 55  GLU A N     1 
ATOM   377  C  CA    . GLU A 1 55  ? 5.302   -9.460  -7.728  1.00 16.54 ? 55  GLU A CA    1 
ATOM   378  C  C     . GLU A 1 55  ? 6.353   -10.434 -7.236  1.00 17.98 ? 55  GLU A C     1 
ATOM   379  O  O     . GLU A 1 55  ? 6.358   -11.588 -7.653  1.00 17.96 ? 55  GLU A O     1 
ATOM   380  C  CB    . GLU A 1 55  ? 5.644   -8.998  -9.148  1.00 16.80 ? 55  GLU A CB    1 
ATOM   381  C  CG    . GLU A 1 55  ? 5.572   -10.111 -10.186 1.00 17.91 ? 55  GLU A CG    1 
ATOM   382  C  CD    . GLU A 1 55  ? 5.602   -9.607  -11.632 1.00 19.20 ? 55  GLU A CD    1 
ATOM   383  O  OE1   . GLU A 1 55  ? 6.074   -8.481  -11.874 1.00 16.77 ? 55  GLU A OE1   1 
ATOM   384  O  OE2   . GLU A 1 55  ? 5.161   -10.352 -12.535 1.00 19.46 ? 55  GLU A OE2   1 
ATOM   385  N  N     . GLU A 1 56  ? 7.255   -9.981  -6.372  1.00 19.42 ? 56  GLU A N     1 
ATOM   386  C  CA    . GLU A 1 56  ? 8.286   -10.869 -5.861  1.00 21.65 ? 56  GLU A CA    1 
ATOM   387  C  C     . GLU A 1 56  ? 7.827   -11.677 -4.649  1.00 21.13 ? 56  GLU A C     1 
ATOM   388  O  O     . GLU A 1 56  ? 8.538   -12.565 -4.196  1.00 20.99 ? 56  GLU A O     1 
ATOM   389  C  CB    . GLU A 1 56  ? 9.553   -10.084 -5.531  1.00 24.86 ? 56  GLU A CB    1 
ATOM   390  C  CG    . GLU A 1 56  ? 10.098  -9.333  -6.737  1.00 31.53 ? 56  GLU A CG    1 
ATOM   391  C  CD    . GLU A 1 56  ? 11.423  -8.648  -6.475  1.00 35.51 ? 56  GLU A CD    1 
ATOM   392  O  OE1   . GLU A 1 56  ? 11.647  -8.170  -5.342  1.00 38.48 ? 56  GLU A OE1   1 
ATOM   393  O  OE2   . GLU A 1 56  ? 12.251  -8.588  -7.408  1.00 37.85 ? 56  GLU A OE2   1 
ATOM   394  N  N     . TYR A 1 57  ? 6.615   -11.415 -4.172  1.00 20.42 ? 57  TYR A N     1 
ATOM   395  C  CA    . TYR A 1 57  ? 6.086   -12.102 -2.999  1.00 21.45 ? 57  TYR A CA    1 
ATOM   396  C  C     . TYR A 1 57  ? 4.722   -12.745 -3.213  1.00 21.47 ? 57  TYR A C     1 
ATOM   397  O  O     . TYR A 1 57  ? 4.110   -12.645 -4.280  1.00 21.27 ? 57  TYR A O     1 
ATOM   398  C  CB    . TYR A 1 57  ? 5.982   -11.116 -1.823  1.00 21.57 ? 57  TYR A CB    1 
ATOM   399  C  CG    . TYR A 1 57  ? 7.323   -10.615 -1.373  1.00 23.76 ? 57  TYR A CG    1 
ATOM   400  C  CD1   . TYR A 1 57  ? 8.160   -11.423 -0.598  1.00 23.63 ? 57  TYR A CD1   1 
ATOM   401  C  CD2   . TYR A 1 57  ? 7.795   -9.361  -1.776  1.00 23.91 ? 57  TYR A CD2   1 
ATOM   402  C  CE1   . TYR A 1 57  ? 9.430   -11.009 -0.239  1.00 23.47 ? 57  TYR A CE1   1 
ATOM   403  C  CE2   . TYR A 1 57  ? 9.075   -8.935  -1.422  1.00 25.10 ? 57  TYR A CE2   1 
ATOM   404  C  CZ    . TYR A 1 57  ? 9.882   -9.771  -0.651  1.00 24.16 ? 57  TYR A CZ    1 
ATOM   405  O  OH    . TYR A 1 57  ? 11.139  -9.365  -0.290  1.00 24.61 ? 57  TYR A OH    1 
ATOM   406  N  N     . ASP A 1 58  ? 4.240   -13.396 -2.165  1.00 21.40 ? 58  ASP A N     1 
ATOM   407  C  CA    . ASP A 1 58  ? 2.931   -14.027 -2.188  1.00 20.01 ? 58  ASP A CA    1 
ATOM   408  C  C     . ASP A 1 58  ? 2.140   -13.236 -1.159  1.00 18.38 ? 58  ASP A C     1 
ATOM   409  O  O     . ASP A 1 58  ? 2.353   -13.403 0.048   1.00 17.28 ? 58  ASP A O     1 
ATOM   410  C  CB    . ASP A 1 58  ? 3.045   -15.491 -1.755  1.00 22.72 ? 58  ASP A CB    1 
ATOM   411  C  CG    . ASP A 1 58  ? 1.756   -16.266 -1.959  1.00 24.33 ? 58  ASP A CG    1 
ATOM   412  O  OD1   . ASP A 1 58  ? 0.658   -15.673 -1.869  1.00 24.39 ? 58  ASP A OD1   1 
ATOM   413  O  OD2   . ASP A 1 58  ? 1.853   -17.482 -2.219  1.00 27.68 ? 58  ASP A OD2   1 
ATOM   414  N  N     . LEU A 1 59  ? 1.222   -12.387 -1.614  1.00 16.28 ? 59  LEU A N     1 
ATOM   415  C  CA    . LEU A 1 59  ? 0.467   -11.586 -0.673  1.00 15.31 ? 59  LEU A CA    1 
ATOM   416  C  C     . LEU A 1 59  ? -0.493  -12.341 0.226   1.00 15.38 ? 59  LEU A C     1 
ATOM   417  O  O     . LEU A 1 59  ? -1.108  -11.769 1.132   1.00 14.56 ? 59  LEU A O     1 
ATOM   418  C  CB    . LEU A 1 59  ? -0.160  -10.371 -1.344  1.00 16.85 ? 59  LEU A CB    1 
ATOM   419  C  CG    . LEU A 1 59  ? 0.907   -9.265  -1.332  1.00 18.00 ? 59  LEU A CG    1 
ATOM   420  C  CD1   . LEU A 1 59  ? 2.047   -9.571  -2.289  1.00 17.62 ? 59  LEU A CD1   1 
ATOM   421  C  CD2   . LEU A 1 59  ? 0.294   -7.942  -1.640  1.00 20.60 ? 59  LEU A CD2   1 
ATOM   422  N  N     . ALA A 1 60  ? -0.570  -13.648 0.018   1.00 16.08 ? 60  ALA A N     1 
ATOM   423  C  CA    . ALA A 1 60  ? -1.401  -14.491 0.866   1.00 16.18 ? 60  ALA A CA    1 
ATOM   424  C  C     . ALA A 1 60  ? -0.741  -14.412 2.265   1.00 16.23 ? 60  ALA A C     1 
ATOM   425  O  O     . ALA A 1 60  ? -1.405  -14.585 3.291   1.00 15.98 ? 60  ALA A O     1 
ATOM   426  C  CB    . ALA A 1 60  ? -1.392  -15.931 0.344   1.00 15.61 ? 60  ALA A CB    1 
ATOM   427  N  N     . ASP A 1 61  ? 0.557   -14.098 2.298   1.00 15.62 ? 61  ASP A N     1 
ATOM   428  C  CA    . ASP A 1 61  ? 1.278   -13.979 3.563   1.00 16.94 ? 61  ASP A CA    1 
ATOM   429  C  C     . ASP A 1 61  ? 0.822   -12.819 4.436   1.00 16.50 ? 61  ASP A C     1 
ATOM   430  O  O     . ASP A 1 61  ? 1.262   -12.695 5.578   1.00 17.97 ? 61  ASP A O     1 
ATOM   431  C  CB    . ASP A 1 61  ? 2.786   -13.914 3.334   1.00 18.32 ? 61  ASP A CB    1 
ATOM   432  C  CG    . ASP A 1 61  ? 3.340   -15.225 2.858   1.00 20.56 ? 61  ASP A CG    1 
ATOM   433  O  OD1   . ASP A 1 61  ? 2.751   -16.262 3.217   1.00 22.94 ? 61  ASP A OD1   1 
ATOM   434  O  OD2   . ASP A 1 61  ? 4.350   -15.234 2.123   1.00 22.29 ? 61  ASP A OD2   1 
ATOM   435  N  N     . LEU A 1 62  ? -0.065  -11.974 3.917   1.00 15.29 ? 62  LEU A N     1 
ATOM   436  C  CA    . LEU A 1 62  ? -0.585  -10.874 4.704   1.00 15.73 ? 62  LEU A CA    1 
ATOM   437  C  C     . LEU A 1 62  ? -1.192  -11.389 6.016   1.00 16.46 ? 62  LEU A C     1 
ATOM   438  O  O     . LEU A 1 62  ? -1.225  -10.675 7.020   1.00 15.61 ? 62  LEU A O     1 
ATOM   439  C  CB    . LEU A 1 62  ? -1.670  -10.134 3.924   1.00 15.53 ? 62  LEU A CB    1 
ATOM   440  C  CG    . LEU A 1 62  ? -1.229  -9.155  2.842   1.00 16.48 ? 62  LEU A CG    1 
ATOM   441  C  CD1   . LEU A 1 62  ? -2.428  -8.762  2.042   1.00 15.64 ? 62  LEU A CD1   1 
ATOM   442  C  CD2   . LEU A 1 62  ? -0.611  -7.928  3.475   1.00 16.65 ? 62  LEU A CD2   1 
ATOM   443  N  N     . SER A 1 63  ? -1.715  -12.616 6.000   1.00 17.14 ? 63  SER A N     1 
ATOM   444  C  CA    . SER A 1 63  ? -2.335  -13.186 7.202   1.00 17.04 ? 63  SER A CA    1 
ATOM   445  C  C     . SER A 1 63  ? -1.304  -13.469 8.326   1.00 16.60 ? 63  SER A C     1 
ATOM   446  O  O     . SER A 1 63  ? -1.683  -13.622 9.485   1.00 15.84 ? 63  SER A O     1 
ATOM   447  C  CB    . SER A 1 63  ? -3.141  -14.444 6.843   1.00 16.32 ? 63  SER A CB    1 
ATOM   448  O  OG    . SER A 1 63  ? -2.328  -15.365 6.128   1.00 19.08 ? 63  SER A OG    1 
ATOM   449  N  N     . SER A 1 64  ? -0.015  -13.535 7.981   1.00 17.09 ? 64  SER A N     1 
ATOM   450  C  CA    . SER A 1 64  ? 1.044   -13.742 8.977   1.00 17.61 ? 64  SER A CA    1 
ATOM   451  C  C     . SER A 1 64  ? 1.551   -12.405 9.541   1.00 18.29 ? 64  SER A C     1 
ATOM   452  O  O     . SER A 1 64  ? 2.284   -12.382 10.535  1.00 19.03 ? 64  SER A O     1 
ATOM   453  C  CB    . SER A 1 64  ? 2.217   -14.497 8.373   1.00 18.44 ? 64  SER A CB    1 
ATOM   454  O  OG    . SER A 1 64  ? 1.828   -15.799 7.981   1.00 21.75 ? 64  SER A OG    1 
ATOM   455  N  N     . LEU A 1 65  ? 1.146   -11.294 8.922   1.00 17.10 ? 65  LEU A N     1 
ATOM   456  C  CA    . LEU A 1 65  ? 1.555   -9.964  9.374   1.00 16.65 ? 65  LEU A CA    1 
ATOM   457  C  C     . LEU A 1 65  ? 1.282   -9.695  10.859  1.00 15.97 ? 65  LEU A C     1 
ATOM   458  O  O     . LEU A 1 65  ? 2.094   -9.059  11.533  1.00 14.85 ? 65  LEU A O     1 
ATOM   459  C  CB    . LEU A 1 65  ? 0.905   -8.886  8.506   1.00 16.38 ? 65  LEU A CB    1 
ATOM   460  C  CG    . LEU A 1 65  ? 1.650   -7.594  8.153   1.00 17.01 ? 65  LEU A CG    1 
ATOM   461  C  CD1   . LEU A 1 65  ? 3.127   -7.827  7.865   1.00 15.39 ? 65  LEU A CD1   1 
ATOM   462  C  CD2   . LEU A 1 65  ? 0.945   -6.953  6.955   1.00 16.32 ? 65  LEU A CD2   1 
ATOM   463  N  N     . PRO A 1 66  ? 0.136   -10.160 11.397  1.00 16.40 ? 66  PRO A N     1 
ATOM   464  C  CA    . PRO A 1 66  ? -0.117  -9.900  12.828  1.00 16.23 ? 66  PRO A CA    1 
ATOM   465  C  C     . PRO A 1 66  ? 0.913   -10.479 13.839  1.00 16.26 ? 66  PRO A C     1 
ATOM   466  O  O     . PRO A 1 66  ? 0.793   -10.256 15.044  1.00 16.14 ? 66  PRO A O     1 
ATOM   467  C  CB    . PRO A 1 66  ? -1.540  -10.429 13.028  1.00 16.71 ? 66  PRO A CB    1 
ATOM   468  C  CG    . PRO A 1 66  ? -2.180  -10.118 11.708  1.00 16.75 ? 66  PRO A CG    1 
ATOM   469  C  CD    . PRO A 1 66  ? -1.110  -10.564 10.717  1.00 16.19 ? 66  PRO A CD    1 
ATOM   470  N  N     . GLU A 1 67  ? 1.907   -11.220 13.346  1.00 16.79 ? 67  GLU A N     1 
ATOM   471  C  CA    . GLU A 1 67  ? 2.989   -11.751 14.183  1.00 18.39 ? 67  GLU A CA    1 
ATOM   472  C  C     . GLU A 1 67  ? 3.958   -10.618 14.573  1.00 19.13 ? 67  GLU A C     1 
ATOM   473  O  O     . GLU A 1 67  ? 4.705   -10.742 15.538  1.00 18.23 ? 67  GLU A O     1 
ATOM   474  C  CB    . GLU A 1 67  ? 3.820   -12.760 13.402  1.00 19.53 ? 67  GLU A CB    1 
ATOM   475  C  CG    . GLU A 1 67  ? 3.202   -14.094 13.192  1.00 24.45 ? 67  GLU A CG    1 
ATOM   476  C  CD    . GLU A 1 67  ? 4.152   -15.035 12.491  1.00 27.37 ? 67  GLU A CD    1 
ATOM   477  O  OE1   . GLU A 1 67  ? 5.387   -14.833 12.591  1.00 29.23 ? 67  GLU A OE1   1 
ATOM   478  O  OE2   . GLU A 1 67  ? 3.656   -15.981 11.846  1.00 30.71 ? 67  GLU A OE2   1 
ATOM   479  N  N     . ILE A 1 68  ? 4.018   -9.573  13.744  1.00 19.00 ? 68  ILE A N     1 
ATOM   480  C  CA    . ILE A 1 68  ? 4.899   -8.425  13.952  1.00 18.53 ? 68  ILE A CA    1 
ATOM   481  C  C     . ILE A 1 68  ? 4.155   -7.324  14.707  1.00 19.20 ? 68  ILE A C     1 
ATOM   482  O  O     . ILE A 1 68  ? 3.059   -6.928  14.325  1.00 19.13 ? 68  ILE A O     1 
ATOM   483  C  CB    . ILE A 1 68  ? 5.418   -7.921  12.574  1.00 18.94 ? 68  ILE A CB    1 
ATOM   484  C  CG1   . ILE A 1 68  ? 6.375   -8.953  11.970  1.00 18.90 ? 68  ILE A CG1   1 
ATOM   485  C  CG2   . ILE A 1 68  ? 6.051   -6.549  12.685  1.00 18.41 ? 68  ILE A CG2   1 
ATOM   486  C  CD1   . ILE A 1 68  ? 6.666   -8.727  10.523  1.00 19.82 ? 68  ILE A CD1   1 
ATOM   487  N  N     . ASP A 1 69  ? 4.728   -6.860  15.814  1.00 20.34 ? 69  ASP A N     1 
ATOM   488  C  CA    . ASP A 1 69  ? 4.106   -5.806  16.609  1.00 21.64 ? 69  ASP A CA    1 
ATOM   489  C  C     . ASP A 1 69  ? 4.068   -4.499  15.824  1.00 19.68 ? 69  ASP A C     1 
ATOM   490  O  O     . ASP A 1 69  ? 5.033   -4.148  15.149  1.00 18.80 ? 69  ASP A O     1 
ATOM   491  C  CB    . ASP A 1 69  ? 4.876   -5.598  17.921  1.00 26.86 ? 69  ASP A CB    1 
ATOM   492  C  CG    . ASP A 1 69  ? 4.661   -6.732  18.909  1.00 32.18 ? 69  ASP A CG    1 
ATOM   493  O  OD1   . ASP A 1 69  ? 5.258   -7.823  18.721  1.00 34.24 ? 69  ASP A OD1   1 
ATOM   494  O  OD2   . ASP A 1 69  ? 3.876   -6.527  19.865  1.00 36.40 ? 69  ASP A OD2   1 
ATOM   495  N  N     . ASN A 1 70  ? 2.955   -3.789  15.933  1.00 18.21 ? 70  ASN A N     1 
ATOM   496  C  CA    . ASN A 1 70  ? 2.755   -2.518  15.233  1.00 18.13 ? 70  ASN A CA    1 
ATOM   497  C  C     . ASN A 1 70  ? 2.989   -2.611  13.727  1.00 16.60 ? 70  ASN A C     1 
ATOM   498  O  O     . ASN A 1 70  ? 3.507   -1.667  13.111  1.00 15.57 ? 70  ASN A O     1 
ATOM   499  C  CB    . ASN A 1 70  ? 3.629   -1.418  15.834  1.00 20.42 ? 70  ASN A CB    1 
ATOM   500  C  CG    . ASN A 1 70  ? 3.313   -1.157  17.294  1.00 23.35 ? 70  ASN A CG    1 
ATOM   501  O  OD1   . ASN A 1 70  ? 2.150   -1.032  17.683  1.00 24.35 ? 70  ASN A OD1   1 
ATOM   502  N  ND2   . ASN A 1 70  ? 4.349   -1.105  18.119  1.00 25.35 ? 70  ASN A ND2   1 
ATOM   503  N  N     . ALA A 1 71  ? 2.634   -3.758  13.146  1.00 14.06 ? 71  ALA A N     1 
ATOM   504  C  CA    . ALA A 1 71  ? 2.787   -3.961  11.713  1.00 12.03 ? 71  ALA A CA    1 
ATOM   505  C  C     . ALA A 1 71  ? 1.753   -3.112  10.955  1.00 11.14 ? 71  ALA A C     1 
ATOM   506  O  O     . ALA A 1 71  ? 0.602   -2.902  11.399  1.00 10.14 ? 71  ALA A O     1 
ATOM   507  C  CB    . ALA A 1 71  ? 2.641   -5.438  11.354  1.00 9.93  ? 71  ALA A CB    1 
ATOM   508  N  N     . LEU A 1 72  ? 2.196   -2.585  9.822   1.00 11.57 ? 72  LEU A N     1 
ATOM   509  C  CA    . LEU A 1 72  ? 1.352   -1.758  8.971   1.00 10.95 ? 72  LEU A CA    1 
ATOM   510  C  C     . LEU A 1 72  ? 1.788   -2.019  7.538   1.00 10.00 ? 72  LEU A C     1 
ATOM   511  O  O     . LEU A 1 72  ? 2.984   -2.141  7.259   1.00 10.27 ? 72  LEU A O     1 
ATOM   512  C  CB    . LEU A 1 72  ? 1.529   -0.275  9.326   1.00 10.85 ? 72  LEU A CB    1 
ATOM   513  C  CG    . LEU A 1 72  ? 0.941   0.776   8.377   1.00 12.51 ? 72  LEU A CG    1 
ATOM   514  C  CD1   . LEU A 1 72  ? -0.567  0.758   8.400   1.00 12.14 ? 72  LEU A CD1   1 
ATOM   515  C  CD2   . LEU A 1 72  ? 1.428   2.147   8.797   1.00 13.94 ? 72  LEU A CD2   1 
ATOM   516  N  N     . VAL A 1 73  ? 0.819   -2.214  6.655   1.00 9.85  ? 73  VAL A N     1 
ATOM   517  C  CA    . VAL A 1 73  ? 1.117   -2.440  5.248   1.00 10.38 ? 73  VAL A CA    1 
ATOM   518  C  C     . VAL A 1 73  ? 0.494   -1.289  4.469   1.00 8.84  ? 73  VAL A C     1 
ATOM   519  O  O     . VAL A 1 73  ? -0.661  -0.887  4.717   1.00 9.36  ? 73  VAL A O     1 
ATOM   520  C  CB    . VAL A 1 73  ? 0.612   -3.823  4.728   1.00 10.61 ? 73  VAL A CB    1 
ATOM   521  C  CG1   . VAL A 1 73  ? -0.904  -3.963  4.892   1.00 11.05 ? 73  VAL A CG1   1 
ATOM   522  C  CG2   . VAL A 1 73  ? 1.005   -4.003  3.264   1.00 11.26 ? 73  VAL A CG2   1 
ATOM   523  N  N     . VAL A 1 74  ? 1.310   -0.674  3.623   1.00 9.34  ? 74  VAL A N     1 
ATOM   524  C  CA    . VAL A 1 74  ? 0.857   0.449   2.810   1.00 10.78 ? 74  VAL A CA    1 
ATOM   525  C  C     . VAL A 1 74  ? 1.008   0.072   1.327   1.00 10.06 ? 74  VAL A C     1 
ATOM   526  O  O     . VAL A 1 74  ? 1.963   -0.624  0.937   1.00 10.02 ? 74  VAL A O     1 
ATOM   527  C  CB    . VAL A 1 74  ? 1.653   1.751   3.162   1.00 10.23 ? 74  VAL A CB    1 
ATOM   528  C  CG1   . VAL A 1 74  ? 1.154   2.931   2.344   1.00 7.91  ? 74  VAL A CG1   1 
ATOM   529  C  CG2   . VAL A 1 74  ? 1.497   2.067   4.656   1.00 10.97 ? 74  VAL A CG2   1 
ATOM   530  N  N     . PHE A 1 75  ? 0.002   0.439   0.537   1.00 10.36 ? 75  PHE A N     1 
ATOM   531  C  CA    . PHE A 1 75  ? 0.003   0.158   -0.905  1.00 11.61 ? 75  PHE A CA    1 
ATOM   532  C  C     . PHE A 1 75  ? -0.017  1.460   -1.712  1.00 9.90  ? 75  PHE A C     1 
ATOM   533  O  O     . PHE A 1 75  ? -0.912  2.288   -1.528  1.00 10.70 ? 75  PHE A O     1 
ATOM   534  C  CB    . PHE A 1 75  ? -1.251  -0.659  -1.294  1.00 10.98 ? 75  PHE A CB    1 
ATOM   535  C  CG    . PHE A 1 75  ? -1.304  -2.018  -0.668  1.00 12.10 ? 75  PHE A CG    1 
ATOM   536  C  CD1   . PHE A 1 75  ? -0.657  -3.095  -1.266  1.00 12.55 ? 75  PHE A CD1   1 
ATOM   537  C  CD2   . PHE A 1 75  ? -1.966  -2.215  0.530   1.00 12.36 ? 75  PHE A CD2   1 
ATOM   538  C  CE1   . PHE A 1 75  ? -0.664  -4.362  -0.676  1.00 12.08 ? 75  PHE A CE1   1 
ATOM   539  C  CE2   . PHE A 1 75  ? -1.977  -3.476  1.130   1.00 13.64 ? 75  PHE A CE2   1 
ATOM   540  C  CZ    . PHE A 1 75  ? -1.325  -4.545  0.523   1.00 11.54 ? 75  PHE A CZ    1 
ATOM   541  N  N     . CYS A 1 76  ? 0.967   1.635   -2.587  1.00 10.98 ? 76  CYS A N     1 
ATOM   542  C  CA    . CYS A 1 76  ? 1.039   2.819   -3.478  1.00 12.96 ? 76  CYS A CA    1 
ATOM   543  C  C     . CYS A 1 76  ? 0.795   2.208   -4.850  1.00 11.92 ? 76  CYS A C     1 
ATOM   544  O  O     . CYS A 1 76  ? 1.705   1.620   -5.435  1.00 11.67 ? 76  CYS A O     1 
ATOM   545  C  CB    . CYS A 1 76  ? 2.425   3.473   -3.424  1.00 13.45 ? 76  CYS A CB    1 
ATOM   546  S  SG    . CYS A 1 76  ? 2.719   4.294   -1.849  1.00 18.70 ? 76  CYS A SG    1 
ATOM   547  N  N     . MET A 1 77  ? -0.426  2.353   -5.356  1.00 12.58 ? 77  MET A N     1 
ATOM   548  C  CA    . MET A 1 77  ? -0.807  1.698   -6.610  1.00 12.94 ? 77  MET A CA    1 
ATOM   549  C  C     . MET A 1 77  ? -1.279  2.590   -7.743  1.00 11.64 ? 77  MET A C     1 
ATOM   550  O  O     . MET A 1 77  ? -2.261  3.310   -7.592  1.00 11.13 ? 77  MET A O     1 
ATOM   551  C  CB    . MET A 1 77  ? -1.949  0.707   -6.332  1.00 14.46 ? 77  MET A CB    1 
ATOM   552  C  CG    . MET A 1 77  ? -1.768  -0.216  -5.120  1.00 16.65 ? 77  MET A CG    1 
ATOM   553  S  SD    . MET A 1 77  ? -0.390  -1.343  -5.268  1.00 19.54 ? 77  MET A SD    1 
ATOM   554  C  CE    . MET A 1 77  ? -1.005  -2.477  -6.392  1.00 18.03 ? 77  MET A CE    1 
ATOM   555  N  N     . ALA A 1 78  ? -0.643  2.441   -8.902  1.00 12.40 ? 78  ALA A N     1 
ATOM   556  C  CA    . ALA A 1 78  ? -1.013  3.192   -10.094 1.00 12.70 ? 78  ALA A CA    1 
ATOM   557  C  C     . ALA A 1 78  ? -2.071  2.378   -10.848 1.00 13.51 ? 78  ALA A C     1 
ATOM   558  O  O     . ALA A 1 78  ? -2.126  1.145   -10.726 1.00 12.57 ? 78  ALA A O     1 
ATOM   559  C  CB    . ALA A 1 78  ? 0.213   3.411   -10.984 1.00 11.11 ? 78  ALA A CB    1 
ATOM   560  N  N     . THR A 1 79  ? -2.895  3.080   -11.624 1.00 13.07 ? 79  THR A N     1 
ATOM   561  C  CA    . THR A 1 79  ? -3.951  2.483   -12.435 1.00 13.20 ? 79  THR A CA    1 
ATOM   562  C  C     . THR A 1 79  ? -3.596  2.742   -13.896 1.00 14.11 ? 79  THR A C     1 
ATOM   563  O  O     . THR A 1 79  ? -3.252  3.864   -14.261 1.00 13.59 ? 79  THR A O     1 
ATOM   564  C  CB    . THR A 1 79  ? -5.317  3.155   -12.150 1.00 13.05 ? 79  THR A CB    1 
ATOM   565  O  OG1   . THR A 1 79  ? -5.696  2.915   -10.791 1.00 13.04 ? 79  THR A OG1   1 
ATOM   566  C  CG2   . THR A 1 79  ? -6.410  2.619   -13.068 1.00 12.01 ? 79  THR A CG2   1 
ATOM   567  N  N     . TYR A 1 80  ? -3.632  1.700   -14.719 1.00 14.65 ? 80  TYR A N     1 
ATOM   568  C  CA    . TYR A 1 80  ? -3.347  1.831   -16.144 1.00 16.85 ? 80  TYR A CA    1 
ATOM   569  C  C     . TYR A 1 80  ? -4.527  1.351   -16.991 1.00 18.53 ? 80  TYR A C     1 
ATOM   570  O  O     . TYR A 1 80  ? -5.633  1.181   -16.466 1.00 19.87 ? 80  TYR A O     1 
ATOM   571  C  CB    . TYR A 1 80  ? -2.086  1.056   -16.488 1.00 18.00 ? 80  TYR A CB    1 
ATOM   572  C  CG    . TYR A 1 80  ? -0.845  1.875   -16.259 1.00 20.44 ? 80  TYR A CG    1 
ATOM   573  C  CD1   . TYR A 1 80  ? -0.276  1.987   -14.986 1.00 21.03 ? 80  TYR A CD1   1 
ATOM   574  C  CD2   . TYR A 1 80  ? -0.280  2.611   -17.302 1.00 20.44 ? 80  TYR A CD2   1 
ATOM   575  C  CE1   . TYR A 1 80  ? 0.828   2.827   -14.758 1.00 20.80 ? 80  TYR A CE1   1 
ATOM   576  C  CE2   . TYR A 1 80  ? 0.819   3.449   -17.089 1.00 21.70 ? 80  TYR A CE2   1 
ATOM   577  C  CZ    . TYR A 1 80  ? 1.368   3.552   -15.820 1.00 21.92 ? 80  TYR A CZ    1 
ATOM   578  O  OH    . TYR A 1 80  ? 2.466   4.355   -15.639 1.00 21.47 ? 80  TYR A OH    1 
ATOM   579  N  N     . GLY A 1 81  ? -4.301  1.190   -18.296 1.00 19.86 ? 81  GLY A N     1 
ATOM   580  C  CA    . GLY A 1 81  ? -5.314  0.687   -19.220 1.00 22.12 ? 81  GLY A CA    1 
ATOM   581  C  C     . GLY A 1 81  ? -6.797  0.914   -18.998 1.00 23.70 ? 81  GLY A C     1 
ATOM   582  O  O     . GLY A 1 81  ? -7.272  2.040   -18.959 1.00 26.41 ? 81  GLY A O     1 
ATOM   583  N  N     . GLU A 1 82  ? -7.571  -0.149  -18.926 1.00 26.12 ? 82  GLU A N     1 
ATOM   584  C  CA    . GLU A 1 82  ? -9.004  0.031   -18.721 1.00 26.05 ? 82  GLU A CA    1 
ATOM   585  C  C     . GLU A 1 82  ? -9.358  -0.023  -17.239 1.00 25.60 ? 82  GLU A C     1 
ATOM   586  O  O     . GLU A 1 82  ? -10.340 -0.613  -16.846 1.00 25.99 ? 82  GLU A O     1 
ATOM   587  C  CB    . GLU A 1 82  ? -9.792  -1.026  -19.497 1.00 27.42 ? 82  GLU A CB    1 
ATOM   588  C  CG    . GLU A 1 82  ? -9.573  -0.982  -21.001 1.00 20.00 ? 82  GLU A CG    1 
ATOM   589  C  CD    . GLU A 1 82  ? -9.988  0.341   -21.613 1.00 20.00 ? 82  GLU A CD    1 
ATOM   590  O  OE1   . GLU A 1 82  ? -10.461 1.220   -20.862 1.00 20.00 ? 82  GLU A OE1   1 
ATOM   591  O  OE2   . GLU A 1 82  ? -9.839  0.498   -22.843 1.00 20.00 ? 82  GLU A OE2   1 
ATOM   592  N  N     . GLY A 1 83  ? -8.531  0.666   -16.448 1.00 25.16 ? 83  GLY A N     1 
ATOM   593  C  CA    . GLY A 1 83  ? -8.692  0.614   -15.005 1.00 22.72 ? 83  GLY A CA    1 
ATOM   594  C  C     . GLY A 1 83  ? -7.945  -0.632  -14.516 1.00 21.77 ? 83  GLY A C     1 
ATOM   595  O  O     . GLY A 1 83  ? -8.247  -1.170  -13.457 1.00 22.10 ? 83  GLY A O     1 
ATOM   596  N  N     . ASP A 1 84  ? -6.956  -1.078  -15.288 1.00 20.47 ? 84  ASP A N     1 
ATOM   597  C  CA    . ASP A 1 84  ? -6.183  -2.269  -14.959 1.00 20.41 ? 84  ASP A CA    1 
ATOM   598  C  C     . ASP A 1 84  ? -5.025  -2.004  -14.011 1.00 19.33 ? 84  ASP A C     1 
ATOM   599  O  O     . ASP A 1 84  ? -4.573  -0.861  -13.845 1.00 18.02 ? 84  ASP A O     1 
ATOM   600  C  CB    . ASP A 1 84  ? -5.579  -2.903  -16.221 1.00 22.84 ? 84  ASP A CB    1 
ATOM   601  C  CG    . ASP A 1 84  ? -6.627  -3.418  -17.200 1.00 25.53 ? 84  ASP A CG    1 
ATOM   602  O  OD1   . ASP A 1 84  ? -7.805  -3.585  -16.813 1.00 26.95 ? 84  ASP A OD1   1 
ATOM   603  O  OD2   . ASP A 1 84  ? -6.255  -3.656  -18.367 1.00 28.04 ? 84  ASP A OD2   1 
ATOM   604  N  N     . PRO A 1 85  ? -4.545  -3.058  -13.353 1.00 17.87 ? 85  PRO A N     1 
ATOM   605  C  CA    . PRO A 1 85  ? -3.420  -2.834  -12.454 1.00 16.40 ? 85  PRO A CA    1 
ATOM   606  C  C     . PRO A 1 85  ? -2.154  -2.737  -13.309 1.00 15.47 ? 85  PRO A C     1 
ATOM   607  O  O     . PRO A 1 85  ? -2.190  -2.978  -14.521 1.00 13.97 ? 85  PRO A O     1 
ATOM   608  C  CB    . PRO A 1 85  ? -3.417  -4.110  -11.596 1.00 17.34 ? 85  PRO A CB    1 
ATOM   609  C  CG    . PRO A 1 85  ? -3.964  -5.153  -12.507 1.00 17.42 ? 85  PRO A CG    1 
ATOM   610  C  CD    . PRO A 1 85  ? -5.107  -4.414  -13.178 1.00 17.74 ? 85  PRO A CD    1 
ATOM   611  N  N     . THR A 1 86  ? -1.047  -2.345  -12.691 1.00 13.08 ? 86  THR A N     1 
ATOM   612  C  CA    . THR A 1 86  ? 0.223   -2.294  -13.397 1.00 13.19 ? 86  THR A CA    1 
ATOM   613  C  C     . THR A 1 86  ? 0.635   -3.760  -13.570 1.00 13.55 ? 86  THR A C     1 
ATOM   614  O  O     . THR A 1 86  ? 0.127   -4.630  -12.859 1.00 12.42 ? 86  THR A O     1 
ATOM   615  C  CB    . THR A 1 86  ? 1.277   -1.527  -12.562 1.00 14.02 ? 86  THR A CB    1 
ATOM   616  O  OG1   . THR A 1 86  ? 1.301   -2.049  -11.218 1.00 12.40 ? 86  THR A OG1   1 
ATOM   617  C  CG2   . THR A 1 86  ? 0.931   -0.025  -12.526 1.00 10.66 ? 86  THR A CG2   1 
ATOM   618  N  N     . ASP A 1 87  ? 1.566   -4.041  -14.474 1.00 14.25 ? 87  ASP A N     1 
ATOM   619  C  CA    . ASP A 1 87  ? 1.993   -5.419  -14.714 1.00 14.83 ? 87  ASP A CA    1 
ATOM   620  C  C     . ASP A 1 87  ? 2.468   -6.129  -13.446 1.00 15.08 ? 87  ASP A C     1 
ATOM   621  O  O     . ASP A 1 87  ? 2.139   -7.302  -13.218 1.00 15.39 ? 87  ASP A O     1 
ATOM   622  C  CB    . ASP A 1 87  ? 3.117   -5.479  -15.764 1.00 16.82 ? 87  ASP A CB    1 
ATOM   623  C  CG    . ASP A 1 87  ? 2.648   -5.117  -17.180 1.00 19.06 ? 87  ASP A CG    1 
ATOM   624  O  OD1   . ASP A 1 87  ? 1.431   -5.118  -17.455 1.00 18.98 ? 87  ASP A OD1   1 
ATOM   625  O  OD2   . ASP A 1 87  ? 3.521   -4.828  -18.023 1.00 20.94 ? 87  ASP A OD2   1 
ATOM   626  N  N     . ASN A 1 88  ? 3.236   -5.428  -12.618 1.00 13.04 ? 88  ASN A N     1 
ATOM   627  C  CA    . ASN A 1 88  ? 3.775   -6.033  -11.394 1.00 12.19 ? 88  ASN A CA    1 
ATOM   628  C  C     . ASN A 1 88  ? 2.747   -6.306  -10.280 1.00 11.79 ? 88  ASN A C     1 
ATOM   629  O  O     . ASN A 1 88  ? 3.069   -6.960  -9.278  1.00 11.90 ? 88  ASN A O     1 
ATOM   630  C  CB    . ASN A 1 88  ? 4.950   -5.203  -10.862 1.00 10.75 ? 88  ASN A CB    1 
ATOM   631  C  CG    . ASN A 1 88  ? 4.499   -3.958  -10.139 1.00 12.20 ? 88  ASN A CG    1 
ATOM   632  O  OD1   . ASN A 1 88  ? 3.669   -3.192  -10.633 1.00 11.00 ? 88  ASN A OD1   1 
ATOM   633  N  ND2   . ASN A 1 88  ? 5.033   -3.752  -8.947  1.00 12.00 ? 88  ASN A ND2   1 
ATOM   634  N  N     . ALA A 1 89  ? 1.533   -5.786  -10.449 1.00 11.42 ? 89  ALA A N     1 
ATOM   635  C  CA    . ALA A 1 89  ? 0.453   -5.958  -9.476  1.00 11.86 ? 89  ALA A CA    1 
ATOM   636  C  C     . ALA A 1 89  ? -0.678  -6.864  -10.011 1.00 12.39 ? 89  ALA A C     1 
ATOM   637  O  O     . ALA A 1 89  ? -1.753  -6.968  -9.395  1.00 12.22 ? 89  ALA A O     1 
ATOM   638  C  CB    . ALA A 1 89  ? -0.115  -4.595  -9.072  1.00 9.87  ? 89  ALA A CB    1 
ATOM   639  N  N     . GLN A 1 90  ? -0.442  -7.510  -11.154 1.00 12.50 ? 90  GLN A N     1 
ATOM   640  C  CA    . GLN A 1 90  ? -1.450  -8.387  -11.740 1.00 12.74 ? 90  GLN A CA    1 
ATOM   641  C  C     . GLN A 1 90  ? -1.671  -9.623  -10.857 1.00 12.26 ? 90  GLN A C     1 
ATOM   642  O  O     . GLN A 1 90  ? -2.811  -9.963  -10.571 1.00 12.63 ? 90  GLN A O     1 
ATOM   643  C  CB    . GLN A 1 90  ? -1.060  -8.802  -13.164 1.00 13.88 ? 90  GLN A CB    1 
ATOM   644  C  CG    . GLN A 1 90  ? -2.156  -9.541  -13.921 1.00 15.09 ? 90  GLN A CG    1 
ATOM   645  C  CD    . GLN A 1 90  ? -3.378  -8.684  -14.180 1.00 15.34 ? 90  GLN A CD    1 
ATOM   646  O  OE1   . GLN A 1 90  ? -3.318  -7.716  -14.930 1.00 17.27 ? 90  GLN A OE1   1 
ATOM   647  N  NE2   . GLN A 1 90  ? -4.499  -9.041  -13.568 1.00 15.61 ? 90  GLN A NE2   1 
ATOM   648  N  N     . ASP A 1 91  ? -0.598  -10.263 -10.395 1.00 11.80 ? 91  ASP A N     1 
ATOM   649  C  CA    . ASP A 1 91  ? -0.748  -11.441 -9.539  1.00 13.04 ? 91  ASP A CA    1 
ATOM   650  C  C     . ASP A 1 91  ? -1.533  -11.083 -8.282  1.00 13.38 ? 91  ASP A C     1 
ATOM   651  O  O     . ASP A 1 91  ? -2.423  -11.828 -7.853  1.00 12.81 ? 91  ASP A O     1 
ATOM   652  C  CB    . ASP A 1 91  ? 0.613   -12.019 -9.145  1.00 12.50 ? 91  ASP A CB    1 
ATOM   653  C  CG    . ASP A 1 91  ? 1.313   -12.715 -10.299 1.00 13.69 ? 91  ASP A CG    1 
ATOM   654  O  OD1   . ASP A 1 91  ? 0.702   -12.913 -11.366 1.00 16.39 ? 91  ASP A OD1   1 
ATOM   655  O  OD2   . ASP A 1 91  ? 2.490   -13.075 -10.144 1.00 15.67 ? 91  ASP A OD2   1 
ATOM   656  N  N     . PHE A 1 92  ? -1.222  -9.922  -7.707  1.00 13.60 ? 92  PHE A N     1 
ATOM   657  C  CA    . PHE A 1 92  ? -1.898  -9.468  -6.498  1.00 13.28 ? 92  PHE A CA    1 
ATOM   658  C  C     . PHE A 1 92  ? -3.383  -9.206  -6.798  1.00 14.42 ? 92  PHE A C     1 
ATOM   659  O  O     . PHE A 1 92  ? -4.273  -9.617  -6.035  1.00 13.93 ? 92  PHE A O     1 
ATOM   660  C  CB    . PHE A 1 92  ? -1.178  -8.216  -5.952  1.00 13.10 ? 92  PHE A CB    1 
ATOM   661  C  CG    . PHE A 1 92  ? -1.854  -7.568  -4.761  1.00 12.85 ? 92  PHE A CG    1 
ATOM   662  C  CD1   . PHE A 1 92  ? -2.303  -8.334  -3.679  1.00 13.70 ? 92  PHE A CD1   1 
ATOM   663  C  CD2   . PHE A 1 92  ? -2.037  -6.181  -4.723  1.00 12.77 ? 92  PHE A CD2   1 
ATOM   664  C  CE1   . PHE A 1 92  ? -2.924  -7.724  -2.576  1.00 13.21 ? 92  PHE A CE1   1 
ATOM   665  C  CE2   . PHE A 1 92  ? -2.654  -5.559  -3.633  1.00 13.30 ? 92  PHE A CE2   1 
ATOM   666  C  CZ    . PHE A 1 92  ? -3.099  -6.328  -2.554  1.00 12.69 ? 92  PHE A CZ    1 
ATOM   667  N  N     . TYR A 1 93  ? -3.652  -8.540  -7.922  1.00 14.51 ? 93  TYR A N     1 
ATOM   668  C  CA    . TYR A 1 93  ? -5.021  -8.236  -8.322  1.00 14.93 ? 93  TYR A CA    1 
ATOM   669  C  C     . TYR A 1 93  ? -5.838  -9.537  -8.480  1.00 14.83 ? 93  TYR A C     1 
ATOM   670  O  O     . TYR A 1 93  ? -6.961  -9.641  -7.966  1.00 14.92 ? 93  TYR A O     1 
ATOM   671  C  CB    . TYR A 1 93  ? -5.010  -7.438  -9.627  1.00 15.43 ? 93  TYR A CB    1 
ATOM   672  C  CG    . TYR A 1 93  ? -6.377  -7.014  -10.081 1.00 17.06 ? 93  TYR A CG    1 
ATOM   673  C  CD1   . TYR A 1 93  ? -7.078  -6.036  -9.399  1.00 18.00 ? 93  TYR A CD1   1 
ATOM   674  C  CD2   . TYR A 1 93  ? -6.960  -7.578  -11.211 1.00 19.57 ? 93  TYR A CD2   1 
ATOM   675  C  CE1   . TYR A 1 93  ? -8.336  -5.612  -9.828  1.00 19.38 ? 93  TYR A CE1   1 
ATOM   676  C  CE2   . TYR A 1 93  ? -8.224  -7.165  -11.654 1.00 20.41 ? 93  TYR A CE2   1 
ATOM   677  C  CZ    . TYR A 1 93  ? -8.901  -6.181  -10.953 1.00 20.71 ? 93  TYR A CZ    1 
ATOM   678  O  OH    . TYR A 1 93  ? -10.144 -5.769  -11.364 1.00 23.28 ? 93  TYR A OH    1 
ATOM   679  N  N     . ASP A 1 94  ? -5.267  -10.510 -9.189  1.00 15.25 ? 94  ASP A N     1 
ATOM   680  C  CA    . ASP A 1 94  ? -5.901  -11.811 -9.411  1.00 16.50 ? 94  ASP A CA    1 
ATOM   681  C  C     . ASP A 1 94  ? -6.208  -12.493 -8.084  1.00 16.77 ? 94  ASP A C     1 
ATOM   682  O  O     . ASP A 1 94  ? -7.332  -12.967 -7.863  1.00 16.48 ? 94  ASP A O     1 
ATOM   683  C  CB    . ASP A 1 94  ? -4.994  -12.725 -10.238 1.00 16.85 ? 94  ASP A CB    1 
ATOM   684  C  CG    . ASP A 1 94  ? -4.935  -12.329 -11.700 1.00 17.16 ? 94  ASP A CG    1 
ATOM   685  O  OD1   . ASP A 1 94  ? -5.634  -11.387 -12.118 1.00 17.41 ? 94  ASP A OD1   1 
ATOM   686  O  OD2   . ASP A 1 94  ? -4.181  -12.980 -12.438 1.00 21.04 ? 94  ASP A OD2   1 
ATOM   687  N  N     . TRP A 1 95  ? -5.213  -12.527 -7.199  1.00 16.29 ? 95  TRP A N     1 
ATOM   688  C  CA    . TRP A 1 95  ? -5.396  -13.132 -5.891  1.00 15.97 ? 95  TRP A CA    1 
ATOM   689  C  C     . TRP A 1 95  ? -6.526  -12.448 -5.132  1.00 16.10 ? 95  TRP A C     1 
ATOM   690  O  O     . TRP A 1 95  ? -7.409  -13.121 -4.604  1.00 15.72 ? 95  TRP A O     1 
ATOM   691  C  CB    . TRP A 1 95  ? -4.091  -13.087 -5.074  1.00 16.45 ? 95  TRP A CB    1 
ATOM   692  C  CG    . TRP A 1 95  ? -4.243  -13.640 -3.663  1.00 17.21 ? 95  TRP A CG    1 
ATOM   693  C  CD1   . TRP A 1 95  ? -4.322  -14.967 -3.290  1.00 17.33 ? 95  TRP A CD1   1 
ATOM   694  C  CD2   . TRP A 1 95  ? -4.387  -12.878 -2.454  1.00 16.70 ? 95  TRP A CD2   1 
ATOM   695  N  NE1   . TRP A 1 95  ? -4.513  -15.063 -1.928  1.00 17.04 ? 95  TRP A NE1   1 
ATOM   696  C  CE2   . TRP A 1 95  ? -4.557  -13.802 -1.391  1.00 17.52 ? 95  TRP A CE2   1 
ATOM   697  C  CE3   . TRP A 1 95  ? -4.394  -11.508 -2.164  1.00 17.28 ? 95  TRP A CE3   1 
ATOM   698  C  CZ2   . TRP A 1 95  ? -4.730  -13.392 -0.062  1.00 17.43 ? 95  TRP A CZ2   1 
ATOM   699  C  CZ3   . TRP A 1 95  ? -4.569  -11.101 -0.844  1.00 17.10 ? 95  TRP A CZ3   1 
ATOM   700  C  CH2   . TRP A 1 95  ? -4.734  -12.045 0.192   1.00 18.02 ? 95  TRP A CH2   1 
ATOM   701  N  N     . LEU A 1 96  ? -6.535  -11.117 -5.104  1.00 16.28 ? 96  LEU A N     1 
ATOM   702  C  CA    . LEU A 1 96  ? -7.573  -10.385 -4.372  1.00 18.36 ? 96  LEU A CA    1 
ATOM   703  C  C     . LEU A 1 96  ? -8.999  -10.735 -4.785  1.00 20.59 ? 96  LEU A C     1 
ATOM   704  O  O     . LEU A 1 96  ? -9.927  -10.707 -3.967  1.00 20.04 ? 96  LEU A O     1 
ATOM   705  C  CB    . LEU A 1 96  ? -7.408  -8.868  -4.524  1.00 18.58 ? 96  LEU A CB    1 
ATOM   706  C  CG    . LEU A 1 96  ? -6.510  -8.079  -3.571  1.00 19.47 ? 96  LEU A CG    1 
ATOM   707  C  CD1   . LEU A 1 96  ? -6.552  -6.582  -3.945  1.00 18.03 ? 96  LEU A CD1   1 
ATOM   708  C  CD2   . LEU A 1 96  ? -6.958  -8.286  -2.120  1.00 18.30 ? 96  LEU A CD2   1 
ATOM   709  N  N     . GLN A 1 97  ? -9.176  -11.006 -6.069  1.00 22.67 ? 97  GLN A N     1 
ATOM   710  C  CA    . GLN A 1 97  ? -10.489 -11.314 -6.604  1.00 25.61 ? 97  GLN A CA    1 
ATOM   711  C  C     . GLN A 1 97  ? -11.036 -12.673 -6.233  1.00 26.50 ? 97  GLN A C     1 
ATOM   712  O  O     . GLN A 1 97  ? -12.244 -12.832 -6.070  1.00 27.13 ? 97  GLN A O     1 
ATOM   713  C  CB    . GLN A 1 97  ? -10.450 -11.213 -8.109  1.00 26.47 ? 97  GLN A CB    1 
ATOM   714  C  CG    . GLN A 1 97  ? -10.223 -9.844  -8.584  1.00 29.97 ? 97  GLN A CG    1 
ATOM   715  C  CD    . GLN A 1 97  ? -10.876 -9.662  -9.896  1.00 33.68 ? 97  GLN A CD    1 
ATOM   716  O  OE1   . GLN A 1 97  ? -10.403 -10.182 -10.908 1.00 36.01 ? 97  GLN A OE1   1 
ATOM   717  N  NE2   . GLN A 1 97  ? -12.025 -8.997  -9.894  1.00 34.74 ? 97  GLN A NE2   1 
ATOM   718  N  N     . GLU A 1 98  ? -10.154 -13.659 -6.149  1.00 27.58 ? 98  GLU A N     1 
ATOM   719  C  CA    . GLU A 1 98  ? -10.581 -15.015 -5.838  1.00 29.86 ? 98  GLU A CA    1 
ATOM   720  C  C     . GLU A 1 98  ? -10.453 -15.434 -4.365  1.00 29.76 ? 98  GLU A C     1 
ATOM   721  O  O     . GLU A 1 98  ? -11.091 -16.400 -3.941  1.00 30.51 ? 98  GLU A O     1 
ATOM   722  C  CB    . GLU A 1 98  ? -9.819  -16.006 -6.718  1.00 31.53 ? 98  GLU A CB    1 
ATOM   723  C  CG    . GLU A 1 98  ? -8.357  -16.126 -6.348  1.00 37.12 ? 98  GLU A CG    1 
ATOM   724  C  CD    . GLU A 1 98  ? -7.566  -16.984 -7.316  1.00 41.06 ? 98  GLU A CD    1 
ATOM   725  O  OE1   . GLU A 1 98  ? -7.680  -16.768 -8.546  1.00 43.33 ? 98  GLU A OE1   1 
ATOM   726  O  OE2   . GLU A 1 98  ? -6.811  -17.866 -6.843  1.00 43.33 ? 98  GLU A OE2   1 
ATOM   727  N  N     . THR A 1 99  ? -9.648  -14.720 -3.583  1.00 27.64 ? 99  THR A N     1 
ATOM   728  C  CA    . THR A 1 99  ? -9.454  -15.104 -2.190  1.00 25.64 ? 99  THR A CA    1 
ATOM   729  C  C     . THR A 1 99  ? -10.624 -14.839 -1.255  1.00 24.93 ? 99  THR A C     1 
ATOM   730  O  O     . THR A 1 99  ? -11.475 -13.969 -1.487  1.00 24.29 ? 99  THR A O     1 
ATOM   731  C  CB    . THR A 1 99  ? -8.159  -14.478 -1.588  1.00 24.84 ? 99  THR A CB    1 
ATOM   732  O  OG1   . THR A 1 99  ? -7.816  -15.168 -0.377  1.00 24.45 ? 99  THR A OG1   1 
ATOM   733  C  CG2   . THR A 1 99  ? -8.360  -12.983 -1.274  1.00 22.87 ? 99  THR A CG2   1 
ATOM   734  N  N     . ASP A 1 100 ? -10.663 -15.621 -0.199  1.00 25.07 ? 100 ASP A N     1 
ATOM   735  C  CA    . ASP A 1 100 ? -11.652 -15.488 0.840   1.00 25.55 ? 100 ASP A CA    1 
ATOM   736  C  C     . ASP A 1 100 ? -11.007 -15.498 2.213   1.00 25.34 ? 100 ASP A C     1 
ATOM   737  O  O     . ASP A 1 100 ? -11.684 -15.551 3.228   1.00 26.21 ? 100 ASP A O     1 
ATOM   738  C  CB    . ASP A 1 100 ? -12.692 -16.599 0.749   1.00 25.89 ? 100 ASP A CB    1 
ATOM   739  C  CG    . ASP A 1 100 ? -13.863 -16.363 1.681   1.00 20.00 ? 100 ASP A CG    1 
ATOM   740  O  OD1   . ASP A 1 100 ? -13.707 -15.582 2.643   1.00 20.00 ? 100 ASP A OD1   1 
ATOM   741  O  OD2   . ASP A 1 100 ? -14.937 -16.957 1.450   1.00 20.00 ? 100 ASP A OD2   1 
ATOM   742  N  N     . VAL A 1 101 ? -9.659  -15.411 2.234   1.00 24.28 ? 101 VAL A N     1 
ATOM   743  C  CA    . VAL A 1 101 ? -8.916  -15.418 3.503   1.00 23.36 ? 101 VAL A CA    1 
ATOM   744  C  C     . VAL A 1 101 ? -9.367  -14.318 4.452   1.00 22.43 ? 101 VAL A C     1 
ATOM   745  O  O     . VAL A 1 101 ? -9.854  -13.256 4.037   1.00 22.81 ? 101 VAL A O     1 
ATOM   746  C  CB    . VAL A 1 101 ? -7.362  -15.287 3.332   1.00 23.81 ? 101 VAL A CB    1 
ATOM   747  C  CG1   . VAL A 1 101 ? -6.820  -16.323 2.354   1.00 24.21 ? 101 VAL A CG1   1 
ATOM   748  C  CG2   . VAL A 1 101 ? -6.980  -13.890 2.903   1.00 23.98 ? 101 VAL A CG2   1 
ATOM   749  N  N     . ASP A 1 102 ? -9.258  -14.607 5.740   1.00 22.37 ? 102 ASP A N     1 
ATOM   750  C  CA    . ASP A 1 102 ? -9.617  -13.648 6.772   1.00 20.81 ? 102 ASP A CA    1 
ATOM   751  C  C     . ASP A 1 102 ? -8.368  -12.833 7.077   1.00 18.79 ? 102 ASP A C     1 
ATOM   752  O  O     . ASP A 1 102 ? -7.332  -13.397 7.441   1.00 15.48 ? 102 ASP A O     1 
ATOM   753  C  CB    . ASP A 1 102 ? -10.081 -14.367 8.039   1.00 23.37 ? 102 ASP A CB    1 
ATOM   754  C  CG    . ASP A 1 102 ? -10.431 -13.402 9.170   1.00 26.24 ? 102 ASP A CG    1 
ATOM   755  O  OD1   . ASP A 1 102 ? -10.703 -12.220 8.899   1.00 26.49 ? 102 ASP A OD1   1 
ATOM   756  O  OD2   . ASP A 1 102 ? -10.426 -13.828 10.345  1.00 31.04 ? 102 ASP A OD2   1 
ATOM   757  N  N     . LEU A 1 103 ? -8.457  -11.520 6.863   1.00 17.44 ? 103 LEU A N     1 
ATOM   758  C  CA    . LEU A 1 103 ? -7.342  -10.612 7.134   1.00 16.82 ? 103 LEU A CA    1 
ATOM   759  C  C     . LEU A 1 103 ? -7.500  -9.810  8.438   1.00 16.41 ? 103 LEU A C     1 
ATOM   760  O  O     . LEU A 1 103 ? -7.011  -8.687  8.543   1.00 17.35 ? 103 LEU A O     1 
ATOM   761  C  CB    . LEU A 1 103 ? -7.119  -9.679  5.955   1.00 14.93 ? 103 LEU A CB    1 
ATOM   762  C  CG    . LEU A 1 103 ? -6.641  -10.418 4.694   1.00 15.34 ? 103 LEU A CG    1 
ATOM   763  C  CD1   . LEU A 1 103 ? -6.478  -9.416  3.557   1.00 15.73 ? 103 LEU A CD1   1 
ATOM   764  C  CD2   . LEU A 1 103 ? -5.333  -11.174 4.941   1.00 12.64 ? 103 LEU A CD2   1 
ATOM   765  N  N     . SER A 1 104 ? -8.201  -10.383 9.417   1.00 15.44 ? 104 SER A N     1 
ATOM   766  C  CA    . SER A 1 104 ? -8.408  -9.749  10.721  1.00 15.73 ? 104 SER A CA    1 
ATOM   767  C  C     . SER A 1 104 ? -7.025  -9.540  11.335  1.00 15.56 ? 104 SER A C     1 
ATOM   768  O  O     . SER A 1 104 ? -6.145  -10.404 11.199  1.00 15.13 ? 104 SER A O     1 
ATOM   769  C  CB    . SER A 1 104 ? -9.218  -10.665 11.644  1.00 16.66 ? 104 SER A CB    1 
ATOM   770  O  OG    . SER A 1 104 ? -10.593 -10.674 11.304  1.00 17.54 ? 104 SER A OG    1 
ATOM   771  N  N     . GLY A 1 105 ? -6.821  -8.385  11.960  1.00 15.46 ? 105 GLY A N     1 
ATOM   772  C  CA    . GLY A 1 105 ? -5.527  -8.117  12.561  1.00 16.31 ? 105 GLY A CA    1 
ATOM   773  C  C     . GLY A 1 105 ? -4.592  -7.316  11.669  1.00 15.96 ? 105 GLY A C     1 
ATOM   774  O  O     . GLY A 1 105 ? -3.612  -6.760  12.163  1.00 16.48 ? 105 GLY A O     1 
ATOM   775  N  N     . VAL A 1 106 ? -4.875  -7.264  10.366  1.00 15.69 ? 106 VAL A N     1 
ATOM   776  C  CA    . VAL A 1 106 ? -4.044  -6.517  9.419   1.00 13.61 ? 106 VAL A CA    1 
ATOM   777  C  C     . VAL A 1 106 ? -4.463  -5.051  9.423   1.00 13.29 ? 106 VAL A C     1 
ATOM   778  O  O     . VAL A 1 106 ? -5.656  -4.735  9.547   1.00 13.21 ? 106 VAL A O     1 
ATOM   779  C  CB    . VAL A 1 106 ? -4.146  -7.095  7.975   1.00 13.11 ? 106 VAL A CB    1 
ATOM   780  C  CG1   . VAL A 1 106 ? -3.431  -6.163  6.964   1.00 10.72 ? 106 VAL A CG1   1 
ATOM   781  C  CG2   . VAL A 1 106 ? -3.519  -8.486  7.922   1.00 12.38 ? 106 VAL A CG2   1 
ATOM   782  N  N     . LYS A 1 107 ? -3.475  -4.157  9.381   1.00 12.82 ? 107 LYS A N     1 
ATOM   783  C  CA    . LYS A 1 107 ? -3.735  -2.712  9.361   1.00 12.75 ? 107 LYS A CA    1 
ATOM   784  C  C     . LYS A 1 107 ? -3.149  -2.172  8.072   1.00 11.65 ? 107 LYS A C     1 
ATOM   785  O  O     . LYS A 1 107 ? -2.008  -2.471  7.735   1.00 9.97  ? 107 LYS A O     1 
ATOM   786  C  CB    . LYS A 1 107 ? -3.136  -2.033  10.592  1.00 14.19 ? 107 LYS A CB    1 
ATOM   787  C  CG    . LYS A 1 107 ? -3.988  -2.315  11.840  1.00 19.32 ? 107 LYS A CG    1 
ATOM   788  C  CD    . LYS A 1 107 ? -3.212  -2.215  13.132  1.00 22.43 ? 107 LYS A CD    1 
ATOM   789  C  CE    . LYS A 1 107 ? -4.124  -2.517  14.320  1.00 23.25 ? 107 LYS A CE    1 
ATOM   790  N  NZ    . LYS A 1 107 ? -3.402  -2.371  15.625  1.00 24.86 ? 107 LYS A NZ    1 
ATOM   791  N  N     . PHE A 1 108 ? -3.932  -1.395  7.340   1.00 10.98 ? 108 PHE A N     1 
ATOM   792  C  CA    . PHE A 1 108 ? -3.449  -0.910  6.060   1.00 11.92 ? 108 PHE A CA    1 
ATOM   793  C  C     . PHE A 1 108 ? -3.833  0.526   5.721   1.00 10.55 ? 108 PHE A C     1 
ATOM   794  O  O     . PHE A 1 108 ? -4.712  1.131   6.355   1.00 10.03 ? 108 PHE A O     1 
ATOM   795  C  CB    . PHE A 1 108 ? -3.977  -1.829  4.938   1.00 10.89 ? 108 PHE A CB    1 
ATOM   796  C  CG    . PHE A 1 108 ? -5.449  -1.632  4.624   1.00 12.07 ? 108 PHE A CG    1 
ATOM   797  C  CD1   . PHE A 1 108 ? -6.443  -2.267  5.385   1.00 11.79 ? 108 PHE A CD1   1 
ATOM   798  C  CD2   . PHE A 1 108 ? -5.852  -0.775  3.593   1.00 10.92 ? 108 PHE A CD2   1 
ATOM   799  C  CE1   . PHE A 1 108 ? -7.807  -2.041  5.124   1.00 10.80 ? 108 PHE A CE1   1 
ATOM   800  C  CE2   . PHE A 1 108 ? -7.219  -0.545  3.328   1.00 9.10  ? 108 PHE A CE2   1 
ATOM   801  C  CZ    . PHE A 1 108 ? -8.192  -1.172  4.089   1.00 10.61 ? 108 PHE A CZ    1 
ATOM   802  N  N     . ALA A 1 109 ? -3.173  1.033   4.678   1.00 11.65 ? 109 ALA A N     1 
ATOM   803  C  CA    . ALA A 1 109 ? -3.453  2.358   4.122   1.00 12.08 ? 109 ALA A CA    1 
ATOM   804  C  C     . ALA A 1 109 ? -3.113  2.250   2.639   1.00 10.36 ? 109 ALA A C     1 
ATOM   805  O  O     . ALA A 1 109 ? -2.240  1.468   2.244   1.00 9.66  ? 109 ALA A O     1 
ATOM   806  C  CB    . ALA A 1 109 ? -2.623  3.440   4.798   1.00 11.42 ? 109 ALA A CB    1 
ATOM   807  N  N     . VAL A 1 110 ? -3.862  2.971   1.811   1.00 11.46 ? 110 VAL A N     1 
ATOM   808  C  CA    . VAL A 1 110 ? -3.627  2.944   0.364   1.00 10.41 ? 110 VAL A CA    1 
ATOM   809  C  C     . VAL A 1 110 ? -3.514  4.346   -0.257  1.00 10.00 ? 110 VAL A C     1 
ATOM   810  O  O     . VAL A 1 110 ? -4.277  5.262   0.083   1.00 8.78  ? 110 VAL A O     1 
ATOM   811  C  CB    . VAL A 1 110 ? -4.789  2.197   -0.395  1.00 10.96 ? 110 VAL A CB    1 
ATOM   812  C  CG1   . VAL A 1 110 ? -4.497  2.144   -1.920  1.00 9.10  ? 110 VAL A CG1   1 
ATOM   813  C  CG2   . VAL A 1 110 ? -4.975  0.770   0.161   1.00 9.77  ? 110 VAL A CG2   1 
ATOM   814  N  N     . PHE A 1 111 ? -2.523  4.513   -1.120  1.00 10.29 ? 111 PHE A N     1 
ATOM   815  C  CA    . PHE A 1 111 ? -2.383  5.759   -1.853  1.00 11.34 ? 111 PHE A CA    1 
ATOM   816  C  C     . PHE A 1 111 ? -2.430  5.367   -3.340  1.00 10.88 ? 111 PHE A C     1 
ATOM   817  O  O     . PHE A 1 111 ? -1.612  4.574   -3.827  1.00 11.66 ? 111 PHE A O     1 
ATOM   818  C  CB    . PHE A 1 111 ? -1.095  6.509   -1.550  1.00 10.71 ? 111 PHE A CB    1 
ATOM   819  C  CG    . PHE A 1 111 ? -1.036  7.851   -2.238  1.00 12.73 ? 111 PHE A CG    1 
ATOM   820  C  CD1   . PHE A 1 111 ? -1.765  8.922   -1.745  1.00 13.47 ? 111 PHE A CD1   1 
ATOM   821  C  CD2   . PHE A 1 111 ? -0.334  8.013   -3.431  1.00 14.08 ? 111 PHE A CD2   1 
ATOM   822  C  CE1   . PHE A 1 111 ? -1.811  10.131  -2.421  1.00 14.03 ? 111 PHE A CE1   1 
ATOM   823  C  CE2   . PHE A 1 111 ? -0.375  9.227   -4.121  1.00 13.00 ? 111 PHE A CE2   1 
ATOM   824  C  CZ    . PHE A 1 111 ? -1.120  10.281  -3.606  1.00 13.04 ? 111 PHE A CZ    1 
ATOM   825  N  N     . GLY A 1 112 ? -3.458  5.846   -4.028  1.00 12.58 ? 112 GLY A N     1 
ATOM   826  C  CA    . GLY A 1 112 ? -3.592  5.524   -5.434  1.00 12.67 ? 112 GLY A CA    1 
ATOM   827  C  C     . GLY A 1 112 ? -3.065  6.610   -6.355  1.00 12.88 ? 112 GLY A C     1 
ATOM   828  O  O     . GLY A 1 112 ? -3.278  7.812   -6.116  1.00 12.96 ? 112 GLY A O     1 
ATOM   829  N  N     . LEU A 1 113 ? -2.368  6.176   -7.401  1.00 11.62 ? 113 LEU A N     1 
ATOM   830  C  CA    . LEU A 1 113 ? -1.837  7.073   -8.414  1.00 11.56 ? 113 LEU A CA    1 
ATOM   831  C  C     . LEU A 1 113 ? -2.724  6.923   -9.653  1.00 12.31 ? 113 LEU A C     1 
ATOM   832  O  O     . LEU A 1 113 ? -2.879  5.816   -10.177 1.00 12.55 ? 113 LEU A O     1 
ATOM   833  C  CB    . LEU A 1 113 ? -0.385  6.709   -8.771  1.00 10.35 ? 113 LEU A CB    1 
ATOM   834  C  CG    . LEU A 1 113 ? 0.715   7.048   -7.753  1.00 12.01 ? 113 LEU A CG    1 
ATOM   835  C  CD1   . LEU A 1 113 ? 0.664   6.104   -6.536  1.00 12.78 ? 113 LEU A CD1   1 
ATOM   836  C  CD2   . LEU A 1 113 ? 2.067   6.967   -8.451  1.00 11.42 ? 113 LEU A CD2   1 
ATOM   837  N  N     . GLY A 1 114 ? -3.342  8.017   -10.077 1.00 12.43 ? 114 GLY A N     1 
ATOM   838  C  CA    . GLY A 1 114 ? -4.194  7.986   -11.258 1.00 12.06 ? 114 GLY A CA    1 
ATOM   839  C  C     . GLY A 1 114 ? -4.157  9.308   -12.023 1.00 12.84 ? 114 GLY A C     1 
ATOM   840  O  O     . GLY A 1 114 ? -3.241  10.104  -11.861 1.00 12.88 ? 114 GLY A O     1 
ATOM   841  N  N     . ASN A 1 115 ? -5.158  9.548   -12.859 1.00 13.09 ? 115 ASN A N     1 
ATOM   842  C  CA    . ASN A 1 115 ? -5.244  10.765  -13.665 1.00 13.28 ? 115 ASN A CA    1 
ATOM   843  C  C     . ASN A 1 115 ? -6.752  10.922  -13.963 1.00 14.12 ? 115 ASN A C     1 
ATOM   844  O  O     . ASN A 1 115 ? -7.344  10.098  -14.662 1.00 14.56 ? 115 ASN A O     1 
ATOM   845  C  CB    . ASN A 1 115 ? -4.401  10.572  -14.943 1.00 11.25 ? 115 ASN A CB    1 
ATOM   846  C  CG    . ASN A 1 115 ? -4.508  11.738  -15.902 1.00 11.03 ? 115 ASN A CG    1 
ATOM   847  O  OD1   . ASN A 1 115 ? -5.576  12.342  -16.048 1.00 11.21 ? 115 ASN A OD1   1 
ATOM   848  N  ND2   . ASN A 1 115 ? -3.411  12.053  -16.575 1.00 8.77  ? 115 ASN A ND2   1 
ATOM   849  N  N     . LYS A 1 116 ? -7.357  11.986  -13.438 1.00 14.21 ? 116 LYS A N     1 
ATOM   850  C  CA    . LYS A 1 116 ? -8.789  12.218  -13.562 1.00 15.02 ? 116 LYS A CA    1 
ATOM   851  C  C     . LYS A 1 116 ? -9.390  12.327  -14.948 1.00 15.77 ? 116 LYS A C     1 
ATOM   852  O  O     . LYS A 1 116 ? -10.605 12.382  -15.066 1.00 15.48 ? 116 LYS A O     1 
ATOM   853  C  CB    . LYS A 1 116 ? -9.230  13.411  -12.702 1.00 15.03 ? 116 LYS A CB    1 
ATOM   854  C  CG    . LYS A 1 116 ? -8.807  14.749  -13.255 1.00 17.56 ? 116 LYS A CG    1 
ATOM   855  C  CD    . LYS A 1 116 ? -9.393  15.911  -12.458 1.00 20.31 ? 116 LYS A CD    1 
ATOM   856  C  CE    . LYS A 1 116 ? -8.888  17.250  -13.009 1.00 19.91 ? 116 LYS A CE    1 
ATOM   857  N  NZ    . LYS A 1 116 ? -7.394  17.336  -12.975 1.00 19.95 ? 116 LYS A NZ    1 
ATOM   858  N  N     . THR A 1 117 ? -8.564  12.336  -15.992 1.00 16.18 ? 117 THR A N     1 
ATOM   859  C  CA    . THR A 1 117 ? -9.081  12.443  -17.358 1.00 16.65 ? 117 THR A CA    1 
ATOM   860  C  C     . THR A 1 117 ? -9.522  11.094  -17.934 1.00 18.28 ? 117 THR A C     1 
ATOM   861  O  O     . THR A 1 117 ? -10.166 11.044  -18.983 1.00 18.93 ? 117 THR A O     1 
ATOM   862  C  CB    . THR A 1 117 ? -8.056  13.109  -18.343 1.00 15.43 ? 117 THR A CB    1 
ATOM   863  O  OG1   . THR A 1 117 ? -6.891  12.285  -18.487 1.00 13.19 ? 117 THR A OG1   1 
ATOM   864  C  CG2   . THR A 1 117 ? -7.660  14.495  -17.842 1.00 14.84 ? 117 THR A CG2   1 
ATOM   865  N  N     . TYR A 1 118 ? -9.110  10.003  -17.302 1.00 17.63 ? 118 TYR A N     1 
ATOM   866  C  CA    . TYR A 1 118 ? -9.488  8.676   -17.747 1.00 18.42 ? 118 TYR A CA    1 
ATOM   867  C  C     . TYR A 1 118 ? -10.831 8.309   -17.085 1.00 19.72 ? 118 TYR A C     1 
ATOM   868  O  O     . TYR A 1 118 ? -11.140 8.799   -15.986 1.00 19.60 ? 118 TYR A O     1 
ATOM   869  C  CB    . TYR A 1 118 ? -8.400  7.683   -17.357 1.00 16.73 ? 118 TYR A CB    1 
ATOM   870  C  CG    . TYR A 1 118 ? -7.084  7.897   -18.070 1.00 17.08 ? 118 TYR A CG    1 
ATOM   871  C  CD1   . TYR A 1 118 ? -6.820  7.268   -19.276 1.00 16.50 ? 118 TYR A CD1   1 
ATOM   872  C  CD2   . TYR A 1 118 ? -6.083  8.691   -17.516 1.00 15.95 ? 118 TYR A CD2   1 
ATOM   873  C  CE1   . TYR A 1 118 ? -5.592  7.416   -19.910 1.00 16.94 ? 118 TYR A CE1   1 
ATOM   874  C  CE2   . TYR A 1 118 ? -4.855  8.851   -18.140 1.00 16.32 ? 118 TYR A CE2   1 
ATOM   875  C  CZ    . TYR A 1 118 ? -4.613  8.206   -19.344 1.00 16.29 ? 118 TYR A CZ    1 
ATOM   876  O  OH    . TYR A 1 118 ? -3.400  8.345   -19.986 1.00 15.06 ? 118 TYR A OH    1 
ATOM   877  N  N     . GLU A 1 119 ? -11.652 7.476   -17.728 1.00 21.88 ? 119 GLU A N     1 
ATOM   878  C  CA    . GLU A 1 119 ? -12.935 7.127   -17.093 1.00 24.71 ? 119 GLU A CA    1 
ATOM   879  C  C     . GLU A 1 119 ? -12.745 6.344   -15.792 1.00 23.32 ? 119 GLU A C     1 
ATOM   880  O  O     . GLU A 1 119 ? -13.488 6.544   -14.822 1.00 23.90 ? 119 GLU A O     1 
ATOM   881  C  CB    . GLU A 1 119 ? -13.857 6.313   -18.001 1.00 27.63 ? 119 GLU A CB    1 
ATOM   882  C  CG    . GLU A 1 119 ? -15.236 6.098   -17.326 1.00 31.71 ? 119 GLU A CG    1 
ATOM   883  C  CD    . GLU A 1 119 ? -16.093 5.012   -17.966 1.00 34.15 ? 119 GLU A CD    1 
ATOM   884  O  OE1   . GLU A 1 119 ? -15.714 4.476   -19.033 1.00 35.88 ? 119 GLU A OE1   1 
ATOM   885  O  OE2   . GLU A 1 119 ? -17.154 4.695   -17.389 1.00 35.53 ? 119 GLU A OE2   1 
ATOM   886  N  N     . HIS A 1 120 ? -11.762 5.447   -15.787 1.00 21.61 ? 120 HIS A N     1 
ATOM   887  C  CA    . HIS A 1 120 ? -11.474 4.628   -14.613 1.00 20.61 ? 120 HIS A CA    1 
ATOM   888  C  C     . HIS A 1 120 ? -10.380 5.258   -13.747 1.00 18.44 ? 120 HIS A C     1 
ATOM   889  O  O     . HIS A 1 120 ? -9.271  4.735   -13.632 1.00 18.50 ? 120 HIS A O     1 
ATOM   890  C  CB    . HIS A 1 120 ? -11.107 3.210   -15.058 1.00 22.29 ? 120 HIS A CB    1 
ATOM   891  C  CG    . HIS A 1 120 ? -12.165 2.571   -15.901 1.00 24.12 ? 120 HIS A CG    1 
ATOM   892  N  ND1   . HIS A 1 120 ? -13.470 2.430   -15.473 1.00 25.50 ? 120 HIS A ND1   1 
ATOM   893  C  CD2   . HIS A 1 120 ? -12.141 2.129   -17.181 1.00 25.06 ? 120 HIS A CD2   1 
ATOM   894  C  CE1   . HIS A 1 120 ? -14.204 1.935   -16.454 1.00 26.24 ? 120 HIS A CE1   1 
ATOM   895  N  NE2   . HIS A 1 120 ? -13.421 1.744   -17.501 1.00 25.61 ? 120 HIS A NE2   1 
ATOM   896  N  N     . PHE A 1 121 ? -10.735 6.376   -13.123 1.00 15.89 ? 121 PHE A N     1 
ATOM   897  C  CA    . PHE A 1 121 ? -9.828  7.135   -12.286 1.00 14.36 ? 121 PHE A CA    1 
ATOM   898  C  C     . PHE A 1 121 ? -9.452  6.398   -11.013 1.00 12.91 ? 121 PHE A C     1 
ATOM   899  O  O     . PHE A 1 121 ? -10.299 6.156   -10.156 1.00 12.67 ? 121 PHE A O     1 
ATOM   900  C  CB    . PHE A 1 121 ? -10.455 8.496   -11.925 1.00 13.59 ? 121 PHE A CB    1 
ATOM   901  C  CG    . PHE A 1 121 ? -9.644  9.314   -10.935 1.00 13.22 ? 121 PHE A CG    1 
ATOM   902  C  CD1   . PHE A 1 121 ? -8.281  9.563   -11.153 1.00 13.10 ? 121 PHE A CD1   1 
ATOM   903  C  CD2   . PHE A 1 121 ? -10.247 9.860   -9.805  1.00 12.88 ? 121 PHE A CD2   1 
ATOM   904  C  CE1   . PHE A 1 121 ? -7.540  10.344  -10.265 1.00 12.48 ? 121 PHE A CE1   1 
ATOM   905  C  CE2   . PHE A 1 121 ? -9.511  10.648  -8.903  1.00 13.74 ? 121 PHE A CE2   1 
ATOM   906  C  CZ    . PHE A 1 121 ? -8.152  10.888  -9.140  1.00 12.79 ? 121 PHE A CZ    1 
ATOM   907  N  N     . ASN A 1 122 ? -8.171  6.073   -10.889 1.00 12.21 ? 122 ASN A N     1 
ATOM   908  C  CA    . ASN A 1 122 ? -7.663  5.416   -9.690  1.00 13.75 ? 122 ASN A CA    1 
ATOM   909  C  C     . ASN A 1 122 ? -8.393  4.127   -9.337  1.00 13.78 ? 122 ASN A C     1 
ATOM   910  O  O     . ASN A 1 122 ? -8.520  3.781   -8.168  1.00 13.71 ? 122 ASN A O     1 
ATOM   911  C  CB    . ASN A 1 122 ? -7.709  6.382   -8.484  1.00 13.29 ? 122 ASN A CB    1 
ATOM   912  C  CG    . ASN A 1 122 ? -6.352  6.983   -8.178  1.00 13.72 ? 122 ASN A CG    1 
ATOM   913  O  OD1   . ASN A 1 122 ? -5.346  6.280   -8.176  1.00 13.52 ? 122 ASN A OD1   1 
ATOM   914  N  ND2   . ASN A 1 122 ? -6.310  8.291   -7.965  1.00 14.51 ? 122 ASN A ND2   1 
ATOM   915  N  N     . ALA A 1 123 ? -8.851  3.415   -10.355 1.00 13.52 ? 123 ALA A N     1 
ATOM   916  C  CA    . ALA A 1 123 ? -9.566  2.160   -10.153 1.00 13.90 ? 123 ALA A CA    1 
ATOM   917  C  C     . ALA A 1 123 ? -8.793  1.171   -9.268  1.00 13.07 ? 123 ALA A C     1 
ATOM   918  O  O     . ALA A 1 123 ? -9.379  0.541   -8.374  1.00 12.30 ? 123 ALA A O     1 
ATOM   919  C  CB    . ALA A 1 123 ? -9.871  1.508   -11.510 1.00 14.11 ? 123 ALA A CB    1 
ATOM   920  N  N     . MET A 1 124 ? -7.499  1.019   -9.526  1.00 12.43 ? 124 MET A N     1 
ATOM   921  C  CA    . MET A 1 124 ? -6.685  0.071   -8.771  1.00 14.17 ? 124 MET A CA    1 
ATOM   922  C  C     . MET A 1 124 ? -6.614  0.427   -7.298  1.00 14.37 ? 124 MET A C     1 
ATOM   923  O  O     . MET A 1 124 ? -6.847  -0.418  -6.435  1.00 15.61 ? 124 MET A O     1 
ATOM   924  C  CB    . MET A 1 124 ? -5.290  -0.048  -9.373  1.00 15.36 ? 124 MET A CB    1 
ATOM   925  C  CG    . MET A 1 124 ? -4.459  -1.165  -8.777  1.00 19.32 ? 124 MET A CG    1 
ATOM   926  S  SD    . MET A 1 124 ? -5.231  -2.807  -8.959  1.00 22.41 ? 124 MET A SD    1 
ATOM   927  C  CE    . MET A 1 124 ? -4.067  -3.843  -8.069  1.00 22.37 ? 124 MET A CE    1 
ATOM   928  N  N     . GLY A 1 125 ? -6.323  1.691   -7.015  1.00 14.35 ? 125 GLY A N     1 
ATOM   929  C  CA    . GLY A 1 125 ? -6.243  2.150   -5.647  1.00 13.30 ? 125 GLY A CA    1 
ATOM   930  C  C     . GLY A 1 125 ? -7.564  1.997   -4.933  1.00 13.42 ? 125 GLY A C     1 
ATOM   931  O  O     . GLY A 1 125 ? -7.591  1.546   -3.787  1.00 13.26 ? 125 GLY A O     1 
ATOM   932  N  N     . LYS A 1 126 ? -8.663  2.351   -5.596  1.00 12.71 ? 126 LYS A N     1 
ATOM   933  C  CA    . LYS A 1 126 ? -9.990  2.232   -4.974  1.00 13.49 ? 126 LYS A CA    1 
ATOM   934  C  C     . LYS A 1 126 ? -10.348 0.773   -4.654  1.00 13.75 ? 126 LYS A C     1 
ATOM   935  O  O     . LYS A 1 126 ? -10.923 0.476   -3.605  1.00 12.62 ? 126 LYS A O     1 
ATOM   936  C  CB    . LYS A 1 126 ? -11.061 2.848   -5.876  1.00 14.77 ? 126 LYS A CB    1 
ATOM   937  C  CG    . LYS A 1 126 ? -10.980 4.362   -5.969  1.00 18.99 ? 126 LYS A CG    1 
ATOM   938  C  CD    . LYS A 1 126 ? -11.927 4.906   -7.024  1.00 22.28 ? 126 LYS A CD    1 
ATOM   939  C  CE    . LYS A 1 126 ? -11.899 6.433   -7.076  1.00 24.68 ? 126 LYS A CE    1 
ATOM   940  N  NZ    . LYS A 1 126 ? -12.634 6.988   -8.250  1.00 26.09 ? 126 LYS A NZ    1 
ATOM   941  N  N     . TYR A 1 127 ? -10.008 -0.123  -5.578  1.00 13.35 ? 127 TYR A N     1 
ATOM   942  C  CA    . TYR A 1 127 ? -10.283 -1.543  -5.421  1.00 14.28 ? 127 TYR A CA    1 
ATOM   943  C  C     . TYR A 1 127 ? -9.514  -2.164  -4.250  1.00 14.33 ? 127 TYR A C     1 
ATOM   944  O  O     . TYR A 1 127 ? -10.114 -2.855  -3.429  1.00 14.67 ? 127 TYR A O     1 
ATOM   945  C  CB    . TYR A 1 127 ? -9.959  -2.300  -6.708  1.00 13.97 ? 127 TYR A CB    1 
ATOM   946  C  CG    . TYR A 1 127 ? -10.270 -3.765  -6.589  1.00 15.61 ? 127 TYR A CG    1 
ATOM   947  C  CD1   . TYR A 1 127 ? -11.579 -4.196  -6.360  1.00 16.84 ? 127 TYR A CD1   1 
ATOM   948  C  CD2   . TYR A 1 127 ? -9.256  -4.713  -6.617  1.00 15.31 ? 127 TYR A CD2   1 
ATOM   949  C  CE1   . TYR A 1 127 ? -11.866 -5.551  -6.149  1.00 19.06 ? 127 TYR A CE1   1 
ATOM   950  C  CE2   . TYR A 1 127 ? -9.526  -6.057  -6.412  1.00 18.37 ? 127 TYR A CE2   1 
ATOM   951  C  CZ    . TYR A 1 127 ? -10.834 -6.471  -6.172  1.00 19.36 ? 127 TYR A CZ    1 
ATOM   952  O  OH    . TYR A 1 127 ? -11.096 -7.800  -5.916  1.00 20.36 ? 127 TYR A OH    1 
ATOM   953  N  N     . VAL A 1 128 ? -8.194  -1.971  -4.209  1.00 13.55 ? 128 VAL A N     1 
ATOM   954  C  CA    . VAL A 1 128 ? -7.361  -2.504  -3.124  1.00 12.35 ? 128 VAL A CA    1 
ATOM   955  C  C     . VAL A 1 128 ? -7.870  -2.015  -1.769  1.00 12.99 ? 128 VAL A C     1 
ATOM   956  O  O     . VAL A 1 128 ? -8.010  -2.791  -0.821  1.00 13.99 ? 128 VAL A O     1 
ATOM   957  C  CB    . VAL A 1 128 ? -5.877  -2.090  -3.284  1.00 11.63 ? 128 VAL A CB    1 
ATOM   958  C  CG1   . VAL A 1 128 ? -5.060  -2.522  -2.031  1.00 9.45  ? 128 VAL A CG1   1 
ATOM   959  C  CG2   . VAL A 1 128 ? -5.283  -2.735  -4.536  1.00 10.11 ? 128 VAL A CG2   1 
ATOM   960  N  N     . ASP A 1 129 ? -8.208  -0.734  -1.694  1.00 12.55 ? 129 ASP A N     1 
ATOM   961  C  CA    . ASP A 1 129 ? -8.701  -0.156  -0.460  1.00 13.60 ? 129 ASP A CA    1 
ATOM   962  C  C     . ASP A 1 129 ? -10.008 -0.834  -0.010  1.00 15.06 ? 129 ASP A C     1 
ATOM   963  O  O     . ASP A 1 129 ? -10.198 -1.131  1.165   1.00 14.59 ? 129 ASP A O     1 
ATOM   964  C  CB    . ASP A 1 129 ? -8.933  1.354   -0.658  1.00 13.65 ? 129 ASP A CB    1 
ATOM   965  C  CG    . ASP A 1 129 ? -9.497  2.033   0.581   1.00 16.14 ? 129 ASP A CG    1 
ATOM   966  O  OD1   . ASP A 1 129 ? -8.731  2.213   1.551   1.00 16.76 ? 129 ASP A OD1   1 
ATOM   967  O  OD2   . ASP A 1 129 ? -10.696 2.393   0.593   1.00 17.01 ? 129 ASP A OD2   1 
ATOM   968  N  N     . LYS A 1 130 ? -10.926 -1.027  -0.950  1.00 15.59 ? 130 LYS A N     1 
ATOM   969  C  CA    . LYS A 1 130 ? -12.221 -1.634  -0.667  1.00 17.40 ? 130 LYS A CA    1 
ATOM   970  C  C     . LYS A 1 130 ? -12.124 -3.121  -0.311  1.00 15.52 ? 130 LYS A C     1 
ATOM   971  O  O     . LYS A 1 130 ? -12.723 -3.584  0.656   1.00 15.10 ? 130 LYS A O     1 
ATOM   972  C  CB    . LYS A 1 130 ? -13.108 -1.466  -1.907  1.00 21.77 ? 130 LYS A CB    1 
ATOM   973  C  CG    . LYS A 1 130 ? -14.548 -1.880  -1.734  1.00 26.59 ? 130 LYS A CG    1 
ATOM   974  C  CD    . LYS A 1 130 ? -15.315 -1.670  -3.029  1.00 30.25 ? 130 LYS A CD    1 
ATOM   975  C  CE    . LYS A 1 130 ? -16.754 -1.304  -2.719  1.00 33.51 ? 130 LYS A CE    1 
ATOM   976  N  NZ    . LYS A 1 130 ? -16.865 0.003   -1.982  1.00 34.95 ? 130 LYS A NZ    1 
ATOM   977  N  N     . ARG A 1 131 ? -11.373 -3.859  -1.116  1.00 14.48 ? 131 ARG A N     1 
ATOM   978  C  CA    . ARG A 1 131 ? -11.201 -5.286  -0.954  1.00 15.49 ? 131 ARG A CA    1 
ATOM   979  C  C     . ARG A 1 131 ? -10.514 -5.667  0.365   1.00 16.02 ? 131 ARG A C     1 
ATOM   980  O  O     . ARG A 1 131 ? -10.943 -6.619  1.030   1.00 15.96 ? 131 ARG A O     1 
ATOM   981  C  CB    . ARG A 1 131 ? -10.459 -5.843  -2.172  1.00 16.75 ? 131 ARG A CB    1 
ATOM   982  C  CG    . ARG A 1 131 ? -10.059 -7.298  -2.134  1.00 21.71 ? 131 ARG A CG    1 
ATOM   983  C  CD    . ARG A 1 131 ? -11.013 -8.204  -2.911  1.00 24.82 ? 131 ARG A CD    1 
ATOM   984  N  NE    . ARG A 1 131 ? -12.238 -8.460  -2.175  1.00 26.75 ? 131 ARG A NE    1 
ATOM   985  C  CZ    . ARG A 1 131 ? -12.741 -9.669  -1.925  1.00 27.47 ? 131 ARG A CZ    1 
ATOM   986  N  NH1   . ARG A 1 131 ? -12.134 -10.771 -2.360  1.00 26.99 ? 131 ARG A NH1   1 
ATOM   987  N  NH2   . ARG A 1 131 ? -13.842 -9.770  -1.192  1.00 28.03 ? 131 ARG A NH2   1 
ATOM   988  N  N     . LEU A 1 132 ? -9.469  -4.944  0.767   1.00 14.71 ? 132 LEU A N     1 
ATOM   989  C  CA    . LEU A 1 132 ? -8.792  -5.281  2.027   1.00 15.08 ? 132 LEU A CA    1 
ATOM   990  C  C     . LEU A 1 132 ? -9.744  -5.148  3.211   1.00 15.68 ? 132 LEU A C     1 
ATOM   991  O  O     . LEU A 1 132 ? -9.741  -5.997  4.108   1.00 15.29 ? 132 LEU A O     1 
ATOM   992  C  CB    . LEU A 1 132 ? -7.533  -4.438  2.235   1.00 13.78 ? 132 LEU A CB    1 
ATOM   993  C  CG    . LEU A 1 132 ? -6.419  -4.800  1.264   1.00 12.74 ? 132 LEU A CG    1 
ATOM   994  C  CD1   . LEU A 1 132 ? -5.313  -3.772  1.354   1.00 15.82 ? 132 LEU A CD1   1 
ATOM   995  C  CD2   . LEU A 1 132 ? -5.887  -6.175  1.568   1.00 14.87 ? 132 LEU A CD2   1 
ATOM   996  N  N     . GLU A 1 133 ? -10.586 -4.116  3.196   1.00 16.32 ? 133 GLU A N     1 
ATOM   997  C  CA    . GLU A 1 133 ? -11.536 -3.932  4.277   1.00 17.15 ? 133 GLU A CA    1 
ATOM   998  C  C     . GLU A 1 133 ? -12.585 -5.056  4.253   1.00 17.77 ? 133 GLU A C     1 
ATOM   999  O  O     . GLU A 1 133 ? -13.000 -5.555  5.309   1.00 17.10 ? 133 GLU A O     1 
ATOM   1000 C  CB    . GLU A 1 133 ? -12.199 -2.567  4.201   1.00 18.18 ? 133 GLU A CB    1 
ATOM   1001 C  CG    . GLU A 1 133 ? -13.319 -2.417  5.202   1.00 22.60 ? 133 GLU A CG    1 
ATOM   1002 C  CD    . GLU A 1 133 ? -13.963 -1.061  5.161   1.00 25.82 ? 133 GLU A CD    1 
ATOM   1003 O  OE1   . GLU A 1 133 ? -14.616 -0.746  4.149   1.00 28.71 ? 133 GLU A OE1   1 
ATOM   1004 O  OE2   . GLU A 1 133 ? -13.817 -0.307  6.145   1.00 28.32 ? 133 GLU A OE2   1 
ATOM   1005 N  N     . GLN A 1 134 ? -13.002 -5.458  3.055   1.00 17.63 ? 134 GLN A N     1 
ATOM   1006 C  CA    . GLN A 1 134 ? -13.973 -6.538  2.905   1.00 17.45 ? 134 GLN A CA    1 
ATOM   1007 C  C     . GLN A 1 134 ? -13.443 -7.852  3.444   1.00 17.37 ? 134 GLN A C     1 
ATOM   1008 O  O     . GLN A 1 134 ? -14.200 -8.635  3.998   1.00 17.73 ? 134 GLN A O     1 
ATOM   1009 C  CB    . GLN A 1 134 ? -14.346 -6.741  1.448   1.00 18.06 ? 134 GLN A CB    1 
ATOM   1010 C  CG    . GLN A 1 134 ? -15.359 -5.754  0.983   1.00 20.17 ? 134 GLN A CG    1 
ATOM   1011 C  CD    . GLN A 1 134 ? -15.777 -6.013  -0.428  1.00 20.48 ? 134 GLN A CD    1 
ATOM   1012 O  OE1   . GLN A 1 134 ? -15.130 -6.765  -1.158  1.00 21.02 ? 134 GLN A OE1   1 
ATOM   1013 N  NE2   . GLN A 1 134 ? -16.870 -5.391  -0.830  1.00 21.50 ? 134 GLN A NE2   1 
ATOM   1014 N  N     . LEU A 1 135 ? -12.150 -8.094  3.267   1.00 16.06 ? 135 LEU A N     1 
ATOM   1015 C  CA    . LEU A 1 135 ? -11.528 -9.314  3.749   1.00 16.09 ? 135 LEU A CA    1 
ATOM   1016 C  C     . LEU A 1 135 ? -11.238 -9.327  5.257   1.00 16.26 ? 135 LEU A C     1 
ATOM   1017 O  O     . LEU A 1 135 ? -10.764 -10.332 5.788   1.00 17.43 ? 135 LEU A O     1 
ATOM   1018 C  CB    . LEU A 1 135 ? -10.266 -9.599  2.958   1.00 15.10 ? 135 LEU A CB    1 
ATOM   1019 C  CG    . LEU A 1 135 ? -10.557 -9.980  1.511   1.00 15.53 ? 135 LEU A CG    1 
ATOM   1020 C  CD1   . LEU A 1 135 ? -9.269  -9.939  0.716   1.00 14.73 ? 135 LEU A CD1   1 
ATOM   1021 C  CD2   . LEU A 1 135 ? -11.170 -11.371 1.460   1.00 16.28 ? 135 LEU A CD2   1 
ATOM   1022 N  N     . GLY A 1 136 ? -11.508 -8.220  5.940   1.00 15.76 ? 136 GLY A N     1 
ATOM   1023 C  CA    . GLY A 1 136 ? -11.299 -8.170  7.374   1.00 16.38 ? 136 GLY A CA    1 
ATOM   1024 C  C     . GLY A 1 136 ? -10.195 -7.279  7.910   1.00 17.71 ? 136 GLY A C     1 
ATOM   1025 O  O     . GLY A 1 136 ? -10.035 -7.170  9.129   1.00 17.22 ? 136 GLY A O     1 
ATOM   1026 N  N     . ALA A 1 137 ? -9.437  -6.637  7.026   1.00 17.87 ? 137 ALA A N     1 
ATOM   1027 C  CA    . ALA A 1 137 ? -8.357  -5.758  7.456   1.00 17.34 ? 137 ALA A CA    1 
ATOM   1028 C  C     . ALA A 1 137 ? -8.920  -4.428  7.980   1.00 18.34 ? 137 ALA A C     1 
ATOM   1029 O  O     . ALA A 1 137 ? -10.079 -4.071  7.701   1.00 17.93 ? 137 ALA A O     1 
ATOM   1030 C  CB    . ALA A 1 137 ? -7.360  -5.533  6.300   1.00 16.90 ? 137 ALA A CB    1 
ATOM   1031 N  N     . GLN A 1 138 ? -8.108  -3.708  8.754   1.00 17.81 ? 138 GLN A N     1 
ATOM   1032 C  CA    . GLN A 1 138 ? -8.512  -2.432  9.322   1.00 19.33 ? 138 GLN A CA    1 
ATOM   1033 C  C     . GLN A 1 138 ? -7.776  -1.293  8.622   1.00 18.62 ? 138 GLN A C     1 
ATOM   1034 O  O     . GLN A 1 138 ? -6.550  -1.277  8.579   1.00 18.00 ? 138 GLN A O     1 
ATOM   1035 C  CB    . GLN A 1 138 ? -8.179  -2.413  10.813  1.00 22.05 ? 138 GLN A CB    1 
ATOM   1036 C  CG    . GLN A 1 138 ? -8.585  -1.142  11.541  1.00 26.78 ? 138 GLN A CG    1 
ATOM   1037 C  CD    . GLN A 1 138 ? -8.214  -1.152  13.032  1.00 30.46 ? 138 GLN A CD    1 
ATOM   1038 O  OE1   . GLN A 1 138 ? -8.493  -0.184  13.746  1.00 32.54 ? 138 GLN A OE1   1 
ATOM   1039 N  NE2   . GLN A 1 138 ? -7.582  -2.238  13.503  1.00 32.75 ? 138 GLN A NE2   1 
ATOM   1040 N  N     . ARG A 1 139 ? -8.523  -0.360  8.048   1.00 18.85 ? 139 ARG A N     1 
ATOM   1041 C  CA    . ARG A 1 139 ? -7.925  0.786   7.358   1.00 18.30 ? 139 ARG A CA    1 
ATOM   1042 C  C     . ARG A 1 139 ? -7.507  1.776   8.433   1.00 18.70 ? 139 ARG A C     1 
ATOM   1043 O  O     . ARG A 1 139 ? -8.339  2.170   9.251   1.00 19.04 ? 139 ARG A O     1 
ATOM   1044 C  CB    . ARG A 1 139 ? -8.976  1.443   6.464   1.00 17.42 ? 139 ARG A CB    1 
ATOM   1045 C  CG    . ARG A 1 139 ? -8.543  2.741   5.811   1.00 16.88 ? 139 ARG A CG    1 
ATOM   1046 C  CD    . ARG A 1 139 ? -9.714  3.379   5.061   1.00 15.45 ? 139 ARG A CD    1 
ATOM   1047 N  NE    . ARG A 1 139 ? -10.224 2.451   4.062   1.00 16.24 ? 139 ARG A NE    1 
ATOM   1048 C  CZ    . ARG A 1 139 ? -11.410 1.853   4.129   1.00 16.37 ? 139 ARG A CZ    1 
ATOM   1049 N  NH1   . ARG A 1 139 ? -12.218 2.108   5.151   1.00 16.43 ? 139 ARG A NH1   1 
ATOM   1050 N  NH2   . ARG A 1 139 ? -11.749 0.945   3.217   1.00 16.15 ? 139 ARG A NH2   1 
ATOM   1051 N  N     . ILE A 1 140 ? -6.235  2.164   8.472   1.00 18.37 ? 140 ILE A N     1 
ATOM   1052 C  CA    . ILE A 1 140 ? -5.837  3.129   9.499   1.00 19.64 ? 140 ILE A CA    1 
ATOM   1053 C  C     . ILE A 1 140 ? -5.839  4.589   9.029   1.00 19.68 ? 140 ILE A C     1 
ATOM   1054 O  O     . ILE A 1 140 ? -5.866  5.514   9.845   1.00 19.00 ? 140 ILE A O     1 
ATOM   1055 C  CB    . ILE A 1 140 ? -4.528  2.745   10.233  1.00 20.51 ? 140 ILE A CB    1 
ATOM   1056 C  CG1   . ILE A 1 140 ? -3.363  2.660   9.273   1.00 21.82 ? 140 ILE A CG1   1 
ATOM   1057 C  CG2   . ILE A 1 140 ? -4.717  1.444   10.992  1.00 22.99 ? 140 ILE A CG2   1 
ATOM   1058 C  CD1   . ILE A 1 140 ? -2.753  4.000   8.990   1.00 25.55 ? 140 ILE A CD1   1 
ATOM   1059 N  N     . PHE A 1 141 ? -5.854  4.791   7.713   1.00 18.60 ? 141 PHE A N     1 
ATOM   1060 C  CA    . PHE A 1 141 ? -5.901  6.134   7.151   1.00 19.39 ? 141 PHE A CA    1 
ATOM   1061 C  C     . PHE A 1 141 ? -6.658  6.112   5.817   1.00 19.18 ? 141 PHE A C     1 
ATOM   1062 O  O     . PHE A 1 141 ? -6.543  5.146   5.052   1.00 17.83 ? 141 PHE A O     1 
ATOM   1063 C  CB    . PHE A 1 141 ? -4.492  6.712   6.946   1.00 18.97 ? 141 PHE A CB    1 
ATOM   1064 C  CG    . PHE A 1 141 ? -4.496  8.195   6.691   1.00 19.79 ? 141 PHE A CG    1 
ATOM   1065 C  CD1   . PHE A 1 141 ? -5.150  9.057   7.575   1.00 20.17 ? 141 PHE A CD1   1 
ATOM   1066 C  CD2   . PHE A 1 141 ? -3.923  8.726   5.544   1.00 20.20 ? 141 PHE A CD2   1 
ATOM   1067 C  CE1   . PHE A 1 141 ? -5.241  10.422  7.319   1.00 20.37 ? 141 PHE A CE1   1 
ATOM   1068 C  CE2   . PHE A 1 141 ? -4.006  10.092  5.277   1.00 20.62 ? 141 PHE A CE2   1 
ATOM   1069 C  CZ    . PHE A 1 141 ? -4.670  10.938  6.168   1.00 20.18 ? 141 PHE A CZ    1 
ATOM   1070 N  N     . GLU A 1 142 ? -7.397  7.186   5.537   1.00 19.80 ? 142 GLU A N     1 
ATOM   1071 C  CA    . GLU A 1 142 ? -8.183  7.311   4.304   1.00 20.15 ? 142 GLU A CA    1 
ATOM   1072 C  C     . GLU A 1 142 ? -7.401  7.084   3.010   1.00 18.73 ? 142 GLU A C     1 
ATOM   1073 O  O     . GLU A 1 142 ? -6.189  7.353   2.924   1.00 17.37 ? 142 GLU A O     1 
ATOM   1074 C  CB    . GLU A 1 142 ? -8.848  8.679   4.242   1.00 23.59 ? 142 GLU A CB    1 
ATOM   1075 C  CG    . GLU A 1 142 ? -7.853  9.820   4.091   1.00 29.66 ? 142 GLU A CG    1 
ATOM   1076 C  CD    . GLU A 1 142 ? -8.446  11.172  4.457   1.00 32.93 ? 142 GLU A CD    1 
ATOM   1077 O  OE1   . GLU A 1 142 ? -8.653  11.408  5.670   1.00 36.34 ? 142 GLU A OE1   1 
ATOM   1078 O  OE2   . GLU A 1 142 ? -8.694  11.993  3.546   1.00 33.49 ? 142 GLU A OE2   1 
ATOM   1079 N  N     . LEU A 1 143 ? -8.126  6.630   1.993   1.00 17.03 ? 143 LEU A N     1 
ATOM   1080 C  CA    . LEU A 1 143 ? -7.562  6.359   0.675   1.00 16.27 ? 143 LEU A CA    1 
ATOM   1081 C  C     . LEU A 1 143 ? -7.107  7.683   0.060   1.00 15.95 ? 143 LEU A C     1 
ATOM   1082 O  O     . LEU A 1 143 ? -7.864  8.645   0.058   1.00 15.71 ? 143 LEU A O     1 
ATOM   1083 C  CB    . LEU A 1 143 ? -8.651  5.761   -0.220  1.00 16.44 ? 143 LEU A CB    1 
ATOM   1084 C  CG    . LEU A 1 143 ? -8.396  4.928   -1.487  1.00 16.68 ? 143 LEU A CG    1 
ATOM   1085 C  CD1   . LEU A 1 143 ? -9.403  5.360   -2.496  1.00 15.41 ? 143 LEU A CD1   1 
ATOM   1086 C  CD2   . LEU A 1 143 ? -7.006  5.019   -2.061  1.00 15.48 ? 143 LEU A CD2   1 
ATOM   1087 N  N     . GLY A 1 144 ? -5.863  7.728   -0.406  1.00 16.27 ? 144 GLY A N     1 
ATOM   1088 C  CA    . GLY A 1 144 ? -5.333  8.920   -1.045  1.00 17.01 ? 144 GLY A CA    1 
ATOM   1089 C  C     . GLY A 1 144 ? -5.569  8.755   -2.537  1.00 16.98 ? 144 GLY A C     1 
ATOM   1090 O  O     . GLY A 1 144 ? -5.323  7.682   -3.093  1.00 16.38 ? 144 GLY A O     1 
ATOM   1091 N  N     . LEU A 1 145 ? -6.100  9.793   -3.177  1.00 16.89 ? 145 LEU A N     1 
ATOM   1092 C  CA    . LEU A 1 145 ? -6.385  9.752   -4.610  1.00 16.59 ? 145 LEU A CA    1 
ATOM   1093 C  C     . LEU A 1 145 ? -5.532  10.776  -5.340  1.00 16.50 ? 145 LEU A C     1 
ATOM   1094 O  O     . LEU A 1 145 ? -5.960  11.912  -5.545  1.00 18.97 ? 145 LEU A O     1 
ATOM   1095 C  CB    . LEU A 1 145 ? -7.880  10.016  -4.872  1.00 15.54 ? 145 LEU A CB    1 
ATOM   1096 C  CG    . LEU A 1 145 ? -8.821  8.967   -4.270  1.00 14.44 ? 145 LEU A CG    1 
ATOM   1097 C  CD1   . LEU A 1 145 ? -10.251 9.410   -4.338  1.00 14.09 ? 145 LEU A CD1   1 
ATOM   1098 C  CD2   . LEU A 1 145 ? -8.606  7.651   -4.980  1.00 14.89 ? 145 LEU A CD2   1 
ATOM   1099 N  N     . GLY A 1 146 ? -4.322  10.377  -5.707  1.00 15.06 ? 146 GLY A N     1 
ATOM   1100 C  CA    . GLY A 1 146 ? -3.425  11.265  -6.418  1.00 15.28 ? 146 GLY A CA    1 
ATOM   1101 C  C     . GLY A 1 146 ? -3.860  11.450  -7.861  1.00 15.43 ? 146 GLY A C     1 
ATOM   1102 O  O     . GLY A 1 146 ? -4.234  10.485  -8.524  1.00 15.36 ? 146 GLY A O     1 
ATOM   1103 N  N     . ASP A 1 147 ? -3.744  12.680  -8.360  1.00 14.98 ? 147 ASP A N     1 
ATOM   1104 C  CA    . ASP A 1 147 ? -4.153  13.019  -9.713  1.00 13.94 ? 147 ASP A CA    1 
ATOM   1105 C  C     . ASP A 1 147 ? -2.983  13.551  -10.531 1.00 14.75 ? 147 ASP A C     1 
ATOM   1106 O  O     . ASP A 1 147 ? -2.600  14.709  -10.398 1.00 14.48 ? 147 ASP A O     1 
ATOM   1107 C  CB    . ASP A 1 147 ? -5.269  14.053  -9.636  1.00 14.31 ? 147 ASP A CB    1 
ATOM   1108 C  CG    . ASP A 1 147 ? -5.744  14.526  -11.008 1.00 14.10 ? 147 ASP A CG    1 
ATOM   1109 O  OD1   . ASP A 1 147 ? -5.440  13.890  -12.042 1.00 12.53 ? 147 ASP A OD1   1 
ATOM   1110 O  OD2   . ASP A 1 147 ? -6.431  15.553  -11.035 1.00 16.63 ? 147 ASP A OD2   1 
ATOM   1111 N  N     . ASP A 1 148 ? -2.461  12.705  -11.416 1.00 14.36 ? 148 ASP A N     1 
ATOM   1112 C  CA    . ASP A 1 148 ? -1.327  13.030  -12.284 1.00 15.79 ? 148 ASP A CA    1 
ATOM   1113 C  C     . ASP A 1 148 ? -1.648  14.061  -13.386 1.00 17.22 ? 148 ASP A C     1 
ATOM   1114 O  O     . ASP A 1 148 ? -0.764  14.458  -14.150 1.00 18.13 ? 148 ASP A O     1 
ATOM   1115 C  CB    . ASP A 1 148 ? -0.783  11.742  -12.910 1.00 16.56 ? 148 ASP A CB    1 
ATOM   1116 C  CG    . ASP A 1 148 ? 0.690   11.834  -13.255 1.00 17.08 ? 148 ASP A CG    1 
ATOM   1117 O  OD1   . ASP A 1 148 ? 1.377   12.741  -12.754 1.00 18.65 ? 148 ASP A OD1   1 
ATOM   1118 O  OD2   . ASP A 1 148 ? 1.169   10.998  -14.040 1.00 17.87 ? 148 ASP A OD2   1 
ATOM   1119 N  N     . ASP A 1 149 ? -2.918  14.425  -13.525 1.00 18.03 ? 149 ASP A N     1 
ATOM   1120 C  CA    . ASP A 1 149 ? -3.304  15.430  -14.503 1.00 20.51 ? 149 ASP A CA    1 
ATOM   1121 C  C     . ASP A 1 149 ? -3.055  16.821  -13.891 1.00 22.45 ? 149 ASP A C     1 
ATOM   1122 O  O     . ASP A 1 149 ? -2.968  17.818  -14.609 1.00 24.52 ? 149 ASP A O     1 
ATOM   1123 C  CB    . ASP A 1 149 ? -4.778  15.288  -14.867 1.00 20.13 ? 149 ASP A CB    1 
ATOM   1124 C  CG    . ASP A 1 149 ? -5.243  16.363  -15.833 1.00 20.47 ? 149 ASP A CG    1 
ATOM   1125 O  OD1   . ASP A 1 149 ? -4.657  16.460  -16.933 1.00 19.55 ? 149 ASP A OD1   1 
ATOM   1126 O  OD2   . ASP A 1 149 ? -6.172  17.115  -15.472 1.00 18.96 ? 149 ASP A OD2   1 
ATOM   1127 N  N     . GLY A 1 150 ? -3.034  16.880  -12.560 1.00 22.62 ? 150 GLY A N     1 
ATOM   1128 C  CA    . GLY A 1 150 ? -2.771  18.117  -11.854 1.00 22.59 ? 150 GLY A CA    1 
ATOM   1129 C  C     . GLY A 1 150 ? -1.341  18.036  -11.334 1.00 22.45 ? 150 GLY A C     1 
ATOM   1130 O  O     . GLY A 1 150 ? -0.390  17.971  -12.103 1.00 22.48 ? 150 GLY A O     1 
ATOM   1131 N  N     . ASN A 1 151 ? -1.185  18.002  -10.020 1.00 23.10 ? 151 ASN A N     1 
ATOM   1132 C  CA    . ASN A 1 151 ? 0.141   17.901  -9.416  1.00 23.47 ? 151 ASN A CA    1 
ATOM   1133 C  C     . ASN A 1 151 ? 0.117   16.712  -8.442  1.00 21.99 ? 151 ASN A C     1 
ATOM   1134 O  O     . ASN A 1 151 ? -0.256  16.845  -7.265  1.00 20.10 ? 151 ASN A O     1 
ATOM   1135 C  CB    . ASN A 1 151 ? 0.505   19.200  -8.681  1.00 26.54 ? 151 ASN A CB    1 
ATOM   1136 C  CG    . ASN A 1 151 ? 2.018   19.367  -8.477  1.00 28.44 ? 151 ASN A CG    1 
ATOM   1137 O  OD1   . ASN A 1 151 ? 2.781   18.401  -8.436  1.00 29.43 ? 151 ASN A OD1   1 
ATOM   1138 N  ND2   . ASN A 1 151 ? 2.447   20.608  -8.342  1.00 30.56 ? 151 ASN A ND2   1 
ATOM   1139 N  N     . LEU A 1 152 ? 0.474   15.544  -8.966  1.00 21.06 ? 152 LEU A N     1 
ATOM   1140 C  CA    . LEU A 1 152 ? 0.504   14.308  -8.195  1.00 20.75 ? 152 LEU A CA    1 
ATOM   1141 C  C     . LEU A 1 152 ? 1.423   14.453  -6.975  1.00 22.72 ? 152 LEU A C     1 
ATOM   1142 O  O     . LEU A 1 152 ? 1.089   14.014  -5.871  1.00 22.79 ? 152 LEU A O     1 
ATOM   1143 C  CB    . LEU A 1 152 ? 0.985   13.163  -9.095  1.00 17.70 ? 152 LEU A CB    1 
ATOM   1144 C  CG    . LEU A 1 152 ? 1.149   11.768  -8.491  1.00 14.45 ? 152 LEU A CG    1 
ATOM   1145 C  CD1   . LEU A 1 152 ? -0.171  11.293  -7.912  1.00 12.41 ? 152 LEU A CD1   1 
ATOM   1146 C  CD2   . LEU A 1 152 ? 1.661   10.819  -9.541  1.00 14.59 ? 152 LEU A CD2   1 
ATOM   1147 N  N     . GLU A 1 153 ? 2.582   15.061  -7.198  1.00 24.48 ? 153 GLU A N     1 
ATOM   1148 C  CA    . GLU A 1 153 ? 3.572   15.296  -6.156  1.00 27.60 ? 153 GLU A CA    1 
ATOM   1149 C  C     . GLU A 1 153 ? 2.937   16.008  -4.951  1.00 27.40 ? 153 GLU A C     1 
ATOM   1150 O  O     . GLU A 1 153 ? 3.118   15.577  -3.805  1.00 26.58 ? 153 GLU A O     1 
ATOM   1151 C  CB    . GLU A 1 153 ? 4.717   16.134  -6.745  1.00 31.29 ? 153 GLU A CB    1 
ATOM   1152 C  CG    . GLU A 1 153 ? 5.861   16.456  -5.803  1.00 36.47 ? 153 GLU A CG    1 
ATOM   1153 C  CD    . GLU A 1 153 ? 6.645   15.233  -5.376  1.00 39.83 ? 153 GLU A CD    1 
ATOM   1154 O  OE1   . GLU A 1 153 ? 6.849   14.316  -6.209  1.00 41.63 ? 153 GLU A OE1   1 
ATOM   1155 O  OE2   . GLU A 1 153 ? 7.071   15.203  -4.200  1.00 41.74 ? 153 GLU A OE2   1 
ATOM   1156 N  N     . GLU A 1 154 ? 2.151   17.056  -5.215  1.00 26.40 ? 154 GLU A N     1 
ATOM   1157 C  CA    . GLU A 1 154 ? 1.506   17.800  -4.143  1.00 27.01 ? 154 GLU A CA    1 
ATOM   1158 C  C     . GLU A 1 154 ? 0.415   16.958  -3.468  1.00 24.99 ? 154 GLU A C     1 
ATOM   1159 O  O     . GLU A 1 154 ? 0.209   17.053  -2.255  1.00 23.99 ? 154 GLU A O     1 
ATOM   1160 C  CB    . GLU A 1 154 ? 0.924   19.139  -4.639  1.00 30.04 ? 154 GLU A CB    1 
ATOM   1161 C  CG    . GLU A 1 154 ? 0.647   20.138  -3.483  1.00 36.72 ? 154 GLU A CG    1 
ATOM   1162 C  CD    . GLU A 1 154 ? -0.164  21.387  -3.882  1.00 40.76 ? 154 GLU A CD    1 
ATOM   1163 O  OE1   . GLU A 1 154 ? -0.380  21.622  -5.092  1.00 41.97 ? 154 GLU A OE1   1 
ATOM   1164 O  OE2   . GLU A 1 154 ? -0.586  22.140  -2.964  1.00 42.00 ? 154 GLU A OE2   1 
ATOM   1165 N  N     . ASP A 1 155 ? -0.305  16.158  -4.250  1.00 22.94 ? 155 ASP A N     1 
ATOM   1166 C  CA    . ASP A 1 155 ? -1.354  15.301  -3.687  1.00 21.35 ? 155 ASP A CA    1 
ATOM   1167 C  C     . ASP A 1 155 ? -0.723  14.318  -2.701  1.00 19.52 ? 155 ASP A C     1 
ATOM   1168 O  O     . ASP A 1 155 ? -1.246  14.091  -1.602  1.00 18.82 ? 155 ASP A O     1 
ATOM   1169 C  CB    . ASP A 1 155 ? -2.082  14.529  -4.790  1.00 21.00 ? 155 ASP A CB    1 
ATOM   1170 C  CG    . ASP A 1 155 ? -3.033  15.398  -5.593  1.00 21.21 ? 155 ASP A CG    1 
ATOM   1171 O  OD1   . ASP A 1 155 ? -3.479  16.447  -5.087  1.00 21.87 ? 155 ASP A OD1   1 
ATOM   1172 O  OD2   . ASP A 1 155 ? -3.365  15.007  -6.722  1.00 21.55 ? 155 ASP A OD2   1 
ATOM   1173 N  N     . PHE A 1 156 ? 0.425   13.779  -3.090  1.00 18.30 ? 156 PHE A N     1 
ATOM   1174 C  CA    . PHE A 1 156 ? 1.165   12.828  -2.263  1.00 19.21 ? 156 PHE A CA    1 
ATOM   1175 C  C     . PHE A 1 156 ? 1.631   13.475  -0.951  1.00 19.92 ? 156 PHE A C     1 
ATOM   1176 O  O     . PHE A 1 156 ? 1.438   12.922  0.135   1.00 19.01 ? 156 PHE A O     1 
ATOM   1177 C  CB    . PHE A 1 156 ? 2.374   12.298  -3.032  1.00 17.85 ? 156 PHE A CB    1 
ATOM   1178 C  CG    . PHE A 1 156 ? 3.240   11.381  -2.233  1.00 18.54 ? 156 PHE A CG    1 
ATOM   1179 C  CD1   . PHE A 1 156 ? 2.702   10.241  -1.632  1.00 18.77 ? 156 PHE A CD1   1 
ATOM   1180 C  CD2   . PHE A 1 156 ? 4.596   11.635  -2.093  1.00 18.11 ? 156 PHE A CD2   1 
ATOM   1181 C  CE1   . PHE A 1 156 ? 3.514   9.366   -0.904  1.00 18.35 ? 156 PHE A CE1   1 
ATOM   1182 C  CE2   . PHE A 1 156 ? 5.414   10.770  -1.372  1.00 19.02 ? 156 PHE A CE2   1 
ATOM   1183 C  CZ    . PHE A 1 156 ? 4.876   9.635   -0.779  1.00 18.73 ? 156 PHE A CZ    1 
ATOM   1184 N  N     . ILE A 1 157 ? 2.245   14.649  -1.064  1.00 19.89 ? 157 ILE A N     1 
ATOM   1185 C  CA    . ILE A 1 157 ? 2.731   15.379  0.098   1.00 19.83 ? 157 ILE A CA    1 
ATOM   1186 C  C     . ILE A 1 157 ? 1.608   15.703  1.082   1.00 18.58 ? 157 ILE A C     1 
ATOM   1187 O  O     . ILE A 1 157 ? 1.759   15.472  2.276   1.00 19.73 ? 157 ILE A O     1 
ATOM   1188 C  CB    . ILE A 1 157 ? 3.537   16.635  -0.347  1.00 20.82 ? 157 ILE A CB    1 
ATOM   1189 C  CG1   . ILE A 1 157 ? 4.907   16.177  -0.853  1.00 21.38 ? 157 ILE A CG1   1 
ATOM   1190 C  CG2   . ILE A 1 157 ? 3.686   17.634  0.788   1.00 20.03 ? 157 ILE A CG2   1 
ATOM   1191 C  CD1   . ILE A 1 157 ? 5.703   17.248  -1.543  1.00 26.14 ? 157 ILE A CD1   1 
ATOM   1192 N  N     . THR A 1 158 ? 0.461   16.143  0.579   1.00 17.46 ? 158 THR A N     1 
ATOM   1193 C  CA    . THR A 1 158 ? -0.680  16.468  1.429   1.00 18.70 ? 158 THR A CA    1 
ATOM   1194 C  C     . THR A 1 158 ? -1.173  15.232  2.202   1.00 19.12 ? 158 THR A C     1 
ATOM   1195 O  O     . THR A 1 158 ? -1.506  15.302  3.390   1.00 18.78 ? 158 THR A O     1 
ATOM   1196 C  CB    . THR A 1 158 ? -1.835  17.019  0.579   1.00 19.55 ? 158 THR A CB    1 
ATOM   1197 O  OG1   . THR A 1 158 ? -1.410  18.225  -0.073  1.00 20.70 ? 158 THR A OG1   1 
ATOM   1198 C  CG2   . THR A 1 158 ? -3.073  17.300  1.438   1.00 19.38 ? 158 THR A CG2   1 
ATOM   1199 N  N     . TRP A 1 159 ? -1.200  14.095  1.515   1.00 18.23 ? 159 TRP A N     1 
ATOM   1200 C  CA    . TRP A 1 159 ? -1.643  12.848  2.105   1.00 16.53 ? 159 TRP A CA    1 
ATOM   1201 C  C     . TRP A 1 159 ? -0.637  12.415  3.179   1.00 17.20 ? 159 TRP A C     1 
ATOM   1202 O  O     . TRP A 1 159 ? -1.011  12.145  4.318   1.00 17.04 ? 159 TRP A O     1 
ATOM   1203 C  CB    . TRP A 1 159 ? -1.746  11.786  1.007   1.00 14.25 ? 159 TRP A CB    1 
ATOM   1204 C  CG    . TRP A 1 159 ? -2.291  10.460  1.472   1.00 13.26 ? 159 TRP A CG    1 
ATOM   1205 C  CD1   . TRP A 1 159 ? -3.607  10.126  1.653   1.00 13.27 ? 159 TRP A CD1   1 
ATOM   1206 C  CD2   . TRP A 1 159 ? -1.531  9.293   1.803   1.00 13.56 ? 159 TRP A CD2   1 
ATOM   1207 N  NE1   . TRP A 1 159 ? -3.707  8.812   2.072   1.00 14.15 ? 159 TRP A NE1   1 
ATOM   1208 C  CE2   . TRP A 1 159 ? -2.448  8.281   2.173   1.00 13.65 ? 159 TRP A CE2   1 
ATOM   1209 C  CE3   . TRP A 1 159 ? -0.155  9.001   1.826   1.00 14.07 ? 159 TRP A CE3   1 
ATOM   1210 C  CZ2   . TRP A 1 159 ? -2.035  7.004   2.564   1.00 14.08 ? 159 TRP A CZ2   1 
ATOM   1211 C  CZ3   . TRP A 1 159 ? 0.254   7.726   2.216   1.00 13.69 ? 159 TRP A CZ3   1 
ATOM   1212 C  CH2   . TRP A 1 159 ? -0.686  6.750   2.580   1.00 13.70 ? 159 TRP A CH2   1 
ATOM   1213 N  N     . ARG A 1 160 ? 0.632   12.358  2.791   1.00 18.27 ? 160 ARG A N     1 
ATOM   1214 C  CA    . ARG A 1 160 ? 1.744   11.950  3.645   1.00 21.06 ? 160 ARG A CA    1 
ATOM   1215 C  C     . ARG A 1 160 ? 1.844   12.798  4.918   1.00 22.40 ? 160 ARG A C     1 
ATOM   1216 O  O     . ARG A 1 160 ? 2.087   12.279  6.012   1.00 21.26 ? 160 ARG A O     1 
ATOM   1217 C  CB    . ARG A 1 160 ? 3.021   12.062  2.829   1.00 22.38 ? 160 ARG A CB    1 
ATOM   1218 C  CG    . ARG A 1 160 ? 4.300   11.746  3.516   1.00 26.29 ? 160 ARG A CG    1 
ATOM   1219 C  CD    . ARG A 1 160 ? 5.327   12.626  2.866   1.00 29.29 ? 160 ARG A CD    1 
ATOM   1220 N  NE    . ARG A 1 160 ? 6.671   12.075  2.864   1.00 33.00 ? 160 ARG A NE    1 
ATOM   1221 C  CZ    . ARG A 1 160 ? 7.760   12.815  2.668   1.00 36.99 ? 160 ARG A CZ    1 
ATOM   1222 N  NH1   . ARG A 1 160 ? 7.646   14.126  2.473   1.00 39.03 ? 160 ARG A NH1   1 
ATOM   1223 N  NH2   . ARG A 1 160 ? 8.960   12.248  2.602   1.00 37.72 ? 160 ARG A NH2   1 
ATOM   1224 N  N     . GLU A 1 161 ? 1.618   14.097  4.764   1.00 23.84 ? 161 GLU A N     1 
ATOM   1225 C  CA    . GLU A 1 161 ? 1.676   15.044  5.867   1.00 26.06 ? 161 GLU A CA    1 
ATOM   1226 C  C     . GLU A 1 161 ? 0.679   14.664  6.953   1.00 24.44 ? 161 GLU A C     1 
ATOM   1227 O  O     . GLU A 1 161 ? 0.953   14.832  8.136   1.00 24.57 ? 161 GLU A O     1 
ATOM   1228 C  CB    . GLU A 1 161 ? 1.373   16.444  5.329   1.00 29.36 ? 161 GLU A CB    1 
ATOM   1229 C  CG    . GLU A 1 161 ? 1.538   17.577  6.326   1.00 37.21 ? 161 GLU A CG    1 
ATOM   1230 C  CD    . GLU A 1 161 ? 1.168   18.941  5.738   1.00 41.59 ? 161 GLU A CD    1 
ATOM   1231 O  OE1   . GLU A 1 161 ? 0.643   18.997  4.597   1.00 43.66 ? 161 GLU A OE1   1 
ATOM   1232 O  OE2   . GLU A 1 161 ? 1.394   19.963  6.429   1.00 44.85 ? 161 GLU A OE2   1 
ATOM   1233 N  N     . GLN A 1 162 ? -0.491  14.173  6.551   1.00 23.08 ? 162 GLN A N     1 
ATOM   1234 C  CA    . GLN A 1 162 ? -1.521  13.771  7.505   1.00 22.21 ? 162 GLN A CA    1 
ATOM   1235 C  C     . GLN A 1 162 ? -1.469  12.287  7.874   1.00 20.29 ? 162 GLN A C     1 
ATOM   1236 O  O     . GLN A 1 162 ? -1.995  11.877  8.907   1.00 19.47 ? 162 GLN A O     1 
ATOM   1237 C  CB    . GLN A 1 162 ? -2.897  14.090  6.942   1.00 24.87 ? 162 GLN A CB    1 
ATOM   1238 C  CG    . GLN A 1 162 ? -3.094  15.549  6.627   1.00 29.35 ? 162 GLN A CG    1 
ATOM   1239 C  CD    . GLN A 1 162 ? -4.270  15.759  5.724   1.00 32.61 ? 162 GLN A CD    1 
ATOM   1240 O  OE1   . GLN A 1 162 ? -5.266  16.360  6.114   1.00 36.02 ? 162 GLN A OE1   1 
ATOM   1241 N  NE2   . GLN A 1 162 ? -4.174  15.249  4.504   1.00 35.18 ? 162 GLN A NE2   1 
ATOM   1242 N  N     . PHE A 1 163 ? -0.829  11.493  7.027   1.00 17.66 ? 163 PHE A N     1 
ATOM   1243 C  CA    . PHE A 1 163 ? -0.722  10.063  7.238   1.00 15.98 ? 163 PHE A CA    1 
ATOM   1244 C  C     . PHE A 1 163 ? 0.079   9.688   8.480   1.00 15.55 ? 163 PHE A C     1 
ATOM   1245 O  O     . PHE A 1 163 ? -0.410  8.949   9.336   1.00 15.59 ? 163 PHE A O     1 
ATOM   1246 C  CB    . PHE A 1 163 ? -0.106  9.404   6.006   1.00 14.08 ? 163 PHE A CB    1 
ATOM   1247 C  CG    . PHE A 1 163 ? 0.290   7.971   6.218   1.00 13.47 ? 163 PHE A CG    1 
ATOM   1248 C  CD1   . PHE A 1 163 ? -0.682  6.982   6.374   1.00 13.20 ? 163 PHE A CD1   1 
ATOM   1249 C  CD2   . PHE A 1 163 ? 1.632   7.606   6.227   1.00 12.07 ? 163 PHE A CD2   1 
ATOM   1250 C  CE1   . PHE A 1 163 ? -0.318  5.641   6.531   1.00 13.86 ? 163 PHE A CE1   1 
ATOM   1251 C  CE2   . PHE A 1 163 ? 2.015   6.276   6.382   1.00 14.17 ? 163 PHE A CE2   1 
ATOM   1252 C  CZ    . PHE A 1 163 ? 1.033   5.285   6.533   1.00 13.76 ? 163 PHE A CZ    1 
ATOM   1253 N  N     . TRP A 1 164 ? 1.303   10.191  8.576   1.00 15.11 ? 164 TRP A N     1 
ATOM   1254 C  CA    . TRP A 1 164 ? 2.161   9.874   9.713   1.00 15.57 ? 164 TRP A CA    1 
ATOM   1255 C  C     . TRP A 1 164 ? 1.577   10.209  11.091  1.00 15.33 ? 164 TRP A C     1 
ATOM   1256 O  O     . TRP A 1 164 ? 1.645   9.384   11.992  1.00 15.95 ? 164 TRP A O     1 
ATOM   1257 C  CB    . TRP A 1 164 ? 3.559   10.429  9.480   1.00 16.23 ? 164 TRP A CB    1 
ATOM   1258 C  CG    . TRP A 1 164 ? 4.267   9.664   8.408   1.00 16.73 ? 164 TRP A CG    1 
ATOM   1259 C  CD1   . TRP A 1 164 ? 4.632   10.115  7.173   1.00 17.76 ? 164 TRP A CD1   1 
ATOM   1260 C  CD2   . TRP A 1 164 ? 4.672   8.293   8.470   1.00 17.44 ? 164 TRP A CD2   1 
ATOM   1261 N  NE1   . TRP A 1 164 ? 5.242   9.106   6.460   1.00 17.53 ? 164 TRP A NE1   1 
ATOM   1262 C  CE2   . TRP A 1 164 ? 5.277   7.978   7.234   1.00 17.91 ? 164 TRP A CE2   1 
ATOM   1263 C  CE3   . TRP A 1 164 ? 4.580   7.298   9.454   1.00 17.97 ? 164 TRP A CE3   1 
ATOM   1264 C  CZ2   . TRP A 1 164 ? 5.786   6.710   6.951   1.00 18.68 ? 164 TRP A CZ2   1 
ATOM   1265 C  CZ3   . TRP A 1 164 ? 5.090   6.038   9.175   1.00 18.06 ? 164 TRP A CZ3   1 
ATOM   1266 C  CH2   . TRP A 1 164 ? 5.685   5.756   7.927   1.00 18.63 ? 164 TRP A CH2   1 
ATOM   1267 N  N     . PRO A 1 165 ? 0.978   11.405  11.270  1.00 15.80 ? 165 PRO A N     1 
ATOM   1268 C  CA    . PRO A 1 165 ? 0.382   11.767  12.562  1.00 15.61 ? 165 PRO A CA    1 
ATOM   1269 C  C     . PRO A 1 165 ? -0.713  10.768  12.932  1.00 17.19 ? 165 PRO A C     1 
ATOM   1270 O  O     . PRO A 1 165 ? -0.906  10.462  14.104  1.00 17.71 ? 165 PRO A O     1 
ATOM   1271 C  CB    . PRO A 1 165 ? -0.235  13.127  12.275  1.00 15.11 ? 165 PRO A CB    1 
ATOM   1272 C  CG    . PRO A 1 165 ? 0.744   13.723  11.366  1.00 15.73 ? 165 PRO A CG    1 
ATOM   1273 C  CD    . PRO A 1 165 ? 1.068   12.599  10.405  1.00 15.62 ? 165 PRO A CD    1 
ATOM   1274 N  N     . ALA A 1 166 ? -1.454  10.301  11.931  1.00 18.00 ? 166 ALA A N     1 
ATOM   1275 C  CA    . ALA A 1 166 ? -2.524  9.325   12.142  1.00 18.29 ? 166 ALA A CA    1 
ATOM   1276 C  C     . ALA A 1 166 ? -1.924  7.965   12.543  1.00 17.37 ? 166 ALA A C     1 
ATOM   1277 O  O     . ALA A 1 166 ? -2.409  7.312   13.464  1.00 17.33 ? 166 ALA A O     1 
ATOM   1278 C  CB    . ALA A 1 166 ? -3.402  9.203   10.883  1.00 18.01 ? 166 ALA A CB    1 
ATOM   1279 N  N     . VAL A 1 167 ? -0.834  7.580   11.891  1.00 17.14 ? 167 VAL A N     1 
ATOM   1280 C  CA    . VAL A 1 167 ? -0.148  6.331   12.203  1.00 18.28 ? 167 VAL A CA    1 
ATOM   1281 C  C     . VAL A 1 167 ? 0.354   6.393   13.648  1.00 19.95 ? 167 VAL A C     1 
ATOM   1282 O  O     . VAL A 1 167 ? 0.192   5.433   14.418  1.00 20.33 ? 167 VAL A O     1 
ATOM   1283 C  CB    . VAL A 1 167 ? 1.062   6.090   11.247  1.00 17.07 ? 167 VAL A CB    1 
ATOM   1284 C  CG1   . VAL A 1 167 ? 1.952   4.958   11.747  1.00 16.12 ? 167 VAL A CG1   1 
ATOM   1285 C  CG2   . VAL A 1 167 ? 0.562   5.777   9.853   1.00 16.66 ? 167 VAL A CG2   1 
ATOM   1286 N  N     . CYS A 1 168 ? 0.963   7.518   14.006  1.00 21.03 ? 168 CYS A N     1 
ATOM   1287 C  CA    . CYS A 1 168 ? 1.500   7.707   15.352  1.00 22.87 ? 168 CYS A CA    1 
ATOM   1288 C  C     . CYS A 1 168 ? 0.378   7.689   16.363  1.00 22.68 ? 168 CYS A C     1 
ATOM   1289 O  O     . CYS A 1 168 ? 0.480   7.052   17.401  1.00 23.40 ? 168 CYS A O     1 
ATOM   1290 C  CB    . CYS A 1 168 ? 2.299   9.013   15.461  1.00 23.56 ? 168 CYS A CB    1 
ATOM   1291 S  SG    . CYS A 1 168 ? 3.986   8.871   14.828  1.00 29.31 ? 168 CYS A SG    1 
ATOM   1292 N  N     . GLU A 1 169 ? -0.729  8.310   16.005  1.00 22.66 ? 169 GLU A N     1 
ATOM   1293 C  CA    . GLU A 1 169 ? -1.885  8.371   16.873  1.00 24.42 ? 169 GLU A CA    1 
ATOM   1294 C  C     . GLU A 1 169 ? -2.431  6.977   17.138  1.00 25.71 ? 169 GLU A C     1 
ATOM   1295 O  O     . GLU A 1 169 ? -2.776  6.632   18.269  1.00 25.22 ? 169 GLU A O     1 
ATOM   1296 C  CB    . GLU A 1 169 ? -2.963  9.217   16.217  1.00 24.94 ? 169 GLU A CB    1 
ATOM   1297 C  CG    . GLU A 1 169 ? -4.030  9.692   17.169  1.00 28.38 ? 169 GLU A CG    1 
ATOM   1298 C  CD    . GLU A 1 169 ? -3.458  10.526  18.312  1.00 29.95 ? 169 GLU A CD    1 
ATOM   1299 O  OE1   . GLU A 1 169 ? -2.396  11.171  18.140  1.00 30.68 ? 169 GLU A OE1   1 
ATOM   1300 O  OE2   . GLU A 1 169 ? -4.073  10.528  19.393  1.00 29.97 ? 169 GLU A OE2   1 
ATOM   1301 N  N     . HIS A 1 170 ? -2.475  6.162   16.090  1.00 26.37 ? 170 HIS A N     1 
ATOM   1302 C  CA    . HIS A 1 170 ? -3.001  4.808   16.205  1.00 28.16 ? 170 HIS A CA    1 
ATOM   1303 C  C     . HIS A 1 170 ? -2.139  3.850   17.021  1.00 28.96 ? 170 HIS A C     1 
ATOM   1304 O  O     . HIS A 1 170 ? -2.661  3.112   17.850  1.00 29.23 ? 170 HIS A O     1 
ATOM   1305 C  CB    . HIS A 1 170 ? -3.282  4.217   14.814  1.00 27.70 ? 170 HIS A CB    1 
ATOM   1306 C  CG    . HIS A 1 170 ? -3.781  2.805   14.853  1.00 28.10 ? 170 HIS A CG    1 
ATOM   1307 N  ND1   . HIS A 1 170 ? -5.108  2.490   15.055  1.00 27.85 ? 170 HIS A ND1   1 
ATOM   1308 C  CD2   . HIS A 1 170 ? -3.122  1.624   14.766  1.00 27.35 ? 170 HIS A CD2   1 
ATOM   1309 C  CE1   . HIS A 1 170 ? -5.246  1.176   15.095  1.00 27.25 ? 170 HIS A CE1   1 
ATOM   1310 N  NE2   . HIS A 1 170 ? -4.055  0.629   14.924  1.00 28.01 ? 170 HIS A NE2   1 
ATOM   1311 N  N     . PHE A 1 171 ? -0.840  3.824   16.745  1.00 29.82 ? 171 PHE A N     1 
ATOM   1312 C  CA    . PHE A 1 171 ? 0.077   2.943   17.442  1.00 32.06 ? 171 PHE A CA    1 
ATOM   1313 C  C     . PHE A 1 171 ? 0.604   3.481   18.771  1.00 34.24 ? 171 PHE A C     1 
ATOM   1314 O  O     . PHE A 1 171 ? 1.259   2.749   19.516  1.00 34.71 ? 171 PHE A O     1 
ATOM   1315 C  CB    . PHE A 1 171 ? 1.235   2.588   16.524  1.00 31.45 ? 171 PHE A CB    1 
ATOM   1316 C  CG    . PHE A 1 171 ? 0.839   1.718   15.376  1.00 32.55 ? 171 PHE A CG    1 
ATOM   1317 C  CD1   . PHE A 1 171 ? 0.233   0.488   15.597  1.00 32.91 ? 171 PHE A CD1   1 
ATOM   1318 C  CD2   . PHE A 1 171 ? 1.081   2.110   14.070  1.00 33.54 ? 171 PHE A CD2   1 
ATOM   1319 C  CE1   . PHE A 1 171 ? -0.123  -0.336  14.536  1.00 33.15 ? 171 PHE A CE1   1 
ATOM   1320 C  CE2   . PHE A 1 171 ? 0.723   1.282   12.996  1.00 33.62 ? 171 PHE A CE2   1 
ATOM   1321 C  CZ    . PHE A 1 171 ? 0.124   0.062   13.236  1.00 32.74 ? 171 PHE A CZ    1 
ATOM   1322 N  N     . GLY A 1 172 ? 0.292   4.741   19.073  1.00 36.53 ? 172 GLY A N     1 
ATOM   1323 C  CA    . GLY A 1 172 ? 0.745   5.358   20.307  1.00 38.63 ? 172 GLY A CA    1 
ATOM   1324 C  C     . GLY A 1 172 ? 2.227   5.703   20.287  1.00 40.57 ? 172 GLY A C     1 
ATOM   1325 O  O     . GLY A 1 172 ? 2.727   6.281   19.286  1.00 42.07 ? 172 GLY A O     1 
HETATM 1326 CA CA    . CA  B 2 .   ? -12.381 -9.858  12.319  1.00 22.37 ? 200 CA  A CA    1 
HETATM 1327 N  N1    . FMN C 3 .   ? -4.909  6.836   -14.493 1.00 12.65 ? 190 FMN A N1    1 
HETATM 1328 C  C2    . FMN C 3 .   ? -6.145  6.407   -14.167 1.00 11.66 ? 190 FMN A C2    1 
HETATM 1329 O  O2    . FMN C 3 .   ? -6.624  6.983   -13.105 1.00 11.95 ? 190 FMN A O2    1 
HETATM 1330 N  N3    . FMN C 3 .   ? -6.813  5.488   -14.891 1.00 12.59 ? 190 FMN A N3    1 
HETATM 1331 C  C4    . FMN C 3 .   ? -6.327  4.987   -16.131 1.00 13.40 ? 190 FMN A C4    1 
HETATM 1332 O  O4    . FMN C 3 .   ? -7.029  4.224   -16.851 1.00 16.22 ? 190 FMN A O4    1 
HETATM 1333 C  C4A   . FMN C 3 .   ? -5.084  5.316   -16.586 1.00 12.67 ? 190 FMN A C4A   1 
HETATM 1334 N  N5    . FMN C 3 .   ? -4.446  4.943   -17.643 1.00 12.27 ? 190 FMN A N5    1 
HETATM 1335 C  C5A   . FMN C 3 .   ? -3.210  5.371   -17.979 1.00 13.74 ? 190 FMN A C5A   1 
HETATM 1336 C  C6    . FMN C 3 .   ? -2.747  4.898   -19.275 1.00 13.23 ? 190 FMN A C6    1 
HETATM 1337 C  C7    . FMN C 3 .   ? -1.427  5.211   -19.614 1.00 14.10 ? 190 FMN A C7    1 
HETATM 1338 C  C7M   . FMN C 3 .   ? -0.816  4.754   -20.984 1.00 13.33 ? 190 FMN A C7M   1 
HETATM 1339 C  C8    . FMN C 3 .   ? -0.646  6.117   -18.854 1.00 13.46 ? 190 FMN A C8    1 
HETATM 1340 C  C8M   . FMN C 3 .   ? 0.716   6.623   -19.384 1.00 13.82 ? 190 FMN A C8M   1 
HETATM 1341 C  C9    . FMN C 3 .   ? -1.056  6.604   -17.566 1.00 12.80 ? 190 FMN A C9    1 
HETATM 1342 C  C9A   . FMN C 3 .   ? -2.390  6.239   -17.176 1.00 12.63 ? 190 FMN A C9A   1 
HETATM 1343 N  N10   . FMN C 3 .   ? -3.127  6.692   -15.941 1.00 13.17 ? 190 FMN A N10   1 
HETATM 1344 C  C10   . FMN C 3 .   ? -4.376  6.324   -15.604 1.00 13.19 ? 190 FMN A C10   1 
HETATM 1345 C  "C1'" . FMN C 3 .   ? -2.159  7.592   -15.284 1.00 14.56 ? 190 FMN A "C1'" 1 
HETATM 1346 C  "C2'" . FMN C 3 .   ? -1.386  7.088   -14.107 1.00 14.96 ? 190 FMN A "C2'" 1 
HETATM 1347 O  "O2'" . FMN C 3 .   ? -1.696  5.965   -13.416 1.00 13.75 ? 190 FMN A "O2'" 1 
HETATM 1348 C  "C3'" . FMN C 3 .   ? -0.350  8.014   -13.549 1.00 13.55 ? 190 FMN A "C3'" 1 
HETATM 1349 O  "O3'" . FMN C 3 .   ? 0.567   8.370   -14.612 1.00 14.25 ? 190 FMN A "O3'" 1 
HETATM 1350 C  "C4'" . FMN C 3 .   ? 0.537   7.212   -12.421 1.00 14.01 ? 190 FMN A "C4'" 1 
HETATM 1351 O  "O4'" . FMN C 3 .   ? 1.341   8.360   -11.864 1.00 11.47 ? 190 FMN A "O4'" 1 
HETATM 1352 C  "C5'" . FMN C 3 .   ? 1.550   6.291   -12.961 1.00 11.41 ? 190 FMN A "C5'" 1 
HETATM 1353 O  "O5'" . FMN C 3 .   ? 2.385   5.683   -12.064 1.00 13.35 ? 190 FMN A "O5'" 1 
HETATM 1354 P  P     . FMN C 3 .   ? 3.601   4.859   -12.250 1.00 12.19 ? 190 FMN A P     1 
HETATM 1355 O  O1P   . FMN C 3 .   ? 4.883   5.678   -12.722 1.00 12.41 ? 190 FMN A O1P   1 
HETATM 1356 O  O2P   . FMN C 3 .   ? 3.599   3.786   -13.207 1.00 13.22 ? 190 FMN A O2P   1 
HETATM 1357 O  O3P   . FMN C 3 .   ? 4.157   4.251   -10.820 1.00 12.46 ? 190 FMN A O3P   1 
HETATM 1358 O  O     . HOH D 4 .   ? -13.024 -7.966  13.552  1.00 27.92 ? 201 HOH A O     1 
HETATM 1359 O  O     . HOH D 4 .   ? 2.712   -9.364  19.137  1.00 18.76 ? 202 HOH A O     1 
HETATM 1360 O  O     . HOH D 4 .   ? -1.071  -5.176  -17.855 1.00 10.50 ? 203 HOH A O     1 
HETATM 1361 O  O     . HOH D 4 .   ? -6.474  3.614   2.736   1.00 15.10 ? 204 HOH A O     1 
HETATM 1362 O  O     . HOH D 4 .   ? 12.418  3.375   7.803   1.00 9.92  ? 205 HOH A O     1 
HETATM 1363 O  O     . HOH D 4 .   ? -1.587  -10.196 16.823  1.00 13.56 ? 206 HOH A O     1 
HETATM 1364 O  O     . HOH D 4 .   ? 0.491   -12.201 -4.537  1.00 17.48 ? 207 HOH A O     1 
HETATM 1365 O  O     . HOH D 4 .   ? -1.326  -1.332  -9.750  1.00 15.13 ? 208 HOH A O     1 
HETATM 1366 O  O     . HOH D 4 .   ? 4.781   -13.016 -11.737 1.00 19.71 ? 209 HOH A O     1 
HETATM 1367 O  O     . HOH D 4 .   ? -4.739  3.629   -8.434  1.00 13.07 ? 210 HOH A O     1 
HETATM 1368 O  O     . HOH D 4 .   ? 2.225   -10.941 -6.181  1.00 17.49 ? 211 HOH A O     1 
HETATM 1369 O  O     . HOH D 4 .   ? 1.541   -8.807  -7.969  1.00 14.49 ? 212 HOH A O     1 
HETATM 1370 O  O     . HOH D 4 .   ? -3.967  -6.524  15.111  1.00 16.67 ? 213 HOH A O     1 
HETATM 1371 O  O     . HOH D 4 .   ? 5.603   -13.546 0.511   1.00 17.44 ? 214 HOH A O     1 
HETATM 1372 O  O     . HOH D 4 .   ? 1.617   15.355  -11.791 1.00 16.70 ? 215 HOH A O     1 
HETATM 1373 O  O     . HOH D 4 .   ? -0.810  -5.001  9.662   1.00 15.34 ? 216 HOH A O     1 
HETATM 1374 O  O     . HOH D 4 .   ? 2.096   -9.577  -11.526 1.00 12.41 ? 217 HOH A O     1 
HETATM 1375 O  O     . HOH D 4 .   ? -12.237 0.220   -8.497  1.00 23.08 ? 218 HOH A O     1 
HETATM 1376 O  O     . HOH D 4 .   ? -12.677 -12.897 4.758   1.00 27.05 ? 219 HOH A O     1 
HETATM 1377 O  O     . HOH D 4 .   ? 1.952   -13.182 -13.908 1.00 15.96 ? 220 HOH A O     1 
HETATM 1378 O  O     . HOH D 4 .   ? 4.701   -3.093  -13.584 1.00 16.99 ? 221 HOH A O     1 
HETATM 1379 O  O     . HOH D 4 .   ? 0.674   -2.155  19.614  1.00 27.07 ? 222 HOH A O     1 
HETATM 1380 O  O     . HOH D 4 .   ? -14.957 4.432   -13.149 1.00 30.46 ? 223 HOH A O     1 
HETATM 1381 O  O     . HOH D 4 .   ? -16.858 -11.459 15.972  1.00 24.57 ? 224 HOH A O     1 
HETATM 1382 O  O     . HOH D 4 .   ? -11.394 -0.894  8.167   1.00 28.68 ? 225 HOH A O     1 
HETATM 1383 O  O     . HOH D 4 .   ? -2.189  -14.586 -8.336  1.00 31.24 ? 228 HOH A O     1 
HETATM 1384 O  O     . HOH D 4 .   ? 0.455   -6.552  14.152  1.00 13.64 ? 232 HOH A O     1 
HETATM 1385 O  O     . HOH D 4 .   ? -0.931  -6.849  11.589  1.00 18.74 ? 233 HOH A O     1 
HETATM 1386 O  O     . HOH D 4 .   ? 4.593   -10.413 17.985  1.00 18.37 ? 234 HOH A O     1 
HETATM 1387 O  O     . HOH D 4 .   ? -4.104  -13.812 10.635  1.00 21.48 ? 235 HOH A O     1 
HETATM 1388 O  O     . HOH D 4 .   ? 10.055  -6.411  12.833  1.00 20.16 ? 236 HOH A O     1 
HETATM 1389 O  O     . HOH D 4 .   ? -14.369 -9.495  11.230  1.00 23.11 ? 237 HOH A O     1 
HETATM 1390 O  O     . HOH D 4 .   ? 7.657   -1.193  -10.752 1.00 30.16 ? 238 HOH A O     1 
HETATM 1391 O  O     . HOH D 4 .   ? -17.358 3.346   -14.814 1.00 26.31 ? 239 HOH A O     1 
HETATM 1392 O  O     . HOH D 4 .   ? 8.174   -6.964  -11.210 1.00 22.08 ? 240 HOH A O     1 
HETATM 1393 O  O     . HOH D 4 .   ? -9.736  4.432   -17.737 1.00 21.07 ? 241 HOH A O     1 
HETATM 1394 O  O     . HOH D 4 .   ? -1.458  -7.019  16.063  1.00 30.82 ? 243 HOH A O     1 
HETATM 1395 O  O     . HOH D 4 .   ? -2.379  0.972   -20.230 1.00 27.12 ? 246 HOH A O     1 
HETATM 1396 O  O     . HOH D 4 .   ? -13.701 4.202   -20.590 1.00 33.13 ? 247 HOH A O     1 
HETATM 1397 O  O     . HOH D 4 .   ? -0.644  -3.884  13.654  1.00 31.38 ? 248 HOH A O     1 
HETATM 1398 O  O     . HOH D 4 .   ? -3.536  17.318  -8.522  1.00 28.94 ? 249 HOH A O     1 
HETATM 1399 O  O     . HOH D 4 .   ? -9.024  -17.650 6.109   1.00 45.25 ? 250 HOH A O     1 
HETATM 1400 O  O     . HOH D 4 .   ? 3.884   15.343  -9.726  1.00 32.32 ? 251 HOH A O     1 
HETATM 1401 O  O     . HOH D 4 .   ? 12.142  -2.234  -3.759  1.00 37.77 ? 260 HOH A O     1 
HETATM 1402 O  O     . HOH D 4 .   ? 10.966  -6.092  -3.784  1.00 17.99 ? 261 HOH A O     1 
HETATM 1403 O  O     . HOH D 4 .   ? -7.162  11.290  1.132   1.00 44.06 ? 263 HOH A O     1 
HETATM 1404 O  O     . HOH D 4 .   ? -9.051  -14.009 -10.480 1.00 42.08 ? 265 HOH A O     1 
HETATM 1405 O  O     . HOH D 4 .   ? 3.513   -13.110 -7.527  1.00 23.09 ? 266 HOH A O     1 
HETATM 1406 O  O     . HOH D 4 .   ? 3.738   -8.776  21.516  1.00 32.63 ? 267 HOH A O     1 
HETATM 1407 O  O     . HOH D 4 .   ? -6.073  15.875  -21.021 1.00 29.25 ? 268 HOH A O     1 
HETATM 1408 O  O     . HOH D 4 .   ? -13.106 -11.518 7.582   1.00 31.75 ? 269 HOH A O     1 
HETATM 1409 O  O     . HOH D 4 .   ? -13.718 -9.266  16.179  1.00 28.93 ? 270 HOH A O     1 
HETATM 1410 O  O     . HOH D 4 .   ? 6.945   12.648  -8.789  1.00 35.96 ? 273 HOH A O     1 
HETATM 1411 O  O     . HOH D 4 .   ? -6.594  12.267  -1.784  1.00 28.60 ? 275 HOH A O     1 
HETATM 1412 O  O     . HOH D 4 .   ? 2.552   7.133   -16.320 1.00 28.58 ? 278 HOH A O     1 
HETATM 1413 O  O     . HOH D 4 .   ? -11.689 -8.075  11.002  1.00 41.83 ? 279 HOH A O     1 
HETATM 1414 O  O     . HOH D 4 .   ? -13.785 -10.856 14.068  1.00 32.31 ? 280 HOH A O     1 
HETATM 1415 O  O     . HOH D 4 .   ? -12.789 -11.919 11.345  1.00 37.42 ? 281 HOH A O     1 
HETATM 1416 O  O     . HOH D 4 .   ? -13.701 7.664   -12.484 1.00 43.44 ? 282 HOH A O     1 
HETATM 1417 O  O     . HOH D 4 .   ? -8.638  -2.543  16.142  1.00 32.45 ? 283 HOH A O     1 
HETATM 1418 O  O     . HOH D 4 .   ? -3.949  14.109  -0.879  1.00 31.74 ? 284 HOH A O     1 
# 
